data_1JKR
# 
_entry.id   1JKR 
# 
_audit_conform.dict_name       mmcif_pdbx.dic 
_audit_conform.dict_version    5.376 
_audit_conform.dict_location   http://mmcif.pdb.org/dictionaries/ascii/mmcif_pdbx.dic 
# 
loop_
_database_2.database_id 
_database_2.database_code 
_database_2.pdbx_database_accession 
_database_2.pdbx_DOI 
PDB   1JKR         pdb_00001jkr 10.2210/pdb1jkr/pdb 
NDB   PD0237       ?            ?                   
RCSB  RCSB013885   ?            ?                   
WWPDB D_1000013885 ?            ?                   
# 
loop_
_pdbx_database_related.db_name 
_pdbx_database_related.db_id 
_pdbx_database_related.details 
_pdbx_database_related.content_type 
PDB 1HCR 
;Native wild-type Hin recombinase DNA-binding domain bound to underivatized 
hixL half-site.
;
unspecified 
PDB 1IJW 'FORM1 BR18 DERIVATIVE'                                                                       unspecified 
PDB 1JJ6 'FORM1 I5 DERIVATIVE'                                                                         unspecified 
PDB 1JJ8 'FORM2 I4 DERIVATIVE'                                                                         unspecified 
PDB 1JKO 'FORM1 A10G MUTANT'                                                                           unspecified 
PDB 1JKP 'FORM1 T11G MUTANT'                                                                           unspecified 
PDB 1JKQ 'FORM1 G9T MUTANT'                                                                            unspecified 
# 
_pdbx_database_status.status_code                     REL 
_pdbx_database_status.entry_id                        1JKR 
_pdbx_database_status.recvd_initial_deposition_date   2001-07-13 
_pdbx_database_status.deposit_site                    RCSB 
_pdbx_database_status.process_site                    RCSB 
_pdbx_database_status.status_code_sf                  REL 
_pdbx_database_status.SG_entry                        . 
_pdbx_database_status.pdb_format_compatible           Y 
_pdbx_database_status.status_code_mr                  ? 
_pdbx_database_status.status_code_cs                  ? 
_pdbx_database_status.status_code_nmr_data            ? 
_pdbx_database_status.methods_development_category    ? 
# 
loop_
_audit_author.name 
_audit_author.pdbx_ordinal 
'Chiu, T.K.'      1 
'Sohn, C.'        2 
'Johnson, R.C.'   3 
'Dickerson, R.E.' 4 
# 
loop_
_citation.id 
_citation.title 
_citation.journal_abbrev 
_citation.journal_volume 
_citation.page_first 
_citation.page_last 
_citation.year 
_citation.journal_id_ASTM 
_citation.country 
_citation.journal_id_ISSN 
_citation.journal_id_CSD 
_citation.book_publisher 
_citation.pdbx_database_id_PubMed 
_citation.pdbx_database_id_DOI 
primary 'Testing water-mediated DNA recognition by the Hin recombinase.' 'EMBO J.' 21  801 814 2002 EMJODG UK 0261-4189 0897 ? 
11847127 10.1093/emboj/21.4.801 
1       
'How Hin Recombinase, FIS and Cations Bind DNA. Chapter 4. Water-Mediated Sequence-Specific Recognition by Hin Recombinase' Thesis 
?   145 241 2001 ?      ?  ?         ?    ? ?        ?                      
2       'Hin Recombinase Bound to DNA: The Origin of Specificity in Major and Minor Groove Interactions' Science   263 348 355 
1994 SCIEAS US 0036-8075 0038 ? ?        ?                      
# 
loop_
_citation_author.citation_id 
_citation_author.name 
_citation_author.ordinal 
_citation_author.identifier_ORCID 
primary 'Chiu, T.K.'      1 ? 
primary 'Sohn, C.'        2 ? 
primary 'Dickerson, R.E.' 3 ? 
primary 'Johnson, R.C.'   4 ? 
1       'Chiu, T.K.'      5 ? 
2       'Feng, J.A.'      6 ? 
2       'Johnson, R.C.'   7 ? 
2       'Dickerson, R.E.' 8 ? 
# 
_cell.entry_id           1JKR 
_cell.length_a           86.087 
_cell.length_b           82.708 
_cell.length_c           44.865 
_cell.angle_alpha        90.00 
_cell.angle_beta         90.00 
_cell.angle_gamma        90.00 
_cell.Z_PDB              8 
_cell.pdbx_unique_axis   ? 
# 
_symmetry.entry_id                         1JKR 
_symmetry.space_group_name_H-M             'C 2 2 21' 
_symmetry.pdbx_full_space_group_name_H-M   ? 
_symmetry.cell_setting                     ? 
_symmetry.Int_Tables_number                20 
# 
loop_
_entity.id 
_entity.type 
_entity.src_method 
_entity.pdbx_description 
_entity.formula_weight 
_entity.pdbx_number_of_molecules 
_entity.pdbx_ec 
_entity.pdbx_mutation 
_entity.pdbx_fragment 
_entity.details 
1 polymer     syn "5'-D(*TP*GP*TP*TP*TP*TP*TP*GP*AP*CP*AP*AP*GP*A)-3'" 4309.826 1 ? ? ?                     ? 
2 polymer     syn "5'-D(*AP*TP*CP*TP*TP*GP*TP*CP*AP*AP*AP*AP*AP*C)-3'" 4247.805 1 ? ? ?                     ? 
3 polymer     syn 'DNA-INVERTASE HIN'                                  6047.051 1 ? ? 'RESIDUES 139 TO 190' ? 
4 non-polymer syn 2-AMINO-2-HYDROXYMETHYL-PROPANE-1,3-DIOL             122.143  1 ? ? ?                     ? 
5 water       nat water                                                18.015   2 ? ? ?                     ? 
# 
_entity_name_com.entity_id   3 
_entity_name_com.name        'Hin Recombinase' 
# 
loop_
_entity_poly.entity_id 
_entity_poly.type 
_entity_poly.nstd_linkage 
_entity_poly.nstd_monomer 
_entity_poly.pdbx_seq_one_letter_code 
_entity_poly.pdbx_seq_one_letter_code_can 
_entity_poly.pdbx_strand_id 
_entity_poly.pdbx_target_identifier 
1 polydeoxyribonucleotide no no '(DT)(DG)(DT)(DT)(DT)(DT)(DT)(DG)(DA)(DC)(DA)(DA)(DG)(DA)' TGTTTTTGACAAGA A ? 
2 polydeoxyribonucleotide no no '(DA)(DT)(DC)(DT)(DT)(DG)(DT)(DC)(DA)(DA)(DA)(DA)(DA)(DC)' ATCTTGTCAAAAAC B ? 
3 'polypeptide(L)'        no no GRPRAINKHEQEQISRLLEKGHPRQQLAIIFGIGVSTLYRYFPASSIKKRMN       
GRPRAINKHEQEQISRLLEKGHPRQQLAIIFGIGVSTLYRYFPASSIKKRMN C ? 
# 
loop_
_entity_poly_seq.entity_id 
_entity_poly_seq.num 
_entity_poly_seq.mon_id 
_entity_poly_seq.hetero 
1 1  DT  n 
1 2  DG  n 
1 3  DT  n 
1 4  DT  n 
1 5  DT  n 
1 6  DT  n 
1 7  DT  n 
1 8  DG  n 
1 9  DA  n 
1 10 DC  n 
1 11 DA  n 
1 12 DA  n 
1 13 DG  n 
1 14 DA  n 
2 1  DA  n 
2 2  DT  n 
2 3  DC  n 
2 4  DT  n 
2 5  DT  n 
2 6  DG  n 
2 7  DT  n 
2 8  DC  n 
2 9  DA  n 
2 10 DA  n 
2 11 DA  n 
2 12 DA  n 
2 13 DA  n 
2 14 DC  n 
3 1  GLY n 
3 2  ARG n 
3 3  PRO n 
3 4  ARG n 
3 5  ALA n 
3 6  ILE n 
3 7  ASN n 
3 8  LYS n 
3 9  HIS n 
3 10 GLU n 
3 11 GLN n 
3 12 GLU n 
3 13 GLN n 
3 14 ILE n 
3 15 SER n 
3 16 ARG n 
3 17 LEU n 
3 18 LEU n 
3 19 GLU n 
3 20 LYS n 
3 21 GLY n 
3 22 HIS n 
3 23 PRO n 
3 24 ARG n 
3 25 GLN n 
3 26 GLN n 
3 27 LEU n 
3 28 ALA n 
3 29 ILE n 
3 30 ILE n 
3 31 PHE n 
3 32 GLY n 
3 33 ILE n 
3 34 GLY n 
3 35 VAL n 
3 36 SER n 
3 37 THR n 
3 38 LEU n 
3 39 TYR n 
3 40 ARG n 
3 41 TYR n 
3 42 PHE n 
3 43 PRO n 
3 44 ALA n 
3 45 SER n 
3 46 SER n 
3 47 ILE n 
3 48 LYS n 
3 49 LYS n 
3 50 ARG n 
3 51 MET n 
3 52 ASN n 
# 
_pdbx_entity_src_syn.entity_id              3 
_pdbx_entity_src_syn.pdbx_src_id            1 
_pdbx_entity_src_syn.pdbx_alt_source_flag   sample 
_pdbx_entity_src_syn.pdbx_beg_seq_num       ? 
_pdbx_entity_src_syn.pdbx_end_seq_num       ? 
_pdbx_entity_src_syn.organism_scientific    ? 
_pdbx_entity_src_syn.organism_common_name   ? 
_pdbx_entity_src_syn.ncbi_taxonomy_id       ? 
_pdbx_entity_src_syn.details                'SYNTHETIC PEPTIDE' 
# 
loop_
_struct_ref.id 
_struct_ref.db_name 
_struct_ref.db_code 
_struct_ref.entity_id 
_struct_ref.pdbx_seq_one_letter_code 
_struct_ref.pdbx_align_begin 
_struct_ref.pdbx_db_accession 
_struct_ref.pdbx_db_isoform 
1 UNP HIN_SALTY 3 GRPRAINKHEQEQISRLLEKGHPRQQLAIIFGIGVSTLYRYFPASSIKKRMN 139 P03013 ? 
2 PDB 1JKR      1 ?                                                    ?   1JKR   ? 
3 PDB 1JKR      2 ?                                                    ?   1JKR   ? 
# 
loop_
_struct_ref_seq.align_id 
_struct_ref_seq.ref_id 
_struct_ref_seq.pdbx_PDB_id_code 
_struct_ref_seq.pdbx_strand_id 
_struct_ref_seq.seq_align_beg 
_struct_ref_seq.pdbx_seq_align_beg_ins_code 
_struct_ref_seq.seq_align_end 
_struct_ref_seq.pdbx_seq_align_end_ins_code 
_struct_ref_seq.pdbx_db_accession 
_struct_ref_seq.db_align_beg 
_struct_ref_seq.pdbx_db_align_beg_ins_code 
_struct_ref_seq.db_align_end 
_struct_ref_seq.pdbx_db_align_end_ins_code 
_struct_ref_seq.pdbx_auth_seq_align_beg 
_struct_ref_seq.pdbx_auth_seq_align_end 
1 1 1JKR C 1 ? 52 ? P03013 139 ? 190 ? 139 190 
2 2 1JKR A 1 ? 14 ? 1JKR   2   ? 15  ? 2   15  
3 3 1JKR B 1 ? 14 ? 1JKR   16  ? 29  ? 16  29  
# 
loop_
_chem_comp.id 
_chem_comp.type 
_chem_comp.mon_nstd_flag 
_chem_comp.name 
_chem_comp.pdbx_synonyms 
_chem_comp.formula 
_chem_comp.formula_weight 
ALA 'L-peptide linking' y ALANINE                                  ?             'C3 H7 N O2'      89.093  
ARG 'L-peptide linking' y ARGININE                                 ?             'C6 H15 N4 O2 1'  175.209 
ASN 'L-peptide linking' y ASPARAGINE                               ?             'C4 H8 N2 O3'     132.118 
DA  'DNA linking'       y "2'-DEOXYADENOSINE-5'-MONOPHOSPHATE"     ?             'C10 H14 N5 O6 P' 331.222 
DC  'DNA linking'       y "2'-DEOXYCYTIDINE-5'-MONOPHOSPHATE"      ?             'C9 H14 N3 O7 P'  307.197 
DG  'DNA linking'       y "2'-DEOXYGUANOSINE-5'-MONOPHOSPHATE"     ?             'C10 H14 N5 O7 P' 347.221 
DT  'DNA linking'       y "THYMIDINE-5'-MONOPHOSPHATE"             ?             'C10 H15 N2 O8 P' 322.208 
GLN 'L-peptide linking' y GLUTAMINE                                ?             'C5 H10 N2 O3'    146.144 
GLU 'L-peptide linking' y 'GLUTAMIC ACID'                          ?             'C5 H9 N O4'      147.129 
GLY 'peptide linking'   y GLYCINE                                  ?             'C2 H5 N O2'      75.067  
HIS 'L-peptide linking' y HISTIDINE                                ?             'C6 H10 N3 O2 1'  156.162 
HOH non-polymer         . WATER                                    ?             'H2 O'            18.015  
ILE 'L-peptide linking' y ISOLEUCINE                               ?             'C6 H13 N O2'     131.173 
LEU 'L-peptide linking' y LEUCINE                                  ?             'C6 H13 N O2'     131.173 
LYS 'L-peptide linking' y LYSINE                                   ?             'C6 H15 N2 O2 1'  147.195 
MET 'L-peptide linking' y METHIONINE                               ?             'C5 H11 N O2 S'   149.211 
PHE 'L-peptide linking' y PHENYLALANINE                            ?             'C9 H11 N O2'     165.189 
PRO 'L-peptide linking' y PROLINE                                  ?             'C5 H9 N O2'      115.130 
SER 'L-peptide linking' y SERINE                                   ?             'C3 H7 N O3'      105.093 
THR 'L-peptide linking' y THREONINE                                ?             'C4 H9 N O3'      119.119 
TRS non-polymer         . 2-AMINO-2-HYDROXYMETHYL-PROPANE-1,3-DIOL 'TRIS BUFFER' 'C4 H12 N O3 1'   122.143 
TYR 'L-peptide linking' y TYROSINE                                 ?             'C9 H11 N O3'     181.189 
VAL 'L-peptide linking' y VALINE                                   ?             'C5 H11 N O2'     117.146 
# 
_exptl.entry_id          1JKR 
_exptl.method            'X-RAY DIFFRACTION' 
_exptl.crystals_number   1 
# 
_exptl_crystal.id                    1 
_exptl_crystal.density_meas          ? 
_exptl_crystal.density_Matthews      2.76 
_exptl_crystal.density_percent_sol   53.78 
_exptl_crystal.description           ? 
# 
_exptl_crystal_grow.crystal_id      1 
_exptl_crystal_grow.method          'VAPOR DIFFUSION, HANGING DROP' 
_exptl_crystal_grow.temp            ? 
_exptl_crystal_grow.temp_details    ? 
_exptl_crystal_grow.pH              8.50 
_exptl_crystal_grow.pdbx_details    
;HANGING DROP VAPOR DIFFUSION AT 4C, 
WITH INITIAL CONCENTRATION IN DROP OF 0.10 MM DNA,           
0.06 MM HIN, 10 MM TRIS (PH 8.5), 10 MM CACL2, 
23 MM NACL, 2.5% V/V PEG400, AND 1.56 MM NA CACODYLATE.                  
RESERVOIR SOLUTION CONTAINS 100 MM TRIS (PH 8.5), 
100 MM CACL2, 100 MM NACL, AND 25% PEG400. 
CONCENTRATION OF PEG400 IN RESERVOIR SOLUTION WAS 
INCREASED IN 5% INCREMENTS TO 35%., pH 8.50, VAPOR DIFFUSION, HANGING DROP
;
_exptl_crystal_grow.pdbx_pH_range   ? 
# 
loop_
_exptl_crystal_grow_comp.crystal_id 
_exptl_crystal_grow_comp.id 
_exptl_crystal_grow_comp.sol_id 
_exptl_crystal_grow_comp.name 
_exptl_crystal_grow_comp.conc 
_exptl_crystal_grow_comp.volume 
_exptl_crystal_grow_comp.details 
1 1  1 DNA                 ? ? ? 
1 2  1 HIN                 ? ? ? 
1 3  1 TRIS                ? ? ? 
1 4  1 CaCl2               ? ? ? 
1 5  1 NaCl                ? ? ? 
1 6  1 'PEG 400'           ? ? ? 
1 7  1 'sodium cacodylate' ? ? ? 
1 8  2 Tris                ? ? ? 
1 9  2 CaCl2               ? ? ? 
1 10 2 NaCl                ? ? ? 
1 11 2 'PEG 400'           ? ? ? 
# 
_diffrn.id                     1 
_diffrn.ambient_temp           100.0 
_diffrn.ambient_temp_details   ? 
_diffrn.crystal_id             1 
# 
_diffrn_detector.diffrn_id              1 
_diffrn_detector.detector               CCD 
_diffrn_detector.type                   ? 
_diffrn_detector.pdbx_collection_date   1997-08-01 
_diffrn_detector.details                ? 
# 
_diffrn_radiation.diffrn_id                        1 
_diffrn_radiation.wavelength_id                    1 
_diffrn_radiation.pdbx_monochromatic_or_laue_m_l   M 
_diffrn_radiation.monochromator                    ? 
_diffrn_radiation.pdbx_diffrn_protocol             
'MOLECULAR REPLACEMENT WITH 1IJW HAVING THE PROPER DNA SUBSTITUTIONS AS THE STARTING MODEL.' 
_diffrn_radiation.pdbx_scattering_type             x-ray 
# 
_diffrn_radiation_wavelength.id           1 
_diffrn_radiation_wavelength.wavelength   0.908 
_diffrn_radiation_wavelength.wt           1.0 
# 
_diffrn_source.diffrn_id                   1 
_diffrn_source.source                      SYNCHROTRON 
_diffrn_source.type                        'CHESS BEAMLINE A1' 
_diffrn_source.pdbx_synchrotron_site       CHESS 
_diffrn_source.pdbx_synchrotron_beamline   A1 
_diffrn_source.pdbx_wavelength             0.908 
_diffrn_source.pdbx_wavelength_list        ? 
# 
_reflns.entry_id                     1JKR 
_reflns.observed_criterion_sigma_I   0.000 
_reflns.observed_criterion_sigma_F   ? 
_reflns.d_resolution_low             24.8 
_reflns.d_resolution_high            2.28 
_reflns.number_obs                   7102 
_reflns.number_all                   ? 
_reflns.percent_possible_obs         93.23 
_reflns.pdbx_Rmerge_I_obs            ? 
_reflns.pdbx_Rsym_value              0.8900000 
_reflns.pdbx_netI_over_sigmaI        15.68 
_reflns.B_iso_Wilson_estimate        69.00 
_reflns.pdbx_redundancy              17.0 
_reflns.R_free_details               ? 
_reflns.pdbx_diffrn_id               1 
_reflns.pdbx_ordinal                 1 
# 
_reflns_shell.d_res_high             2.28 
_reflns_shell.d_res_low              2.38 
_reflns_shell.percent_possible_all   72.14 
_reflns_shell.Rmerge_I_obs           ? 
_reflns_shell.pdbx_Rsym_value        0.2520000 
_reflns_shell.meanI_over_sigI_obs    2.49 
_reflns_shell.pdbx_redundancy        2.60 
_reflns_shell.percent_possible_obs   ? 
_reflns_shell.number_unique_all      ? 
_reflns_shell.pdbx_diffrn_id         ? 
_reflns_shell.pdbx_ordinal           1 
# 
_refine.entry_id                                 1JKR 
_refine.ls_number_reflns_obs                     7102 
_refine.ls_number_reflns_all                     ? 
_refine.pdbx_ls_sigma_I                          ? 
_refine.pdbx_ls_sigma_F                          0.000 
_refine.pdbx_data_cutoff_high_absF               ? 
_refine.pdbx_data_cutoff_low_absF                ? 
_refine.ls_d_res_low                             24.80 
_refine.ls_d_res_high                            2.28 
_refine.ls_percent_reflns_obs                    93.23 
_refine.ls_R_factor_obs                          0.2687000 
_refine.ls_R_factor_all                          ? 
_refine.ls_R_factor_R_work                       0.2687000 
_refine.ls_R_factor_R_free                       0.3245000 
_refine.ls_R_factor_R_free_error                 ? 
_refine.ls_R_factor_R_free_error_details         ? 
_refine.ls_percent_reflns_R_free                 9.28 
_refine.ls_number_reflns_R_free                  707 
_refine.ls_number_parameters                     ? 
_refine.ls_number_restraints                     ? 
_refine.occupancy_min                            ? 
_refine.occupancy_max                            ? 
_refine.B_iso_mean                               60.20 
_refine.aniso_B[1][1]                            15.107 
_refine.aniso_B[2][2]                            2.251 
_refine.aniso_B[3][3]                            -17.359 
_refine.aniso_B[1][2]                            0.00000 
_refine.aniso_B[1][3]                            0.00000 
_refine.aniso_B[2][3]                            0.00000 
_refine.solvent_model_details                    ? 
_refine.solvent_model_param_ksol                 0.25 
_refine.solvent_model_param_bsol                 100.00 
_refine.pdbx_ls_cross_valid_method               ? 
_refine.details                                  ? 
_refine.pdbx_starting_model                      1IJW 
_refine.pdbx_method_to_determine_struct          'MOLECULAR REPLACEMENT' 
_refine.pdbx_isotropic_thermal_model             ANISOTROPIC_FIXED_ISOTROPIC 
_refine.pdbx_stereochemistry_target_values       MLF 
_refine.pdbx_stereochem_target_val_spec_case     ? 
_refine.pdbx_R_Free_selection_details            RANDOM 
_refine.pdbx_overall_ESU_R_Free                  ? 
_refine.overall_SU_B                             ? 
_refine.ls_redundancy_reflns_obs                 ? 
_refine.correlation_coeff_Fo_to_Fc               ? 
_refine.overall_SU_R_Cruickshank_DPI             ? 
_refine.overall_SU_R_free                        ? 
_refine.overall_SU_ML                            ? 
_refine.pdbx_overall_ESU_R                       ? 
_refine.pdbx_data_cutoff_high_rms_absF           ? 
_refine.correlation_coeff_Fo_to_Fc_free          ? 
_refine.pdbx_solvent_vdw_probe_radii             ? 
_refine.pdbx_solvent_ion_probe_radii             ? 
_refine.pdbx_solvent_shrinkage_radii             ? 
_refine.pdbx_refine_id                           'X-RAY DIFFRACTION' 
_refine.pdbx_diffrn_id                           1 
_refine.pdbx_TLS_residual_ADP_flag               ? 
_refine.pdbx_overall_phase_error                 ? 
_refine.pdbx_overall_SU_R_free_Cruickshank_DPI   ? 
_refine.pdbx_overall_SU_R_Blow_DPI               ? 
_refine.pdbx_overall_SU_R_free_Blow_DPI          ? 
# 
_refine_analyze.entry_id                        1JKR 
_refine_analyze.Luzzati_coordinate_error_obs    0.47 
_refine_analyze.Luzzati_sigma_a_obs             0.80 
_refine_analyze.Luzzati_d_res_low_obs           5.00 
_refine_analyze.Luzzati_coordinate_error_free   0.55 
_refine_analyze.Luzzati_sigma_a_free            0.66 
_refine_analyze.Luzzati_d_res_low_free          ? 
_refine_analyze.number_disordered_residues      ? 
_refine_analyze.occupancy_sum_hydrogen          ? 
_refine_analyze.occupancy_sum_non_hydrogen      ? 
_refine_analyze.pdbx_refine_id                  'X-RAY DIFFRACTION' 
# 
_refine_hist.pdbx_refine_id                   'X-RAY DIFFRACTION' 
_refine_hist.cycle_id                         LAST 
_refine_hist.pdbx_number_atoms_protein        353 
_refine_hist.pdbx_number_atoms_nucleic_acid   576 
_refine_hist.pdbx_number_atoms_ligand         8 
_refine_hist.number_atoms_solvent             2 
_refine_hist.number_atoms_total               939 
_refine_hist.d_res_high                       2.28 
_refine_hist.d_res_low                        24.80 
# 
loop_
_refine_ls_restr.type 
_refine_ls_restr.dev_ideal 
_refine_ls_restr.dev_ideal_target 
_refine_ls_restr.weight 
_refine_ls_restr.number 
_refine_ls_restr.pdbx_refine_id 
_refine_ls_restr.pdbx_restraint_function 
c_bond_d                0.013  ?     ? ? 'X-RAY DIFFRACTION' ? 
c_bond_d_na             ?      ?     ? ? 'X-RAY DIFFRACTION' ? 
c_bond_d_prot           ?      ?     ? ? 'X-RAY DIFFRACTION' ? 
c_angle_d               ?      ?     ? ? 'X-RAY DIFFRACTION' ? 
c_angle_d_na            ?      ?     ? ? 'X-RAY DIFFRACTION' ? 
c_angle_d_prot          ?      ?     ? ? 'X-RAY DIFFRACTION' ? 
c_angle_deg             1.720  ?     ? ? 'X-RAY DIFFRACTION' ? 
c_angle_deg_na          ?      ?     ? ? 'X-RAY DIFFRACTION' ? 
c_angle_deg_prot        ?      ?     ? ? 'X-RAY DIFFRACTION' ? 
c_dihedral_angle_d      19.440 ?     ? ? 'X-RAY DIFFRACTION' ? 
c_dihedral_angle_d_na   ?      ?     ? ? 'X-RAY DIFFRACTION' ? 
c_dihedral_angle_d_prot ?      ?     ? ? 'X-RAY DIFFRACTION' ? 
c_improper_angle_d      1.882  ?     ? ? 'X-RAY DIFFRACTION' ? 
c_improper_angle_d_na   ?      ?     ? ? 'X-RAY DIFFRACTION' ? 
c_improper_angle_d_prot ?      ?     ? ? 'X-RAY DIFFRACTION' ? 
c_mcbond_it             8.51   4.000 ? ? 'X-RAY DIFFRACTION' ? 
c_mcangle_it            11.44  6.000 ? ? 'X-RAY DIFFRACTION' ? 
c_scbond_it             11.62  6.000 ? ? 'X-RAY DIFFRACTION' ? 
c_scangle_it            15.66  7.000 ? ? 'X-RAY DIFFRACTION' ? 
# 
_refine_ls_shell.pdbx_total_number_of_bins_used   8 
_refine_ls_shell.d_res_high                       2.28 
_refine_ls_shell.d_res_low                        2.38 
_refine_ls_shell.number_reflns_R_work             610 
_refine_ls_shell.R_factor_R_work                  0.4536000 
_refine_ls_shell.percent_reflns_obs               72.14 
_refine_ls_shell.R_factor_R_free                  0.4437000 
_refine_ls_shell.R_factor_R_free_error            ? 
_refine_ls_shell.percent_reflns_R_free            7.04 
_refine_ls_shell.number_reflns_R_free             66 
_refine_ls_shell.redundancy_reflns_obs            ? 
_refine_ls_shell.pdbx_refine_id                   'X-RAY DIFFRACTION' 
_refine_ls_shell.number_reflns_all                ? 
_refine_ls_shell.R_factor_all                     ? 
# 
loop_
_pdbx_xplor_file.serial_no 
_pdbx_xplor_file.param_file 
_pdbx_xplor_file.topol_file 
_pdbx_xplor_file.pdbx_refine_id 
1 PROTEIN_REP.PARAM PROTEIN.TOP 'X-RAY DIFFRACTION' 
2 DNA-RNA_REP.PARAM DNA-RNA.TOP 'X-RAY DIFFRACTION' 
3 WATER_REP.PARAM   WATER.TOP   'X-RAY DIFFRACTION' 
4 ION.PARAM         ION.TOP     'X-RAY DIFFRACTION' 
# 
_struct.entry_id                  1JKR 
_struct.title                     'Testing the Water-Mediated HIN Recombinase DNA Recognition by Systematic Mutations' 
_struct.pdbx_model_details        ? 
_struct.pdbx_CASP_flag            ? 
_struct.pdbx_model_type_details   ? 
# 
_struct_keywords.entry_id        1JKR 
_struct_keywords.pdbx_keywords   'DNA BINDING PROTEIN/DNA' 
_struct_keywords.text            
'WATER-MEDIATED RECOGNITION, PROTEIN-DNA COMPLEX, HIN RECOMBINASE, T11C MUTANT, DNA BINDING PROTEIN-DNA COMPLEX' 
# 
loop_
_struct_asym.id 
_struct_asym.pdbx_blank_PDB_chainid_flag 
_struct_asym.pdbx_modified 
_struct_asym.entity_id 
_struct_asym.details 
A N N 1 ? 
B N N 2 ? 
C N N 3 ? 
D N N 4 ? 
E N N 5 ? 
F N N 5 ? 
# 
_struct_biol.id                    1 
_struct_biol.pdbx_parent_biol_id   ? 
_struct_biol.details               ? 
# 
loop_
_struct_conf.conf_type_id 
_struct_conf.id 
_struct_conf.pdbx_PDB_helix_id 
_struct_conf.beg_label_comp_id 
_struct_conf.beg_label_asym_id 
_struct_conf.beg_label_seq_id 
_struct_conf.pdbx_beg_PDB_ins_code 
_struct_conf.end_label_comp_id 
_struct_conf.end_label_asym_id 
_struct_conf.end_label_seq_id 
_struct_conf.pdbx_end_PDB_ins_code 
_struct_conf.beg_auth_comp_id 
_struct_conf.beg_auth_asym_id 
_struct_conf.beg_auth_seq_id 
_struct_conf.end_auth_comp_id 
_struct_conf.end_auth_asym_id 
_struct_conf.end_auth_seq_id 
_struct_conf.pdbx_PDB_helix_class 
_struct_conf.details 
_struct_conf.pdbx_PDB_helix_length 
HELX_P HELX_P1 1 LYS C 8  ? LYS C 20 ? LYS C 146 LYS C 158 1 ? 13 
HELX_P HELX_P2 2 PRO C 23 ? PHE C 31 ? PRO C 161 PHE C 169 1 ? 9  
HELX_P HELX_P3 3 GLY C 34 ? PHE C 42 ? GLY C 172 PHE C 180 1 ? 9  
# 
_struct_conf_type.id          HELX_P 
_struct_conf_type.criteria    ? 
_struct_conf_type.reference   ? 
# 
loop_
_struct_conn.id 
_struct_conn.conn_type_id 
_struct_conn.pdbx_leaving_atom_flag 
_struct_conn.pdbx_PDB_id 
_struct_conn.ptnr1_label_asym_id 
_struct_conn.ptnr1_label_comp_id 
_struct_conn.ptnr1_label_seq_id 
_struct_conn.ptnr1_label_atom_id 
_struct_conn.pdbx_ptnr1_label_alt_id 
_struct_conn.pdbx_ptnr1_PDB_ins_code 
_struct_conn.pdbx_ptnr1_standard_comp_id 
_struct_conn.ptnr1_symmetry 
_struct_conn.ptnr2_label_asym_id 
_struct_conn.ptnr2_label_comp_id 
_struct_conn.ptnr2_label_seq_id 
_struct_conn.ptnr2_label_atom_id 
_struct_conn.pdbx_ptnr2_label_alt_id 
_struct_conn.pdbx_ptnr2_PDB_ins_code 
_struct_conn.ptnr1_auth_asym_id 
_struct_conn.ptnr1_auth_comp_id 
_struct_conn.ptnr1_auth_seq_id 
_struct_conn.ptnr2_auth_asym_id 
_struct_conn.ptnr2_auth_comp_id 
_struct_conn.ptnr2_auth_seq_id 
_struct_conn.ptnr2_symmetry 
_struct_conn.pdbx_ptnr3_label_atom_id 
_struct_conn.pdbx_ptnr3_label_seq_id 
_struct_conn.pdbx_ptnr3_label_comp_id 
_struct_conn.pdbx_ptnr3_label_asym_id 
_struct_conn.pdbx_ptnr3_label_alt_id 
_struct_conn.pdbx_ptnr3_PDB_ins_code 
_struct_conn.details 
_struct_conn.pdbx_dist_value 
_struct_conn.pdbx_value_order 
_struct_conn.pdbx_role 
hydrog1  hydrog ? ? A DG 2  N1 ? ? ? 1_555 B DC 14 N3 ? ? A DG 3  B DC 29 1_555 ? ? ? ? ? ? WATSON-CRICK ? ? ? 
hydrog2  hydrog ? ? A DG 2  N2 ? ? ? 1_555 B DC 14 O2 ? ? A DG 3  B DC 29 1_555 ? ? ? ? ? ? WATSON-CRICK ? ? ? 
hydrog3  hydrog ? ? A DG 2  O6 ? ? ? 1_555 B DC 14 N4 ? ? A DG 3  B DC 29 1_555 ? ? ? ? ? ? WATSON-CRICK ? ? ? 
hydrog4  hydrog ? ? A DT 3  N3 ? ? ? 1_555 B DA 13 N1 ? ? A DT 4  B DA 28 1_555 ? ? ? ? ? ? WATSON-CRICK ? ? ? 
hydrog5  hydrog ? ? A DT 3  O4 ? ? ? 1_555 B DA 13 N6 ? ? A DT 4  B DA 28 1_555 ? ? ? ? ? ? WATSON-CRICK ? ? ? 
hydrog6  hydrog ? ? A DT 4  N3 ? ? ? 1_555 B DA 12 N1 ? ? A DT 5  B DA 27 1_555 ? ? ? ? ? ? WATSON-CRICK ? ? ? 
hydrog7  hydrog ? ? A DT 4  O4 ? ? ? 1_555 B DA 12 N6 ? ? A DT 5  B DA 27 1_555 ? ? ? ? ? ? WATSON-CRICK ? ? ? 
hydrog8  hydrog ? ? A DT 5  N3 ? ? ? 1_555 B DA 11 N1 ? ? A DT 6  B DA 26 1_555 ? ? ? ? ? ? WATSON-CRICK ? ? ? 
hydrog9  hydrog ? ? A DT 5  O4 ? ? ? 1_555 B DA 11 N6 ? ? A DT 6  B DA 26 1_555 ? ? ? ? ? ? WATSON-CRICK ? ? ? 
hydrog10 hydrog ? ? A DT 6  N3 ? ? ? 1_555 B DA 10 N1 ? ? A DT 7  B DA 25 1_555 ? ? ? ? ? ? WATSON-CRICK ? ? ? 
hydrog11 hydrog ? ? A DT 6  O4 ? ? ? 1_555 B DA 10 N6 ? ? A DT 7  B DA 25 1_555 ? ? ? ? ? ? WATSON-CRICK ? ? ? 
hydrog12 hydrog ? ? A DT 7  N3 ? ? ? 1_555 B DA 9  N1 ? ? A DT 8  B DA 24 1_555 ? ? ? ? ? ? WATSON-CRICK ? ? ? 
hydrog13 hydrog ? ? A DT 7  O4 ? ? ? 1_555 B DA 9  N6 ? ? A DT 8  B DA 24 1_555 ? ? ? ? ? ? WATSON-CRICK ? ? ? 
hydrog14 hydrog ? ? A DG 8  N1 ? ? ? 1_555 B DC 8  N3 ? ? A DG 9  B DC 23 1_555 ? ? ? ? ? ? WATSON-CRICK ? ? ? 
hydrog15 hydrog ? ? A DG 8  N2 ? ? ? 1_555 B DC 8  O2 ? ? A DG 9  B DC 23 1_555 ? ? ? ? ? ? WATSON-CRICK ? ? ? 
hydrog16 hydrog ? ? A DG 8  O6 ? ? ? 1_555 B DC 8  N4 ? ? A DG 9  B DC 23 1_555 ? ? ? ? ? ? WATSON-CRICK ? ? ? 
hydrog17 hydrog ? ? A DA 9  N1 ? ? ? 1_555 B DT 7  N3 ? ? A DA 10 B DT 22 1_555 ? ? ? ? ? ? WATSON-CRICK ? ? ? 
hydrog18 hydrog ? ? A DA 9  N6 ? ? ? 1_555 B DT 7  O4 ? ? A DA 10 B DT 22 1_555 ? ? ? ? ? ? WATSON-CRICK ? ? ? 
hydrog19 hydrog ? ? A DC 10 N3 ? ? ? 1_555 B DG 6  N1 ? ? A DC 11 B DG 21 1_555 ? ? ? ? ? ? WATSON-CRICK ? ? ? 
hydrog20 hydrog ? ? A DC 10 N4 ? ? ? 1_555 B DG 6  O6 ? ? A DC 11 B DG 21 1_555 ? ? ? ? ? ? WATSON-CRICK ? ? ? 
hydrog21 hydrog ? ? A DC 10 O2 ? ? ? 1_555 B DG 6  N2 ? ? A DC 11 B DG 21 1_555 ? ? ? ? ? ? WATSON-CRICK ? ? ? 
hydrog22 hydrog ? ? A DA 11 N1 ? ? ? 1_555 B DT 5  N3 ? ? A DA 12 B DT 20 1_555 ? ? ? ? ? ? WATSON-CRICK ? ? ? 
hydrog23 hydrog ? ? A DA 11 N6 ? ? ? 1_555 B DT 5  O4 ? ? A DA 12 B DT 20 1_555 ? ? ? ? ? ? WATSON-CRICK ? ? ? 
hydrog24 hydrog ? ? A DA 12 N1 ? ? ? 1_555 B DT 4  N3 ? ? A DA 13 B DT 19 1_555 ? ? ? ? ? ? WATSON-CRICK ? ? ? 
hydrog25 hydrog ? ? A DA 12 N6 ? ? ? 1_555 B DT 4  O4 ? ? A DA 13 B DT 19 1_555 ? ? ? ? ? ? WATSON-CRICK ? ? ? 
hydrog26 hydrog ? ? A DG 13 N1 ? ? ? 1_555 B DC 3  N3 ? ? A DG 14 B DC 18 1_555 ? ? ? ? ? ? WATSON-CRICK ? ? ? 
hydrog27 hydrog ? ? A DG 13 N2 ? ? ? 1_555 B DC 3  O2 ? ? A DG 14 B DC 18 1_555 ? ? ? ? ? ? WATSON-CRICK ? ? ? 
hydrog28 hydrog ? ? A DG 13 O6 ? ? ? 1_555 B DC 3  N4 ? ? A DG 14 B DC 18 1_555 ? ? ? ? ? ? WATSON-CRICK ? ? ? 
# 
_struct_conn_type.id          hydrog 
_struct_conn_type.criteria    ? 
_struct_conn_type.reference   ? 
# 
_struct_site.id                   AC1 
_struct_site.pdbx_evidence_code   Software 
_struct_site.pdbx_auth_asym_id    A 
_struct_site.pdbx_auth_comp_id    TRS 
_struct_site.pdbx_auth_seq_id     204 
_struct_site.pdbx_auth_ins_code   ? 
_struct_site.pdbx_num_residues    4 
_struct_site.details              'BINDING SITE FOR RESIDUE TRS A 204' 
# 
loop_
_struct_site_gen.id 
_struct_site_gen.site_id 
_struct_site_gen.pdbx_num_res 
_struct_site_gen.label_comp_id 
_struct_site_gen.label_asym_id 
_struct_site_gen.label_seq_id 
_struct_site_gen.pdbx_auth_ins_code 
_struct_site_gen.auth_comp_id 
_struct_site_gen.auth_asym_id 
_struct_site_gen.auth_seq_id 
_struct_site_gen.label_atom_id 
_struct_site_gen.label_alt_id 
_struct_site_gen.symmetry 
_struct_site_gen.details 
1 AC1 4 DG A 8  ? DG A 9  . ? 1_555 ? 
2 AC1 4 DA A 9  ? DA A 10 . ? 1_555 ? 
3 AC1 4 DT B 7  ? DT B 22 . ? 6_554 ? 
4 AC1 4 DA B 10 ? DA B 25 . ? 1_555 ? 
# 
_atom_sites.entry_id                    1JKR 
_atom_sites.fract_transf_matrix[1][1]   0.00704987 
_atom_sites.fract_transf_matrix[1][2]   0.00916175 
_atom_sites.fract_transf_matrix[1][3]   -0.00113710 
_atom_sites.fract_transf_matrix[2][1]   -0.00170686 
_atom_sites.fract_transf_matrix[2][2]   -0.00017207 
_atom_sites.fract_transf_matrix[2][3]   -0.01196868 
_atom_sites.fract_transf_matrix[3][1]   -0.01743295 
_atom_sites.fract_transf_matrix[3][2]   0.01369859 
_atom_sites.fract_transf_matrix[3][3]   0.00228919 
_atom_sites.fract_transf_vector[1]      0.278106 
_atom_sites.fract_transf_vector[2]      0.051303 
_atom_sites.fract_transf_vector[3]      0.202767 
# 
loop_
_atom_type.symbol 
C 
N 
O 
P 
# 
loop_
_atom_site.group_PDB 
_atom_site.id 
_atom_site.type_symbol 
_atom_site.label_atom_id 
_atom_site.label_alt_id 
_atom_site.label_comp_id 
_atom_site.label_asym_id 
_atom_site.label_entity_id 
_atom_site.label_seq_id 
_atom_site.pdbx_PDB_ins_code 
_atom_site.Cartn_x 
_atom_site.Cartn_y 
_atom_site.Cartn_z 
_atom_site.occupancy 
_atom_site.B_iso_or_equiv 
_atom_site.pdbx_formal_charge 
_atom_site.auth_seq_id 
_atom_site.auth_comp_id 
_atom_site.auth_asym_id 
_atom_site.auth_atom_id 
_atom_site.pdbx_PDB_model_num 
ATOM   1   O "O5'" . DT  A 1 1  ? -16.769 -21.637 -27.207 1.00 83.61 ? 2   DT  A "O5'" 1 
ATOM   2   C "C5'" . DT  A 1 1  ? -16.236 -21.347 -25.907 1.00 83.57 ? 2   DT  A "C5'" 1 
ATOM   3   C "C4'" . DT  A 1 1  ? -16.951 -20.242 -25.155 1.00 83.54 ? 2   DT  A "C4'" 1 
ATOM   4   O "O4'" . DT  A 1 1  ? -16.572 -20.358 -23.760 1.00 83.55 ? 2   DT  A "O4'" 1 
ATOM   5   C "C3'" . DT  A 1 1  ? -16.651 -18.789 -25.551 1.00 83.46 ? 2   DT  A "C3'" 1 
ATOM   6   O "O3'" . DT  A 1 1  ? -17.824 -17.979 -25.340 1.00 83.59 ? 2   DT  A "O3'" 1 
ATOM   7   C "C2'" . DT  A 1 1  ? -15.513 -18.428 -24.615 1.00 83.56 ? 2   DT  A "C2'" 1 
ATOM   8   C "C1'" . DT  A 1 1  ? -15.844 -19.204 -23.343 1.00 83.53 ? 2   DT  A "C1'" 1 
ATOM   9   N N1    . DT  A 1 1  ? -14.664 -19.653 -22.533 1.00 86.90 ? 2   DT  A N1    1 
ATOM   10  C C2    . DT  A 1 1  ? -14.809 -19.630 -21.170 1.00 83.20 ? 2   DT  A C2    1 
ATOM   11  O O2    . DT  A 1 1  ? -15.860 -19.310 -20.633 1.00 81.41 ? 2   DT  A O2    1 
ATOM   12  N N3    . DT  A 1 1  ? -13.681 -20.013 -20.455 1.00 82.97 ? 2   DT  A N3    1 
ATOM   13  C C4    . DT  A 1 1  ? -12.454 -20.445 -20.971 1.00 84.22 ? 2   DT  A C4    1 
ATOM   14  O O4    . DT  A 1 1  ? -11.518 -20.784 -20.200 1.00 86.75 ? 2   DT  A O4    1 
ATOM   15  C C5    . DT  A 1 1  ? -12.384 -20.469 -22.421 1.00 84.04 ? 2   DT  A C5    1 
ATOM   16  C C7    . DT  A 1 1  ? -11.122 -20.952 -23.077 1.00 85.52 ? 2   DT  A C7    1 
ATOM   17  C C6    . DT  A 1 1  ? -13.473 -20.066 -23.116 1.00 83.36 ? 2   DT  A C6    1 
ATOM   18  P P     . DG  A 1 2  ? -17.713 -16.371 -25.180 1.00 83.93 ? 3   DG  A P     1 
ATOM   19  O OP1   . DG  A 1 2  ? -18.719 -15.727 -26.097 1.00 83.66 ? 3   DG  A OP1   1 
ATOM   20  O OP2   . DG  A 1 2  ? -16.279 -15.909 -25.190 1.00 83.68 ? 3   DG  A OP2   1 
ATOM   21  O "O5'" . DG  A 1 2  ? -18.333 -16.084 -23.735 1.00 83.54 ? 3   DG  A "O5'" 1 
ATOM   22  C "C5'" . DG  A 1 2  ? -19.727 -16.204 -23.557 1.00 70.03 ? 3   DG  A "C5'" 1 
ATOM   23  C "C4'" . DG  A 1 2  ? -20.193 -15.512 -22.302 1.00 63.84 ? 3   DG  A "C4'" 1 
ATOM   24  O "O4'" . DG  A 1 2  ? -19.538 -16.162 -21.209 1.00 44.50 ? 3   DG  A "O4'" 1 
ATOM   25  C "C3'" . DG  A 1 2  ? -19.810 -14.048 -22.204 1.00 63.26 ? 3   DG  A "C3'" 1 
ATOM   26  O "O3'" . DG  A 1 2  ? -20.800 -13.344 -21.469 1.00 69.21 ? 3   DG  A "O3'" 1 
ATOM   27  C "C2'" . DG  A 1 2  ? -18.558 -14.076 -21.366 1.00 64.34 ? 3   DG  A "C2'" 1 
ATOM   28  C "C1'" . DG  A 1 2  ? -18.803 -15.254 -20.453 1.00 42.25 ? 3   DG  A "C1'" 1 
ATOM   29  N N9    . DG  A 1 2  ? -17.545 -15.898 -20.126 1.00 42.89 ? 3   DG  A N9    1 
ATOM   30  C C8    . DG  A 1 2  ? -16.574 -16.269 -21.019 1.00 44.89 ? 3   DG  A C8    1 
ATOM   31  N N7    . DG  A 1 2  ? -15.485 -16.700 -20.441 1.00 50.49 ? 3   DG  A N7    1 
ATOM   32  C C5    . DG  A 1 2  ? -15.776 -16.650 -19.082 1.00 45.91 ? 3   DG  A C5    1 
ATOM   33  C C6    . DG  A 1 2  ? -14.974 -16.988 -17.956 1.00 46.26 ? 3   DG  A C6    1 
ATOM   34  O O6    . DG  A 1 2  ? -13.794 -17.418 -17.939 1.00 42.40 ? 3   DG  A O6    1 
ATOM   35  N N1    . DG  A 1 2  ? -15.665 -16.783 -16.759 1.00 41.23 ? 3   DG  A N1    1 
ATOM   36  C C2    . DG  A 1 2  ? -16.959 -16.323 -16.655 1.00 40.22 ? 3   DG  A C2    1 
ATOM   37  N N2    . DG  A 1 2  ? -17.450 -16.196 -15.409 1.00 41.45 ? 3   DG  A N2    1 
ATOM   38  N N3    . DG  A 1 2  ? -17.718 -16.008 -17.699 1.00 43.01 ? 3   DG  A N3    1 
ATOM   39  C C4    . DG  A 1 2  ? -17.060 -16.188 -18.873 1.00 43.83 ? 3   DG  A C4    1 
ATOM   40  P P     . DT  A 1 3  ? -20.679 -11.751 -21.328 1.00 71.84 ? 4   DT  A P     1 
ATOM   41  O OP1   . DT  A 1 3  ? -21.875 -11.016 -21.814 1.00 80.54 ? 4   DT  A OP1   1 
ATOM   42  O OP2   . DT  A 1 3  ? -19.353 -11.494 -21.928 1.00 67.64 ? 4   DT  A OP2   1 
ATOM   43  O "O5'" . DT  A 1 3  ? -20.633 -11.479 -19.769 1.00 64.75 ? 4   DT  A "O5'" 1 
ATOM   44  C "C5'" . DT  A 1 3  ? -21.751 -11.799 -18.975 1.00 56.78 ? 4   DT  A "C5'" 1 
ATOM   45  C "C4'" . DT  A 1 3  ? -21.381 -11.753 -17.515 1.00 55.87 ? 4   DT  A "C4'" 1 
ATOM   46  O "O4'" . DT  A 1 3  ? -20.176 -12.527 -17.336 1.00 47.72 ? 4   DT  A "O4'" 1 
ATOM   47  C "C3'" . DT  A 1 3  ? -21.074 -10.365 -16.981 1.00 57.83 ? 4   DT  A "C3'" 1 
ATOM   48  O "O3'" . DT  A 1 3  ? -21.813 -10.157 -15.786 1.00 75.59 ? 4   DT  A "O3'" 1 
ATOM   49  C "C2'" . DT  A 1 3  ? -19.575 -10.377 -16.737 1.00 58.62 ? 4   DT  A "C2'" 1 
ATOM   50  C "C1'" . DT  A 1 3  ? -19.261 -11.846 -16.527 1.00 44.71 ? 4   DT  A "C1'" 1 
ATOM   51  N N1    . DT  A 1 3  ? -17.906 -12.321 -16.920 1.00 42.76 ? 4   DT  A N1    1 
ATOM   52  C C2    . DT  A 1 3  ? -17.058 -12.819 -15.936 1.00 46.06 ? 4   DT  A C2    1 
ATOM   53  O O2    . DT  A 1 3  ? -17.367 -12.899 -14.749 1.00 50.51 ? 4   DT  A O2    1 
ATOM   54  N N3    . DT  A 1 3  ? -15.829 -13.240 -16.396 1.00 43.09 ? 4   DT  A N3    1 
ATOM   55  C C4    . DT  A 1 3  ? -15.380 -13.234 -17.698 1.00 40.27 ? 4   DT  A C4    1 
ATOM   56  O O4    . DT  A 1 3  ? -14.249 -13.666 -17.984 1.00 43.13 ? 4   DT  A O4    1 
ATOM   57  C C5    . DT  A 1 3  ? -16.302 -12.718 -18.654 1.00 40.68 ? 4   DT  A C5    1 
ATOM   58  C C7    . DT  A 1 3  ? -15.868 -12.701 -20.078 1.00 40.35 ? 4   DT  A C7    1 
ATOM   59  C C6    . DT  A 1 3  ? -17.506 -12.283 -18.236 1.00 35.12 ? 4   DT  A C6    1 
ATOM   60  P P     . DT  A 1 4  ? -22.112 -8.662  -15.305 1.00 64.58 ? 5   DT  A P     1 
ATOM   61  O OP1   . DT  A 1 4  ? -23.430 -8.421  -14.661 1.00 56.60 ? 5   DT  A OP1   1 
ATOM   62  O OP2   . DT  A 1 4  ? -21.736 -7.860  -16.511 1.00 81.41 ? 5   DT  A OP2   1 
ATOM   63  O "O5'" . DT  A 1 4  ? -21.077 -8.570  -14.107 1.00 53.75 ? 5   DT  A "O5'" 1 
ATOM   64  C "C5'" . DT  A 1 4  ? -21.088 -9.571  -13.128 1.00 43.59 ? 5   DT  A "C5'" 1 
ATOM   65  C "C4'" . DT  A 1 4  ? -19.810 -9.572  -12.328 1.00 44.59 ? 5   DT  A "C4'" 1 
ATOM   66  O "O4'" . DT  A 1 4  ? -18.710 -10.162 -13.064 1.00 50.48 ? 5   DT  A "O4'" 1 
ATOM   67  C "C3'" . DT  A 1 4  ? -19.323 -8.223  -11.807 1.00 51.38 ? 5   DT  A "C3'" 1 
ATOM   68  O "O3'" . DT  A 1 4  ? -19.216 -8.256  -10.378 1.00 57.19 ? 5   DT  A "O3'" 1 
ATOM   69  C "C2'" . DT  A 1 4  ? -17.951 -8.072  -12.455 1.00 64.84 ? 5   DT  A "C2'" 1 
ATOM   70  C "C1'" . DT  A 1 4  ? -17.515 -9.509  -12.695 1.00 41.36 ? 5   DT  A "C1'" 1 
ATOM   71  N N1    . DT  A 1 4  ? -16.543 -9.696  -13.798 1.00 47.14 ? 5   DT  A N1    1 
ATOM   72  C C2    . DT  A 1 4  ? -15.414 -10.445 -13.549 1.00 38.34 ? 5   DT  A C2    1 
ATOM   73  O O2    . DT  A 1 4  ? -15.223 -11.015 -12.501 1.00 41.31 ? 5   DT  A O2    1 
ATOM   74  N N3    . DT  A 1 4  ? -14.520 -10.519 -14.605 1.00 38.26 ? 5   DT  A N3    1 
ATOM   75  C C4    . DT  A 1 4  ? -14.677 -9.965  -15.880 1.00 40.77 ? 5   DT  A C4    1 
ATOM   76  O O4    . DT  A 1 4  ? -13.791 -10.092 -16.728 1.00 53.32 ? 5   DT  A O4    1 
ATOM   77  C C5    . DT  A 1 4  ? -15.916 -9.258  -16.095 1.00 39.98 ? 5   DT  A C5    1 
ATOM   78  C C7    . DT  A 1 4  ? -16.211 -8.729  -17.467 1.00 35.42 ? 5   DT  A C7    1 
ATOM   79  C C6    . DT  A 1 4  ? -16.765 -9.128  -15.050 1.00 49.70 ? 5   DT  A C6    1 
ATOM   80  P P     . DT  A 1 5  ? -19.506 -6.918  -9.522  1.00 78.46 ? 6   DT  A P     1 
ATOM   81  O OP1   . DT  A 1 5  ? -20.542 -7.194  -8.487  1.00 89.49 ? 6   DT  A OP1   1 
ATOM   82  O OP2   . DT  A 1 5  ? -19.701 -5.779  -10.449 1.00 67.17 ? 6   DT  A OP2   1 
ATOM   83  O "O5'" . DT  A 1 5  ? -18.126 -6.757  -8.762  1.00 74.71 ? 6   DT  A "O5'" 1 
ATOM   84  C "C5'" . DT  A 1 5  ? -17.561 -7.900  -8.139  1.00 85.65 ? 6   DT  A "C5'" 1 
ATOM   85  C "C4'" . DT  A 1 5  ? -16.059 -7.779  -8.058  1.00 81.26 ? 6   DT  A "C4'" 1 
ATOM   86  O "O4'" . DT  A 1 5  ? -15.414 -8.068  -9.320  1.00 74.26 ? 6   DT  A "O4'" 1 
ATOM   87  C "C3'" . DT  A 1 5  ? -15.530 -6.426  -7.606  1.00 85.80 ? 6   DT  A "C3'" 1 
ATOM   88  O "O3'" . DT  A 1 5  ? -14.508 -6.666  -6.631  1.00 89.42 ? 6   DT  A "O3'" 1 
ATOM   89  C "C2'" . DT  A 1 5  ? -14.946 -5.846  -8.889  1.00 80.09 ? 6   DT  A "C2'" 1 
ATOM   90  C "C1'" . DT  A 1 5  ? -14.420 -7.099  -9.558  1.00 47.39 ? 6   DT  A "C1'" 1 
ATOM   91  N N1    . DT  A 1 5  ? -14.203 -7.037  -11.002 1.00 34.95 ? 6   DT  A N1    1 
ATOM   92  C C2    . DT  A 1 5  ? -13.166 -7.788  -11.517 1.00 49.62 ? 6   DT  A C2    1 
ATOM   93  O O2    . DT  A 1 5  ? -12.423 -8.475  -10.812 1.00 48.99 ? 6   DT  A O2    1 
ATOM   94  N N3    . DT  A 1 5  ? -13.032 -7.705  -12.890 1.00 36.75 ? 6   DT  A N3    1 
ATOM   95  C C4    . DT  A 1 5  ? -13.816 -6.954  -13.754 1.00 40.06 ? 6   DT  A C4    1 
ATOM   96  O O4    . DT  A 1 5  ? -13.594 -6.961  -14.950 1.00 44.15 ? 6   DT  A O4    1 
ATOM   97  C C5    . DT  A 1 5  ? -14.861 -6.200  -13.145 1.00 34.18 ? 6   DT  A C5    1 
ATOM   98  C C7    . DT  A 1 5  ? -15.738 -5.376  -14.026 1.00 39.31 ? 6   DT  A C7    1 
ATOM   99  C C6    . DT  A 1 5  ? -15.009 -6.270  -11.815 1.00 33.82 ? 6   DT  A C6    1 
ATOM   100 P P     . DT  A 1 6  ? -13.989 -5.463  -5.704  1.00 79.56 ? 7   DT  A P     1 
ATOM   101 O OP1   . DT  A 1 6  ? -13.962 -5.968  -4.308  1.00 80.90 ? 7   DT  A OP1   1 
ATOM   102 O OP2   . DT  A 1 6  ? -14.787 -4.258  -6.034  1.00 88.41 ? 7   DT  A OP2   1 
ATOM   103 O "O5'" . DT  A 1 6  ? -12.480 -5.286  -6.186  1.00 46.96 ? 7   DT  A "O5'" 1 
ATOM   104 C "C5'" . DT  A 1 6  ? -11.578 -6.372  -6.021  1.00 74.88 ? 7   DT  A "C5'" 1 
ATOM   105 C "C4'" . DT  A 1 6  ? -10.314 -6.149  -6.811  1.00 73.76 ? 7   DT  A "C4'" 1 
ATOM   106 O "O4'" . DT  A 1 6  ? -10.552 -6.272  -8.232  1.00 63.84 ? 7   DT  A "O4'" 1 
ATOM   107 C "C3'" . DT  A 1 6  ? -9.603  -4.812  -6.595  1.00 69.35 ? 7   DT  A "C3'" 1 
ATOM   108 O "O3'" . DT  A 1 6  ? -8.239  -5.127  -6.369  1.00 53.40 ? 7   DT  A "O3'" 1 
ATOM   109 C "C2'" . DT  A 1 6  ? -9.785  -4.097  -7.917  1.00 69.64 ? 7   DT  A "C2'" 1 
ATOM   110 C "C1'" . DT  A 1 6  ? -9.829  -5.266  -8.889  1.00 61.55 ? 7   DT  A "C1'" 1 
ATOM   111 N N1    . DT  A 1 6  ? -10.484 -4.990  -10.177 1.00 48.35 ? 7   DT  A N1    1 
ATOM   112 C C2    . DT  A 1 6  ? -9.921  -5.556  -11.295 1.00 51.10 ? 7   DT  A C2    1 
ATOM   113 O O2    . DT  A 1 6  ? -9.036  -6.408  -11.249 1.00 52.14 ? 7   DT  A O2    1 
ATOM   114 N N3    . DT  A 1 6  ? -10.436 -5.103  -12.473 1.00 33.46 ? 7   DT  A N3    1 
ATOM   115 C C4    . DT  A 1 6  ? -11.451 -4.191  -12.644 1.00 43.89 ? 7   DT  A C4    1 
ATOM   116 O O4    . DT  A 1 6  ? -11.745 -3.804  -13.778 1.00 53.57 ? 7   DT  A O4    1 
ATOM   117 C C5    . DT  A 1 6  ? -12.074 -3.738  -11.437 1.00 29.15 ? 7   DT  A C5    1 
ATOM   118 C C7    . DT  A 1 6  ? -13.253 -2.832  -11.539 1.00 34.98 ? 7   DT  A C7    1 
ATOM   119 C C6    . DT  A 1 6  ? -11.570 -4.152  -10.270 1.00 39.63 ? 7   DT  A C6    1 
ATOM   120 P P     . DT  A 1 7  ? -7.181  -3.978  -6.076  1.00 54.87 ? 8   DT  A P     1 
ATOM   121 O OP1   . DT  A 1 7  ? -6.405  -4.431  -4.887  1.00 43.11 ? 8   DT  A OP1   1 
ATOM   122 O OP2   . DT  A 1 7  ? -7.895  -2.639  -6.055  1.00 37.87 ? 8   DT  A OP2   1 
ATOM   123 O "O5'" . DT  A 1 7  ? -6.212  -4.317  -7.275  1.00 54.11 ? 8   DT  A "O5'" 1 
ATOM   124 C "C5'" . DT  A 1 7  ? -5.834  -5.681  -7.367  1.00 49.21 ? 8   DT  A "C5'" 1 
ATOM   125 C "C4'" . DT  A 1 7  ? -5.078  -5.962  -8.634  1.00 43.40 ? 8   DT  A "C4'" 1 
ATOM   126 O "O4'" . DT  A 1 7  ? -5.917  -5.639  -9.756  1.00 42.33 ? 8   DT  A "O4'" 1 
ATOM   127 C "C3'" . DT  A 1 7  ? -3.828  -5.130  -8.790  1.00 32.58 ? 8   DT  A "C3'" 1 
ATOM   128 O "O3'" . DT  A 1 7  ? -2.748  -5.958  -9.168  1.00 38.18 ? 8   DT  A "O3'" 1 
ATOM   129 C "C2'" . DT  A 1 7  ? -4.192  -4.151  -9.884  1.00 46.72 ? 8   DT  A "C2'" 1 
ATOM   130 C "C1'" . DT  A 1 7  ? -5.205  -4.899  -10.703 1.00 23.84 ? 8   DT  A "C1'" 1 
ATOM   131 N N1    . DT  A 1 7  ? -6.182  -4.035  -11.319 1.00 21.39 ? 8   DT  A N1    1 
ATOM   132 C C2    . DT  A 1 7  ? -6.353  -4.065  -12.678 1.00 18.01 ? 8   DT  A C2    1 
ATOM   133 O O2    . DT  A 1 7  ? -5.658  -4.753  -13.415 1.00 31.54 ? 8   DT  A O2    1 
ATOM   134 N N3    . DT  A 1 7  ? -7.357  -3.261  -13.141 1.00 22.13 ? 8   DT  A N3    1 
ATOM   135 C C4    . DT  A 1 7  ? -8.164  -2.453  -12.385 1.00 22.07 ? 8   DT  A C4    1 
ATOM   136 O O4    . DT  A 1 7  ? -9.053  -1.804  -12.908 1.00 36.77 ? 8   DT  A O4    1 
ATOM   137 C C5    . DT  A 1 7  ? -7.897  -2.448  -10.982 1.00 31.32 ? 8   DT  A C5    1 
ATOM   138 C C7    . DT  A 1 7  ? -8.717  -1.560  -10.109 1.00 33.64 ? 8   DT  A C7    1 
ATOM   139 C C6    . DT  A 1 7  ? -6.933  -3.230  -10.513 1.00 18.39 ? 8   DT  A C6    1 
ATOM   140 P P     . DG  A 1 8  ? -1.257  -5.479  -8.811  1.00 46.73 ? 9   DG  A P     1 
ATOM   141 O OP1   . DG  A 1 8  ? -0.301  -6.589  -8.478  1.00 53.73 ? 9   DG  A OP1   1 
ATOM   142 O OP2   . DG  A 1 8  ? -1.489  -4.361  -7.856  1.00 36.88 ? 9   DG  A OP2   1 
ATOM   143 O "O5'" . DG  A 1 8  ? -0.760  -4.803  -10.154 1.00 58.34 ? 9   DG  A "O5'" 1 
ATOM   144 C "C5'" . DG  A 1 8  ? -0.657  -5.557  -11.350 1.00 63.87 ? 9   DG  A "C5'" 1 
ATOM   145 C "C4'" . DG  A 1 8  ? -0.495  -4.629  -12.530 1.00 49.20 ? 9   DG  A "C4'" 1 
ATOM   146 O "O4'" . DG  A 1 8  ? -1.710  -3.874  -12.757 1.00 53.55 ? 9   DG  A "O4'" 1 
ATOM   147 C "C3'" . DG  A 1 8  ? 0.598   -3.587  -12.368 1.00 40.81 ? 9   DG  A "C3'" 1 
ATOM   148 O "O3'" . DG  A 1 8  ? 1.266   -3.471  -13.615 1.00 64.17 ? 9   DG  A "O3'" 1 
ATOM   149 C "C2'" . DG  A 1 8  ? -0.192  -2.328  -12.064 1.00 27.40 ? 9   DG  A "C2'" 1 
ATOM   150 C "C1'" . DG  A 1 8  ? -1.397  -2.531  -12.923 1.00 18.94 ? 9   DG  A "C1'" 1 
ATOM   151 N N9    . DG  A 1 8  ? -2.546  -1.760  -12.519 1.00 24.64 ? 9   DG  A N9    1 
ATOM   152 C C8    . DG  A 1 8  ? -2.788  -1.278  -11.274 1.00 21.45 ? 9   DG  A C8    1 
ATOM   153 N N7    . DG  A 1 8  ? -3.880  -0.558  -11.215 1.00 42.31 ? 9   DG  A N7    1 
ATOM   154 C C5    . DG  A 1 8  ? -4.386  -0.585  -12.504 1.00 29.39 ? 9   DG  A C5    1 
ATOM   155 C C6    . DG  A 1 8  ? -5.526  0.032   -13.039 1.00 30.12 ? 9   DG  A C6    1 
ATOM   156 O O6    . DG  A 1 8  ? -6.310  0.778   -12.490 1.00 63.84 ? 9   DG  A O6    1 
ATOM   157 N N1    . DG  A 1 8  ? -5.701  -0.263  -14.362 1.00 27.43 ? 9   DG  A N1    1 
ATOM   158 C C2    . DG  A 1 8  ? -4.856  -1.025  -15.098 1.00 40.68 ? 9   DG  A C2    1 
ATOM   159 N N2    . DG  A 1 8  ? -5.203  -1.169  -16.365 1.00 47.78 ? 9   DG  A N2    1 
ATOM   160 N N3    . DG  A 1 8  ? -3.755  -1.597  -14.627 1.00 32.32 ? 9   DG  A N3    1 
ATOM   161 C C4    . DG  A 1 8  ? -3.592  -1.336  -13.321 1.00 21.28 ? 9   DG  A C4    1 
ATOM   162 P P     . DA  A 1 9  ? 2.820   -3.072  -13.657 1.00 81.37 ? 10  DA  A P     1 
ATOM   163 O OP1   . DA  A 1 9  ? 3.686   -4.296  -13.662 1.00 79.18 ? 10  DA  A OP1   1 
ATOM   164 O OP2   . DA  A 1 9  ? 3.034   -2.005  -12.627 1.00 76.35 ? 10  DA  A OP2   1 
ATOM   165 O "O5'" . DA  A 1 9  ? 2.958   -2.393  -15.090 1.00 89.32 ? 10  DA  A "O5'" 1 
ATOM   166 C "C5'" . DA  A 1 9  ? 2.451   -3.024  -16.257 1.00 70.88 ? 10  DA  A "C5'" 1 
ATOM   167 C "C4'" . DA  A 1 9  ? 1.914   -1.981  -17.208 1.00 71.49 ? 10  DA  A "C4'" 1 
ATOM   168 O "O4'" . DA  A 1 9  ? 0.714   -1.376  -16.665 1.00 64.90 ? 10  DA  A "O4'" 1 
ATOM   169 C "C3'" . DA  A 1 9  ? 2.868   -0.827  -17.503 1.00 75.51 ? 10  DA  A "C3'" 1 
ATOM   170 O "O3'" . DA  A 1 9  ? 2.941   -0.641  -18.916 1.00 97.93 ? 10  DA  A "O3'" 1 
ATOM   171 C "C2'" . DA  A 1 9  ? 2.218   0.366   -16.812 1.00 56.53 ? 10  DA  A "C2'" 1 
ATOM   172 C "C1'" . DA  A 1 9  ? 0.744   0.018   -16.849 1.00 36.15 ? 10  DA  A "C1'" 1 
ATOM   173 N N9    . DA  A 1 9  ? -0.045  0.606   -15.779 1.00 29.88 ? 10  DA  A N9    1 
ATOM   174 C C8    . DA  A 1 9  ? 0.264   0.604   -14.443 1.00 31.50 ? 10  DA  A C8    1 
ATOM   175 N N7    . DA  A 1 9  ? -0.648  1.188   -13.687 1.00 42.28 ? 10  DA  A N7    1 
ATOM   176 C C5    . DA  A 1 9  ? -1.616  1.600   -14.591 1.00 29.02 ? 10  DA  A C5    1 
ATOM   177 C C6    . DA  A 1 9  ? -2.846  2.276   -14.427 1.00 39.42 ? 10  DA  A C6    1 
ATOM   178 N N6    . DA  A 1 9  ? -3.349  2.636   -13.249 1.00 32.66 ? 10  DA  A N6    1 
ATOM   179 N N1    . DA  A 1 9  ? -3.560  2.561   -15.531 1.00 39.61 ? 10  DA  A N1    1 
ATOM   180 C C2    . DA  A 1 9  ? -3.086  2.150   -16.712 1.00 47.16 ? 10  DA  A C2    1 
ATOM   181 N N3    . DA  A 1 9  ? -1.957  1.480   -16.995 1.00 39.52 ? 10  DA  A N3    1 
ATOM   182 C C4    . DA  A 1 9  ? -1.253  1.249   -15.883 1.00 27.03 ? 10  DA  A C4    1 
ATOM   183 P P     . DC  A 1 10 ? 3.916   0.473   -19.525 1.00 88.39 ? 11  DC  A P     1 
ATOM   184 O OP1   . DC  A 1 10 ? 4.303   -0.082  -20.840 1.00 86.66 ? 11  DC  A OP1   1 
ATOM   185 O OP2   . DC  A 1 10 ? 4.971   0.803   -18.543 1.00 84.35 ? 11  DC  A OP2   1 
ATOM   186 O "O5'" . DC  A 1 10 ? 2.937   1.721   -19.693 1.00 57.98 ? 11  DC  A "O5'" 1 
ATOM   187 C "C5'" . DC  A 1 10 ? 1.692   1.544   -20.350 1.00 62.73 ? 11  DC  A "C5'" 1 
ATOM   188 C "C4'" . DC  A 1 10 ? 0.949   2.852   -20.420 1.00 79.29 ? 11  DC  A "C4'" 1 
ATOM   189 O "O4'" . DC  A 1 10 ? 0.136   3.070   -19.235 1.00 75.02 ? 11  DC  A "O4'" 1 
ATOM   190 C "C3'" . DC  A 1 10 ? 1.879   4.058   -20.532 1.00 91.06 ? 11  DC  A "C3'" 1 
ATOM   191 O "O3'" . DC  A 1 10 ? 1.369   5.004   -21.483 1.00 96.04 ? 11  DC  A "O3'" 1 
ATOM   192 C "C2'" . DC  A 1 10 ? 1.806   4.652   -19.139 1.00 79.09 ? 11  DC  A "C2'" 1 
ATOM   193 C "C1'" . DC  A 1 10 ? 0.362   4.380   -18.773 1.00 53.36 ? 11  DC  A "C1'" 1 
ATOM   194 N N1    . DC  A 1 10 ? 0.133   4.437   -17.323 1.00 37.72 ? 11  DC  A N1    1 
ATOM   195 C C2    . DC  A 1 10 ? -1.100  4.981   -16.807 1.00 51.93 ? 11  DC  A C2    1 
ATOM   196 O O2    . DC  A 1 10 ? -2.066  5.198   -17.576 1.00 47.97 ? 11  DC  A O2    1 
ATOM   197 N N3    . DC  A 1 10 ? -1.204  5.210   -15.481 1.00 44.39 ? 11  DC  A N3    1 
ATOM   198 C C4    . DC  A 1 10 ? -0.204  4.849   -14.665 1.00 51.06 ? 11  DC  A C4    1 
ATOM   199 N N4    . DC  A 1 10 ? -0.349  5.094   -13.369 1.00 49.36 ? 11  DC  A N4    1 
ATOM   200 C C5    . DC  A 1 10 ? 0.995   4.215   -15.149 1.00 40.57 ? 11  DC  A C5    1 
ATOM   201 C C6    . DC  A 1 10 ? 1.120   4.035   -16.470 1.00 35.72 ? 11  DC  A C6    1 
ATOM   202 P P     . DA  A 1 11 ? 2.336   6.148   -22.083 1.00 90.66 ? 12  DA  A P     1 
ATOM   203 O OP1   . DA  A 1 11 ? 3.105   5.503   -23.189 1.00 62.24 ? 12  DA  A OP1   1 
ATOM   204 O OP2   . DA  A 1 11 ? 3.055   6.861   -20.989 1.00 84.92 ? 12  DA  A OP2   1 
ATOM   205 O "O5'" . DA  A 1 11 ? 1.299   7.201   -22.647 1.00 55.13 ? 12  DA  A "O5'" 1 
ATOM   206 C "C5'" . DA  A 1 11 ? -0.076  6.911   -22.594 1.00 65.63 ? 12  DA  A "C5'" 1 
ATOM   207 C "C4'" . DA  A 1 11 ? -0.819  8.053   -21.957 1.00 64.46 ? 12  DA  A "C4'" 1 
ATOM   208 O "O4'" . DA  A 1 11 ? -0.909  7.915   -20.522 1.00 75.55 ? 12  DA  A "O4'" 1 
ATOM   209 C "C3'" . DA  A 1 11 ? -0.150  9.388   -22.221 1.00 71.79 ? 12  DA  A "C3'" 1 
ATOM   210 O "O3'" . DA  A 1 11 ? -1.134  10.351  -22.556 1.00 68.57 ? 12  DA  A "O3'" 1 
ATOM   211 C "C2'" . DA  A 1 11 ? 0.492   9.731   -20.893 1.00 83.92 ? 12  DA  A "C2'" 1 
ATOM   212 C "C1'" . DA  A 1 11 ? -0.450  9.098   -19.895 1.00 65.27 ? 12  DA  A "C1'" 1 
ATOM   213 N N9    . DA  A 1 11 ? 0.214   8.707   -18.657 1.00 49.75 ? 12  DA  A N9    1 
ATOM   214 C C8    . DA  A 1 11 ? 1.445   8.114   -18.518 1.00 44.70 ? 12  DA  A C8    1 
ATOM   215 N N7    . DA  A 1 11 ? 1.769   7.857   -17.277 1.00 50.02 ? 12  DA  A N7    1 
ATOM   216 C C5    . DA  A 1 11 ? 0.676   8.306   -16.552 1.00 46.87 ? 12  DA  A C5    1 
ATOM   217 C C6    . DA  A 1 11 ? 0.402   8.304   -15.178 1.00 48.40 ? 12  DA  A C6    1 
ATOM   218 N N6    . DA  A 1 11 ? 1.262   7.839   -14.267 1.00 34.46 ? 12  DA  A N6    1 
ATOM   219 N N1    . DA  A 1 11 ? -0.785  8.815   -14.768 1.00 51.20 ? 12  DA  A N1    1 
ATOM   220 C C2    . DA  A 1 11 ? -1.619  9.317   -15.701 1.00 53.71 ? 12  DA  A C2    1 
ATOM   221 N N3    . DA  A 1 11 ? -1.462  9.383   -17.029 1.00 55.89 ? 12  DA  A N3    1 
ATOM   222 C C4    . DA  A 1 11 ? -0.282  8.847   -17.390 1.00 48.76 ? 12  DA  A C4    1 
ATOM   223 P P     . DA  A 1 12 ? -0.669  11.809  -23.051 1.00 68.72 ? 13  DA  A P     1 
ATOM   224 O OP1   . DA  A 1 12 ? -1.530  12.197  -24.204 1.00 68.64 ? 13  DA  A OP1   1 
ATOM   225 O OP2   . DA  A 1 12 ? 0.847   11.869  -23.172 1.00 68.66 ? 13  DA  A OP2   1 
ATOM   226 O "O5'" . DA  A 1 12 ? -1.137  12.734  -21.856 1.00 68.58 ? 13  DA  A "O5'" 1 
ATOM   227 C "C5'" . DA  A 1 12 ? -2.335  12.443  -21.163 1.00 91.10 ? 13  DA  A "C5'" 1 
ATOM   228 C "C4'" . DA  A 1 12 ? -2.310  13.195  -19.865 1.00 91.01 ? 13  DA  A "C4'" 1 
ATOM   229 O "O4'" . DA  A 1 12 ? -1.557  12.454  -18.872 1.00 69.33 ? 13  DA  A "O4'" 1 
ATOM   230 C "C3'" . DA  A 1 12 ? -1.561  14.516  -20.073 1.00 58.58 ? 13  DA  A "C3'" 1 
ATOM   231 O "O3'" . DA  A 1 12 ? -2.200  15.546  -19.338 1.00 58.61 ? 13  DA  A "O3'" 1 
ATOM   232 C "C2'" . DA  A 1 12 ? -0.198  14.246  -19.477 1.00 78.39 ? 13  DA  A "C2'" 1 
ATOM   233 C "C1'" . DA  A 1 12 ? -0.577  13.331  -18.341 1.00 64.31 ? 13  DA  A "C1'" 1 
ATOM   234 N N9    . DA  A 1 12 ? 0.518   12.533  -17.819 1.00 49.08 ? 13  DA  A N9    1 
ATOM   235 C C8    . DA  A 1 12 ? 1.617   12.015  -18.457 1.00 37.89 ? 13  DA  A C8    1 
ATOM   236 N N7    . DA  A 1 12 ? 2.409   11.341  -17.660 1.00 55.22 ? 13  DA  A N7    1 
ATOM   237 C C5    . DA  A 1 12 ? 1.779   11.422  -16.421 1.00 41.92 ? 13  DA  A C5    1 
ATOM   238 C C6    . DA  A 1 12 ? 2.097   10.900  -15.171 1.00 35.62 ? 13  DA  A C6    1 
ATOM   239 N N6    . DA  A 1 12 ? 3.175   10.164  -14.946 1.00 65.85 ? 13  DA  A N6    1 
ATOM   240 N N1    . DA  A 1 12 ? 1.263   11.152  -14.147 1.00 37.72 ? 13  DA  A N1    1 
ATOM   241 C C2    . DA  A 1 12 ? 0.181   11.885  -14.382 1.00 44.96 ? 13  DA  A C2    1 
ATOM   242 N N3    . DA  A 1 12 ? -0.229  12.435  -15.518 1.00 37.41 ? 13  DA  A N3    1 
ATOM   243 C C4    . DA  A 1 12 ? 0.626   12.156  -16.508 1.00 39.46 ? 13  DA  A C4    1 
ATOM   244 P P     . DG  A 1 13 ? -2.072  17.068  -19.836 1.00 58.85 ? 14  DG  A P     1 
ATOM   245 O OP1   . DG  A 1 13 ? -3.286  17.437  -20.680 1.00 58.56 ? 14  DG  A OP1   1 
ATOM   246 O OP2   . DG  A 1 13 ? -0.664  17.150  -20.428 1.00 58.66 ? 14  DG  A OP2   1 
ATOM   247 O "O5'" . DG  A 1 13 ? -2.120  17.910  -18.466 1.00 58.57 ? 14  DG  A "O5'" 1 
ATOM   248 C "C5'" . DG  A 1 13 ? -3.151  17.688  -17.499 1.00 88.12 ? 14  DG  A "C5'" 1 
ATOM   249 C "C4'" . DG  A 1 13 ? -2.575  17.684  -16.101 1.00 71.71 ? 14  DG  A "C4'" 1 
ATOM   250 O "O4'" . DG  A 1 13 ? -1.600  16.610  -15.939 1.00 74.08 ? 14  DG  A "O4'" 1 
ATOM   251 C "C3'" . DG  A 1 13 ? -1.861  18.970  -15.679 1.00 72.22 ? 14  DG  A "C3'" 1 
ATOM   252 O "O3'" . DG  A 1 13 ? -2.271  19.312  -14.341 1.00 58.61 ? 14  DG  A "O3'" 1 
ATOM   253 C "C2'" . DG  A 1 13 ? -0.399  18.540  -15.643 1.00 71.74 ? 14  DG  A "C2'" 1 
ATOM   254 C "C1'" . DG  A 1 13 ? -0.532  17.107  -15.159 1.00 56.77 ? 14  DG  A "C1'" 1 
ATOM   255 N N9    . DG  A 1 13 ? 0.629   16.222  -15.305 1.00 44.07 ? 14  DG  A N9    1 
ATOM   256 C C8    . DG  A 1 13 ? 1.289   15.926  -16.464 1.00 39.46 ? 14  DG  A C8    1 
ATOM   257 N N7    . DG  A 1 13 ? 2.323   15.135  -16.284 1.00 50.17 ? 14  DG  A N7    1 
ATOM   258 C C5    . DG  A 1 13 ? 2.335   14.869  -14.921 1.00 34.86 ? 14  DG  A C5    1 
ATOM   259 C C6    . DG  A 1 13 ? 3.231   14.060  -14.143 1.00 42.58 ? 14  DG  A C6    1 
ATOM   260 O O6    . DG  A 1 13 ? 4.184   13.372  -14.538 1.00 47.96 ? 14  DG  A O6    1 
ATOM   261 N N1    . DG  A 1 13 ? 2.919   14.103  -12.780 1.00 27.95 ? 14  DG  A N1    1 
ATOM   262 C C2    . DG  A 1 13 ? 1.875   14.831  -12.246 1.00 35.47 ? 14  DG  A C2    1 
ATOM   263 N N2    . DG  A 1 13 ? 1.776   14.831  -10.926 1.00 41.19 ? 14  DG  A N2    1 
ATOM   264 N N3    . DG  A 1 13 ? 1.005   15.540  -12.962 1.00 39.39 ? 14  DG  A N3    1 
ATOM   265 C C4    . DG  A 1 13 ? 1.302   15.527  -14.288 1.00 42.65 ? 14  DG  A C4    1 
ATOM   266 P P     . DA  A 1 14 ? -3.530  20.328  -14.092 1.00 58.89 ? 15  DA  A P     1 
ATOM   267 O OP1   . DA  A 1 14 ? -3.380  21.045  -12.733 1.00 58.56 ? 15  DA  A OP1   1 
ATOM   268 O OP2   . DA  A 1 14 ? -4.813  19.563  -14.377 1.00 58.58 ? 15  DA  A OP2   1 
ATOM   269 O "O5'" . DA  A 1 14 ? -3.427  21.354  -15.325 1.00 58.55 ? 15  DA  A "O5'" 1 
ATOM   270 C "C5'" . DA  A 1 14 ? -2.498  22.450  -15.350 1.00 68.50 ? 15  DA  A "C5'" 1 
ATOM   271 C "C4'" . DA  A 1 14 ? -2.965  23.499  -16.339 1.00 96.14 ? 15  DA  A "C4'" 1 
ATOM   272 O "O4'" . DA  A 1 14 ? -4.228  24.112  -15.932 1.00 91.18 ? 15  DA  A "O4'" 1 
ATOM   273 C "C3'" . DA  A 1 14 ? -1.983  24.655  -16.484 1.00 68.53 ? 15  DA  A "C3'" 1 
ATOM   274 O "O3'" . DA  A 1 14 ? -2.092  25.127  -17.835 1.00 68.56 ? 15  DA  A "O3'" 1 
ATOM   275 C "C2'" . DA  A 1 14 ? -2.570  25.695  -15.550 1.00 69.26 ? 15  DA  A "C2'" 1 
ATOM   276 C "C1'" . DA  A 1 14 ? -4.057  25.515  -15.797 1.00 63.24 ? 15  DA  A "C1'" 1 
ATOM   277 N N9    . DA  A 1 14 ? -4.847  25.990  -14.664 1.00 47.49 ? 15  DA  A N9    1 
ATOM   278 C C8    . DA  A 1 14 ? -4.786  25.536  -13.383 1.00 33.27 ? 15  DA  A C8    1 
ATOM   279 N N7    . DA  A 1 14 ? -5.492  26.247  -12.538 1.00 51.37 ? 15  DA  A N7    1 
ATOM   280 C C5    . DA  A 1 14 ? -6.074  27.229  -13.324 1.00 43.70 ? 15  DA  A C5    1 
ATOM   281 C C6    . DA  A 1 14 ? -6.900  28.356  -13.016 1.00 47.48 ? 15  DA  A C6    1 
ATOM   282 N N6    . DA  A 1 14 ? -7.229  28.760  -11.780 1.00 49.34 ? 15  DA  A N6    1 
ATOM   283 N N1    . DA  A 1 14 ? -7.347  29.099  -14.045 1.00 43.41 ? 15  DA  A N1    1 
ATOM   284 C C2    . DA  A 1 14 ? -6.944  28.776  -15.278 1.00 55.86 ? 15  DA  A C2    1 
ATOM   285 N N3    . DA  A 1 14 ? -6.131  27.787  -15.681 1.00 57.63 ? 15  DA  A N3    1 
ATOM   286 C C4    . DA  A 1 14 ? -5.731  27.044  -14.644 1.00 43.06 ? 15  DA  A C4    1 
ATOM   287 O "O5'" . DA  B 2 1  ? 14.518  11.112  -15.136 1.00 82.99 ? 16  DA  B "O5'" 1 
ATOM   288 C "C5'" . DA  B 2 1  ? 15.705  10.951  -14.333 1.00 94.85 ? 16  DA  B "C5'" 1 
ATOM   289 C "C4'" . DA  B 2 1  ? 15.813  11.725  -13.034 1.00 86.15 ? 16  DA  B "C4'" 1 
ATOM   290 O "O4'" . DA  B 2 1  ? 15.632  13.138  -13.321 1.00 70.50 ? 16  DA  B "O4'" 1 
ATOM   291 C "C3'" A DA  B 2 1  ? 15.004  11.475  -11.753 0.50 76.42 ? 16  DA  B "C3'" 1 
ATOM   292 C "C3'" B DA  B 2 1  ? 14.584  11.289  -12.235 0.50 81.35 ? 16  DA  B "C3'" 1 
ATOM   293 O "O3'" A DA  B 2 1  ? 15.922  11.671  -10.649 0.50 65.58 ? 16  DA  B "O3'" 1 
ATOM   294 O "O3'" B DA  B 2 1  ? 14.740  10.318  -11.191 0.50 76.53 ? 16  DA  B "O3'" 1 
ATOM   295 C "C2'" . DA  B 2 1  ? 13.921  12.565  -11.779 1.00 73.74 ? 16  DA  B "C2'" 1 
ATOM   296 C "C1'" . DA  B 2 1  ? 14.548  13.696  -12.590 1.00 48.44 ? 16  DA  B "C1'" 1 
ATOM   297 N N9    . DA  B 2 1  ? 13.562  14.144  -13.573 1.00 45.56 ? 16  DA  B N9    1 
ATOM   298 C C8    . DA  B 2 1  ? 13.401  13.725  -14.882 1.00 45.84 ? 16  DA  B C8    1 
ATOM   299 N N7    . DA  B 2 1  ? 12.341  14.243  -15.484 1.00 37.66 ? 16  DA  B N7    1 
ATOM   300 C C5    . DA  B 2 1  ? 11.789  15.055  -14.518 1.00 35.18 ? 16  DA  B C5    1 
ATOM   301 C C6    . DA  B 2 1  ? 10.665  15.833  -14.525 1.00 35.30 ? 16  DA  B C6    1 
ATOM   302 N N6    . DA  B 2 1  ? 9.839   15.913  -15.569 1.00 39.95 ? 16  DA  B N6    1 
ATOM   303 N N1    . DA  B 2 1  ? 10.390  16.537  -13.408 1.00 47.96 ? 16  DA  B N1    1 
ATOM   304 C C2    . DA  B 2 1  ? 11.220  16.432  -12.353 1.00 40.87 ? 16  DA  B C2    1 
ATOM   305 N N3    . DA  B 2 1  ? 12.320  15.704  -12.221 1.00 31.69 ? 16  DA  B N3    1 
ATOM   306 C C4    . DA  B 2 1  ? 12.548  15.031  -13.348 1.00 33.58 ? 16  DA  B C4    1 
ATOM   307 P P     A DT  B 2 2  ? 15.517  11.222  -9.158  0.50 59.39 ? 17  DT  B P     1 
ATOM   308 P P     B DT  B 2 2  ? 13.501  9.314   -10.894 0.50 76.04 ? 17  DT  B P     1 
ATOM   309 O OP1   A DT  B 2 2  ? 16.360  12.015  -8.216  0.50 56.86 ? 17  DT  B OP1   1 
ATOM   310 O OP1   B DT  B 2 2  ? 13.720  8.623   -9.596  0.50 78.02 ? 17  DT  B OP1   1 
ATOM   311 O OP2   A DT  B 2 2  ? 15.546  9.744   -9.085  0.50 58.70 ? 17  DT  B OP2   1 
ATOM   312 O OP2   B DT  B 2 2  ? 13.166  8.497   -12.110 0.50 55.50 ? 17  DT  B OP2   1 
ATOM   313 O "O5'" A DT  B 2 2  ? 14.035  11.776  -9.029  0.50 48.16 ? 17  DT  B "O5'" 1 
ATOM   314 O "O5'" B DT  B 2 2  ? 12.305  10.341  -10.684 0.50 60.25 ? 17  DT  B "O5'" 1 
ATOM   315 C "C5'" A DT  B 2 2  ? 12.918  10.941  -8.778  0.50 45.91 ? 17  DT  B "C5'" 1 
ATOM   316 C "C5'" B DT  B 2 2  ? 11.482  10.243  -9.552  0.50 56.56 ? 17  DT  B "C5'" 1 
ATOM   317 C "C4'" A DT  B 2 2  ? 11.798  11.822  -8.289  0.50 58.34 ? 17  DT  B "C4'" 1 
ATOM   318 C "C4'" B DT  B 2 2  ? 11.657  11.434  -8.639  0.50 60.10 ? 17  DT  B "C4'" 1 
ATOM   319 O "O4'" . DT  B 2 2  ? 11.369  12.666  -9.351  1.00 53.55 ? 17  DT  B "O4'" 1 
ATOM   320 C "C3'" . DT  B 2 2  ? 10.526  11.280  -7.641  1.00 69.22 ? 17  DT  B "C3'" 1 
ATOM   321 O "O3'" . DT  B 2 2  ? 10.674  11.764  -6.346  1.00 76.67 ? 17  DT  B "O3'" 1 
ATOM   322 C "C2'" . DT  B 2 2  ? 9.381   11.992  -8.326  1.00 55.47 ? 17  DT  B "C2'" 1 
ATOM   323 C "C1'" . DT  B 2 2  ? 10.064  13.112  -9.065  1.00 41.40 ? 17  DT  B "C1'" 1 
ATOM   324 N N1    . DT  B 2 2  ? 9.427   13.355  -10.342 1.00 40.23 ? 17  DT  B N1    1 
ATOM   325 C C2    . DT  B 2 2  ? 8.417   14.252  -10.363 1.00 38.32 ? 17  DT  B C2    1 
ATOM   326 O O2    . DT  B 2 2  ? 8.039   14.835  -9.348  1.00 58.21 ? 17  DT  B O2    1 
ATOM   327 N N3    . DT  B 2 2  ? 7.860   14.450  -11.612 1.00 31.12 ? 17  DT  B N3    1 
ATOM   328 C C4    . DT  B 2 2  ? 8.238   13.848  -12.803 1.00 37.12 ? 17  DT  B C4    1 
ATOM   329 O O4    . DT  B 2 2  ? 7.693   14.151  -13.875 1.00 44.74 ? 17  DT  B O4    1 
ATOM   330 C C5    . DT  B 2 2  ? 9.287   12.904  -12.689 1.00 26.83 ? 17  DT  B C5    1 
ATOM   331 C C7    . DT  B 2 2  ? 9.717   12.184  -13.920 1.00 26.12 ? 17  DT  B C7    1 
ATOM   332 C C6    . DT  B 2 2  ? 9.835   12.701  -11.483 1.00 21.87 ? 17  DT  B C6    1 
ATOM   333 P P     . DC  B 2 3  ? 9.958   10.969  -5.211  1.00 77.98 ? 18  DC  B P     1 
ATOM   334 O OP1   . DC  B 2 3  ? 10.434  11.449  -3.889  1.00 75.58 ? 18  DC  B OP1   1 
ATOM   335 O OP2   . DC  B 2 3  ? 10.149  9.551   -5.627  1.00 81.89 ? 18  DC  B OP2   1 
ATOM   336 O "O5'" . DC  B 2 3  ? 8.478   11.455  -5.440  1.00 59.34 ? 18  DC  B "O5'" 1 
ATOM   337 C "C5'" . DC  B 2 3  ? 8.176   12.765  -5.081  1.00 54.33 ? 18  DC  B "C5'" 1 
ATOM   338 C "C4'" . DC  B 2 3  ? 6.765   13.073  -5.477  1.00 53.69 ? 18  DC  B "C4'" 1 
ATOM   339 O "O4'" . DC  B 2 3  ? 6.694   13.154  -6.911  1.00 53.73 ? 18  DC  B "O4'" 1 
ATOM   340 C "C3'" . DC  B 2 3  ? 5.745   12.018  -5.071  1.00 40.84 ? 18  DC  B "C3'" 1 
ATOM   341 O "O3'" . DC  B 2 3  ? 4.588   12.712  -4.600  1.00 48.73 ? 18  DC  B "O3'" 1 
ATOM   342 C "C2'" . DC  B 2 3  ? 5.428   11.354  -6.396  1.00 46.65 ? 18  DC  B "C2'" 1 
ATOM   343 C "C1'" . DC  B 2 3  ? 5.491   12.561  -7.288  1.00 31.67 ? 18  DC  B "C1'" 1 
ATOM   344 N N1    . DC  B 2 3  ? 5.550   12.344  -8.725  1.00 31.86 ? 18  DC  B N1    1 
ATOM   345 C C2    . DC  B 2 3  ? 4.678   13.060  -9.522  1.00 24.36 ? 18  DC  B C2    1 
ATOM   346 O O2    . DC  B 2 3  ? 3.905   13.852  -8.963  1.00 42.44 ? 18  DC  B O2    1 
ATOM   347 N N3    . DC  B 2 3  ? 4.701   12.888  -10.872 1.00 25.22 ? 18  DC  B N3    1 
ATOM   348 C C4    . DC  B 2 3  ? 5.571   12.022  -11.406 1.00 25.25 ? 18  DC  B C4    1 
ATOM   349 N N4    . DC  B 2 3  ? 5.563   11.842  -12.715 1.00 31.12 ? 18  DC  B N4    1 
ATOM   350 C C5    . DC  B 2 3  ? 6.483   11.288  -10.613 1.00 20.30 ? 18  DC  B C5    1 
ATOM   351 C C6    . DC  B 2 3  ? 6.439   11.474  -9.277  1.00 22.94 ? 18  DC  B C6    1 
ATOM   352 P P     . DT  B 2 4  ? 3.679   12.077  -3.431  1.00 58.78 ? 19  DT  B P     1 
ATOM   353 O OP1   . DT  B 2 4  ? 3.503   13.027  -2.303  1.00 49.97 ? 19  DT  B OP1   1 
ATOM   354 O OP2   . DT  B 2 4  ? 4.157   10.687  -3.156  1.00 55.14 ? 19  DT  B OP2   1 
ATOM   355 O "O5'" . DT  B 2 4  ? 2.265   12.053  -4.141  1.00 47.87 ? 19  DT  B "O5'" 1 
ATOM   356 C "C5'" . DT  B 2 4  ? 2.207   12.104  -5.547  1.00 39.18 ? 19  DT  B "C5'" 1 
ATOM   357 C "C4'" . DT  B 2 4  ? 0.925   12.755  -5.989  1.00 49.67 ? 19  DT  B "C4'" 1 
ATOM   358 O "O4'" . DT  B 2 4  ? 1.104   12.937  -7.402  1.00 53.12 ? 19  DT  B "O4'" 1 
ATOM   359 C "C3'" . DT  B 2 4  ? -0.319  11.882  -5.818  1.00 58.38 ? 19  DT  B "C3'" 1 
ATOM   360 O "O3'" . DT  B 2 4  ? -1.491  12.625  -5.466  1.00 62.86 ? 19  DT  B "O3'" 1 
ATOM   361 C "C2'" . DT  B 2 4  ? -0.485  11.207  -7.167  1.00 65.07 ? 19  DT  B "C2'" 1 
ATOM   362 C "C1'" . DT  B 2 4  ? 0.218   12.132  -8.149  1.00 45.33 ? 19  DT  B "C1'" 1 
ATOM   363 N N1    . DT  B 2 4  ? 1.025   11.415  -9.141  1.00 27.61 ? 19  DT  B N1    1 
ATOM   364 C C2    . DT  B 2 4  ? 0.663   11.501  -10.457 1.00 27.91 ? 19  DT  B C2    1 
ATOM   365 O O2    . DT  B 2 4  ? -0.304  12.144  -10.826 1.00 52.74 ? 19  DT  B O2    1 
ATOM   366 N N3    . DT  B 2 4  ? 1.460   10.803  -11.319 1.00 22.70 ? 19  DT  B N3    1 
ATOM   367 C C4    . DT  B 2 4  ? 2.541   10.045  -10.988 1.00 23.36 ? 19  DT  B C4    1 
ATOM   368 O O4    . DT  B 2 4  ? 3.178   9.447   -11.844 1.00 32.85 ? 19  DT  B O4    1 
ATOM   369 C C5    . DT  B 2 4  ? 2.858   10.003  -9.609  1.00 24.18 ? 19  DT  B C5    1 
ATOM   370 C C7    . DT  B 2 4  ? 4.038   9.194   -9.195  1.00 55.96 ? 19  DT  B C7    1 
ATOM   371 C C6    . DT  B 2 4  ? 2.100   10.681  -8.751  1.00 25.76 ? 19  DT  B C6    1 
ATOM   372 P P     . DT  B 2 5  ? -2.809  11.840  -4.972  1.00 60.12 ? 20  DT  B P     1 
ATOM   373 O OP1   . DT  B 2 5  ? -3.607  12.683  -4.032  1.00 66.64 ? 20  DT  B OP1   1 
ATOM   374 O OP2   . DT  B 2 5  ? -2.376  10.486  -4.539  1.00 71.23 ? 20  DT  B OP2   1 
ATOM   375 O "O5'" . DT  B 2 5  ? -3.622  11.699  -6.325  1.00 66.68 ? 20  DT  B "O5'" 1 
ATOM   376 C "C5'" . DT  B 2 5  ? -4.031  12.855  -7.023  1.00 76.22 ? 20  DT  B "C5'" 1 
ATOM   377 C "C4'" . DT  B 2 5  ? -4.617  12.486  -8.360  1.00 66.47 ? 20  DT  B "C4'" 1 
ATOM   378 O "O4'" . DT  B 2 5  ? -3.565  12.029  -9.243  1.00 57.34 ? 20  DT  B "O4'" 1 
ATOM   379 C "C3'" . DT  B 2 5  ? -5.665  11.384  -8.318  1.00 64.92 ? 20  DT  B "C3'" 1 
ATOM   380 O "O3'" . DT  B 2 5  ? -6.864  11.843  -8.931  1.00 75.95 ? 20  DT  B "O3'" 1 
ATOM   381 C "C2'" . DT  B 2 5  ? -5.034  10.250  -9.114  1.00 63.85 ? 20  DT  B "C2'" 1 
ATOM   382 C "C1'" . DT  B 2 5  ? -4.046  10.963  -10.022 1.00 48.09 ? 20  DT  B "C1'" 1 
ATOM   383 N N1    . DT  B 2 5  ? -2.873  10.161  -10.491 1.00 46.75 ? 20  DT  B N1    1 
ATOM   384 C C2    . DT  B 2 5  ? -2.529  10.203  -11.837 1.00 49.64 ? 20  DT  B C2    1 
ATOM   385 O O2    . DT  B 2 5  ? -3.038  10.970  -12.641 1.00 66.43 ? 20  DT  B O2    1 
ATOM   386 N N3    . DT  B 2 5  ? -1.537  9.330   -12.202 1.00 36.64 ? 20  DT  B N3    1 
ATOM   387 C C4    . DT  B 2 5  ? -0.837  8.481   -11.373 1.00 27.99 ? 20  DT  B C4    1 
ATOM   388 O O4    . DT  B 2 5  ? 0.001   7.713   -11.833 1.00 44.67 ? 20  DT  B O4    1 
ATOM   389 C C5    . DT  B 2 5  ? -1.168  8.564   -9.989  1.00 42.37 ? 20  DT  B C5    1 
ATOM   390 C C7    . DT  B 2 5  ? -0.367  7.745   -9.028  1.00 42.80 ? 20  DT  B C7    1 
ATOM   391 C C6    . DT  B 2 5  ? -2.169  9.378   -9.612  1.00 42.71 ? 20  DT  B C6    1 
ATOM   392 P P     . DG  B 2 6  ? -8.297  11.177  -8.513  1.00 68.67 ? 21  DG  B P     1 
ATOM   393 O OP1   . DG  B 2 6  ? -9.224  12.259  -7.991  1.00 68.56 ? 21  DG  B OP1   1 
ATOM   394 O OP2   . DG  B 2 6  ? -8.158  9.884   -7.731  1.00 68.45 ? 21  DG  B OP2   1 
ATOM   395 O "O5'" . DG  B 2 6  ? -8.915  10.826  -9.944  1.00 68.56 ? 21  DG  B "O5'" 1 
ATOM   396 C "C5'" . DG  B 2 6  ? -8.895  11.818  -11.012 1.00 48.58 ? 21  DG  B "C5'" 1 
ATOM   397 C "C4'" . DG  B 2 6  ? -8.677  11.118  -12.345 1.00 48.61 ? 21  DG  B "C4'" 1 
ATOM   398 O "O4'" . DG  B 2 6  ? -7.318  10.532  -12.353 1.00 48.46 ? 21  DG  B "O4'" 1 
ATOM   399 C "C3'" . DG  B 2 6  ? -9.667  9.957   -12.635 1.00 48.60 ? 21  DG  B "C3'" 1 
ATOM   400 O "O3'" . DG  B 2 6  ? -10.303 10.028  -13.940 1.00 68.53 ? 21  DG  B "O3'" 1 
ATOM   401 C "C2'" . DG  B 2 6  ? -8.781  8.722   -12.563 1.00 48.60 ? 21  DG  B "C2'" 1 
ATOM   402 C "C1'" . DG  B 2 6  ? -7.418  9.263   -12.971 1.00 48.52 ? 21  DG  B "C1'" 1 
ATOM   403 N N9    . DG  B 2 6  ? -6.351  8.393   -12.481 1.00 58.81 ? 21  DG  B N9    1 
ATOM   404 C C8    . DG  B 2 6  ? -6.231  7.892   -11.206 1.00 40.49 ? 21  DG  B C8    1 
ATOM   405 N N7    . DG  B 2 6  ? -5.256  7.011   -11.097 1.00 46.76 ? 21  DG  B N7    1 
ATOM   406 C C5    . DG  B 2 6  ? -4.683  6.961   -12.364 1.00 48.47 ? 21  DG  B C5    1 
ATOM   407 C C6    . DG  B 2 6  ? -3.560  6.194   -12.859 1.00 58.07 ? 21  DG  B C6    1 
ATOM   408 O O6    . DG  B 2 6  ? -2.829  5.404   -12.231 1.00 64.66 ? 21  DG  B O6    1 
ATOM   409 N N1    . DG  B 2 6  ? -3.309  6.447   -14.207 1.00 52.45 ? 21  DG  B N1    1 
ATOM   410 C C2    . DG  B 2 6  ? -4.016  7.330   -14.987 1.00 53.15 ? 21  DG  B C2    1 
ATOM   411 N N2    . DG  B 2 6  ? -3.653  7.380   -16.281 1.00 75.60 ? 21  DG  B N2    1 
ATOM   412 N N3    . DG  B 2 6  ? -5.022  8.095   -14.539 1.00 50.92 ? 21  DG  B N3    1 
ATOM   413 C C4    . DG  B 2 6  ? -5.310  7.845   -13.237 1.00 47.18 ? 21  DG  B C4    1 
ATOM   414 P P     . DT  B 2 7  ? -11.458 8.951   -14.368 1.00 68.35 ? 22  DT  B P     1 
ATOM   415 O OP1   . DT  B 2 7  ? -12.694 9.698   -14.807 1.00 62.91 ? 22  DT  B OP1   1 
ATOM   416 O OP2   . DT  B 2 7  ? -11.562 7.886   -13.347 1.00 72.63 ? 22  DT  B OP2   1 
ATOM   417 O "O5'" . DT  B 2 7  ? -10.803 8.305   -15.653 1.00 73.77 ? 22  DT  B "O5'" 1 
ATOM   418 C "C5'" . DT  B 2 7  ? -10.166 9.153   -16.578 1.00 59.51 ? 22  DT  B "C5'" 1 
ATOM   419 C "C4'" . DT  B 2 7  ? -9.461  8.323   -17.614 1.00 69.55 ? 22  DT  B "C4'" 1 
ATOM   420 O "O4'" . DT  B 2 7  ? -8.307  7.669   -17.026 1.00 75.48 ? 22  DT  B "O4'" 1 
ATOM   421 C "C3'" . DT  B 2 7  ? -10.314 7.215   -18.231 1.00 62.99 ? 22  DT  B "C3'" 1 
ATOM   422 O "O3'" . DT  B 2 7  ? -10.114 7.138   -19.651 1.00 77.22 ? 22  DT  B "O3'" 1 
ATOM   423 C "C2'" . DT  B 2 7  ? -9.782  5.957   -17.567 1.00 73.17 ? 22  DT  B "C2'" 1 
ATOM   424 C "C1'" . DT  B 2 7  ? -8.321  6.290   -17.340 1.00 50.14 ? 22  DT  B "C1'" 1 
ATOM   425 N N1    . DT  B 2 7  ? -7.724  5.563   -16.205 1.00 49.51 ? 22  DT  B N1    1 
ATOM   426 C C2    . DT  B 2 7  ? -6.551  4.852   -16.420 1.00 49.84 ? 22  DT  B C2    1 
ATOM   427 O O2    . DT  B 2 7  ? -5.970  4.840   -17.494 1.00 42.71 ? 22  DT  B O2    1 
ATOM   428 N N3    . DT  B 2 7  ? -6.082  4.155   -15.312 1.00 52.75 ? 22  DT  B N3    1 
ATOM   429 C C4    . DT  B 2 7  ? -6.652  4.126   -14.036 1.00 43.72 ? 22  DT  B C4    1 
ATOM   430 O O4    . DT  B 2 7  ? -6.133  3.447   -13.139 1.00 38.59 ? 22  DT  B O4    1 
ATOM   431 C C5    . DT  B 2 7  ? -7.852  4.933   -13.879 1.00 29.47 ? 22  DT  B C5    1 
ATOM   432 C C7    . DT  B 2 7  ? -8.488  5.024   -12.534 1.00 25.17 ? 22  DT  B C7    1 
ATOM   433 C C6    . DT  B 2 7  ? -8.332  5.586   -14.956 1.00 34.67 ? 22  DT  B C6    1 
ATOM   434 P P     . DC  B 2 8  ? -10.996 6.114   -20.520 1.00 87.73 ? 23  DC  B P     1 
ATOM   435 O OP1   . DC  B 2 8  ? -10.971 6.571   -21.931 1.00 92.66 ? 23  DC  B OP1   1 
ATOM   436 O OP2   . DC  B 2 8  ? -12.302 5.974   -19.816 1.00 81.55 ? 23  DC  B OP2   1 
ATOM   437 O "O5'" . DC  B 2 8  ? -10.180 4.742   -20.437 1.00 69.20 ? 23  DC  B "O5'" 1 
ATOM   438 C "C5'" . DC  B 2 8  ? -9.017  4.528   -21.246 1.00 69.65 ? 23  DC  B "C5'" 1 
ATOM   439 C "C4'" . DC  B 2 8  ? -8.572  3.080   -21.176 1.00 78.97 ? 23  DC  B "C4'" 1 
ATOM   440 O "O4'" . DC  B 2 8  ? -8.032  2.775   -19.858 1.00 79.62 ? 23  DC  B "O4'" 1 
ATOM   441 C "C3'" . DC  B 2 8  ? -9.666  2.029   -21.447 1.00 79.69 ? 23  DC  B "C3'" 1 
ATOM   442 O "O3'" . DC  B 2 8  ? -9.132  0.899   -22.181 1.00 70.39 ? 23  DC  B "O3'" 1 
ATOM   443 C "C2'" . DC  B 2 8  ? -10.033 1.576   -20.046 1.00 83.87 ? 23  DC  B "C2'" 1 
ATOM   444 C "C1'" . DC  B 2 8  ? -8.671  1.608   -19.368 1.00 69.86 ? 23  DC  B "C1'" 1 
ATOM   445 N N1    . DC  B 2 8  ? -8.710  1.654   -17.895 1.00 50.84 ? 23  DC  B N1    1 
ATOM   446 C C2    . DC  B 2 8  ? -7.628  1.094   -17.181 1.00 49.75 ? 23  DC  B C2    1 
ATOM   447 O O2    . DC  B 2 8  ? -6.665  0.639   -17.820 1.00 39.50 ? 23  DC  B O2    1 
ATOM   448 N N3    . DC  B 2 8  ? -7.667  1.064   -15.828 1.00 46.63 ? 23  DC  B N3    1 
ATOM   449 C C4    . DC  B 2 8  ? -8.732  1.573   -15.183 1.00 56.12 ? 23  DC  B C4    1 
ATOM   450 N N4    . DC  B 2 8  ? -8.740  1.506   -13.845 1.00 54.45 ? 23  DC  B N4    1 
ATOM   451 C C5    . DC  B 2 8  ? -9.841  2.172   -15.885 1.00 31.45 ? 23  DC  B C5    1 
ATOM   452 C C6    . DC  B 2 8  ? -9.782  2.196   -17.226 1.00 40.30 ? 23  DC  B C6    1 
ATOM   453 P P     . DA  B 2 9  ? -9.927  0.288   -23.454 1.00 56.18 ? 24  DA  B P     1 
ATOM   454 O OP1   . DA  B 2 9  ? -9.624  1.147   -24.614 1.00 69.59 ? 24  DA  B OP1   1 
ATOM   455 O OP2   . DA  B 2 9  ? -11.361 0.006   -23.116 1.00 49.55 ? 24  DA  B OP2   1 
ATOM   456 O "O5'" . DA  B 2 9  ? -9.131  -1.060  -23.725 1.00 51.83 ? 24  DA  B "O5'" 1 
ATOM   457 C "C5'" . DA  B 2 9  ? -7.764  -1.018  -24.109 1.00 49.47 ? 24  DA  B "C5'" 1 
ATOM   458 C "C4'" . DA  B 2 9  ? -6.969  -2.087  -23.391 1.00 51.24 ? 24  DA  B "C4'" 1 
ATOM   459 O "O4'" . DA  B 2 9  ? -7.061  -1.889  -21.955 1.00 54.18 ? 24  DA  B "O4'" 1 
ATOM   460 C "C3'" . DA  B 2 9  ? -7.364  -3.539  -23.636 1.00 48.67 ? 24  DA  B "C3'" 1 
ATOM   461 O "O3'" . DA  B 2 9  ? -6.176  -4.330  -23.730 1.00 63.68 ? 24  DA  B "O3'" 1 
ATOM   462 C "C2'" . DA  B 2 9  ? -8.163  -3.912  -22.393 1.00 63.37 ? 24  DA  B "C2'" 1 
ATOM   463 C "C1'" . DA  B 2 9  ? -7.512  -3.071  -21.289 1.00 48.24 ? 24  DA  B "C1'" 1 
ATOM   464 N N9    . DA  B 2 9  ? -8.375  -2.653  -20.153 1.00 46.22 ? 24  DA  B N9    1 
ATOM   465 C C8    . DA  B 2 9  ? -9.606  -2.021  -20.215 1.00 39.31 ? 24  DA  B C8    1 
ATOM   466 N N7    . DA  B 2 9  ? -10.117 -1.721  -19.041 1.00 31.32 ? 24  DA  B N7    1 
ATOM   467 C C5    . DA  B 2 9  ? -9.176  -2.193  -18.145 1.00 30.40 ? 24  DA  B C5    1 
ATOM   468 C C6    . DA  B 2 9  ? -9.147  -2.187  -16.747 1.00 33.48 ? 24  DA  B C6    1 
ATOM   469 N N6    . DA  B 2 9  ? -10.133 -1.687  -15.998 1.00 34.58 ? 24  DA  B N6    1 
ATOM   470 N N1    . DA  B 2 9  ? -8.077  -2.728  -16.135 1.00 39.41 ? 24  DA  B N1    1 
ATOM   471 C C2    . DA  B 2 9  ? -7.106  -3.255  -16.901 1.00 47.52 ? 24  DA  B C2    1 
ATOM   472 N N3    . DA  B 2 9  ? -7.022  -3.335  -18.239 1.00 47.30 ? 24  DA  B N3    1 
ATOM   473 C C4    . DA  B 2 9  ? -8.102  -2.778  -18.808 1.00 39.49 ? 24  DA  B C4    1 
ATOM   474 P P     . DA  B 2 10 ? -6.298  -5.901  -24.052 1.00 69.73 ? 25  DA  B P     1 
ATOM   475 O OP1   . DA  B 2 10 ? -5.067  -6.393  -24.741 1.00 62.32 ? 25  DA  B OP1   1 
ATOM   476 O OP2   . DA  B 2 10 ? -7.628  -6.068  -24.677 1.00 66.48 ? 25  DA  B OP2   1 
ATOM   477 O "O5'" . DA  B 2 10 ? -6.320  -6.595  -22.624 1.00 65.34 ? 25  DA  B "O5'" 1 
ATOM   478 C "C5'" . DA  B 2 10 ? -5.112  -6.677  -21.869 1.00 72.31 ? 25  DA  B "C5'" 1 
ATOM   479 C "C4'" . DA  B 2 10 ? -5.364  -7.250  -20.496 1.00 43.26 ? 25  DA  B "C4'" 1 
ATOM   480 O "O4'" . DA  B 2 10 ? -6.315  -6.418  -19.782 1.00 61.02 ? 25  DA  B "O4'" 1 
ATOM   481 C "C3'" . DA  B 2 10 ? -5.953  -8.657  -20.497 1.00 45.26 ? 25  DA  B "C3'" 1 
ATOM   482 O "O3'" . DA  B 2 10 ? -5.282  -9.434  -19.525 1.00 48.38 ? 25  DA  B "O3'" 1 
ATOM   483 C "C2'" . DA  B 2 10 ? -7.393  -8.428  -20.075 1.00 39.70 ? 25  DA  B "C2'" 1 
ATOM   484 C "C1'" . DA  B 2 10 ? -7.227  -7.271  -19.132 1.00 53.08 ? 25  DA  B "C1'" 1 
ATOM   485 N N9    . DA  B 2 10 ? -8.427  -6.511  -18.780 1.00 35.27 ? 25  DA  B N9    1 
ATOM   486 C C8    . DA  B 2 10 ? -9.452  -6.130  -19.589 1.00 30.02 ? 25  DA  B C8    1 
ATOM   487 N N7    . DA  B 2 10 ? -10.445 -5.534  -18.945 1.00 48.39 ? 25  DA  B N7    1 
ATOM   488 C C5    . DA  B 2 10 ? -10.028 -5.513  -17.617 1.00 36.00 ? 25  DA  B C5    1 
ATOM   489 C C6    . DA  B 2 10 ? -10.628 -5.021  -16.424 1.00 35.66 ? 25  DA  B C6    1 
ATOM   490 N N6    . DA  B 2 10 ? -11.854 -4.502  -16.364 1.00 47.80 ? 25  DA  B N6    1 
ATOM   491 N N1    . DA  B 2 10 ? -9.916  -5.095  -15.284 1.00 32.40 ? 25  DA  B N1    1 
ATOM   492 C C2    . DA  B 2 10 ? -8.702  -5.636  -15.333 1.00 40.36 ? 25  DA  B C2    1 
ATOM   493 N N3    . DA  B 2 10 ? -8.042  -6.158  -16.371 1.00 45.47 ? 25  DA  B N3    1 
ATOM   494 C C4    . DA  B 2 10 ? -8.769  -6.071  -17.503 1.00 37.82 ? 25  DA  B C4    1 
ATOM   495 P P     . DA  B 2 11 ? -4.327  -10.643 -19.988 1.00 55.56 ? 26  DA  B P     1 
ATOM   496 O OP1   . DA  B 2 11 ? -3.212  -10.141 -20.820 1.00 70.24 ? 26  DA  B OP1   1 
ATOM   497 O OP2   . DA  B 2 11 ? -5.170  -11.743 -20.504 1.00 81.84 ? 26  DA  B OP2   1 
ATOM   498 O "O5'" . DA  B 2 11 ? -3.710  -11.131 -18.608 1.00 68.91 ? 26  DA  B "O5'" 1 
ATOM   499 C "C5'" . DA  B 2 11 ? -3.041  -10.207 -17.756 1.00 75.44 ? 26  DA  B "C5'" 1 
ATOM   500 C "C4'" . DA  B 2 11 ? -3.534  -10.347 -16.335 1.00 64.13 ? 26  DA  B "C4'" 1 
ATOM   501 O "O4'" . DA  B 2 11 ? -4.812  -9.707  -16.109 1.00 65.68 ? 26  DA  B "O4'" 1 
ATOM   502 C "C3'" . DA  B 2 11 ? -3.718  -11.779 -15.881 1.00 46.32 ? 26  DA  B "C3'" 1 
ATOM   503 O "O3'" . DA  B 2 11 ? -3.318  -11.832 -14.528 1.00 52.74 ? 26  DA  B "O3'" 1 
ATOM   504 C "C2'" . DA  B 2 11 ? -5.217  -11.965 -15.973 1.00 45.00 ? 26  DA  B "C2'" 1 
ATOM   505 C "C1'" . DA  B 2 11 ? -5.704  -10.618 -15.500 1.00 28.96 ? 26  DA  B "C1'" 1 
ATOM   506 N N9    . DA  B 2 11 ? -7.054  -10.260 -15.927 1.00 32.92 ? 26  DA  B N9    1 
ATOM   507 C C8    . DA  B 2 11 ? -7.644  -10.531 -17.136 1.00 38.83 ? 26  DA  B C8    1 
ATOM   508 N N7    . DA  B 2 11 ? -8.869  -10.047 -17.245 1.00 32.41 ? 26  DA  B N7    1 
ATOM   509 C C5    . DA  B 2 11 ? -9.100  -9.431  -16.021 1.00 39.58 ? 26  DA  B C5    1 
ATOM   510 C C6    . DA  B 2 11 ? -10.214 -8.744  -15.495 1.00 40.89 ? 26  DA  B C6    1 
ATOM   511 N N6    . DA  B 2 11 ? -11.379 -8.627  -16.118 1.00 55.40 ? 26  DA  B N6    1 
ATOM   512 N N1    . DA  B 2 11 ? -10.102 -8.205  -14.271 1.00 39.59 ? 26  DA  B N1    1 
ATOM   513 C C2    . DA  B 2 11 ? -8.973  -8.395  -13.601 1.00 32.13 ? 26  DA  B C2    1 
ATOM   514 N N3    . DA  B 2 11 ? -7.873  -9.063  -13.960 1.00 39.20 ? 26  DA  B N3    1 
ATOM   515 C C4    . DA  B 2 11 ? -7.995  -9.553  -15.201 1.00 38.86 ? 26  DA  B C4    1 
ATOM   516 P P     . DA  B 2 12 ? -2.743  -13.197 -13.939 1.00 56.80 ? 27  DA  B P     1 
ATOM   517 O OP1   . DA  B 2 12 ? -1.430  -12.941 -13.285 1.00 80.69 ? 27  DA  B OP1   1 
ATOM   518 O OP2   . DA  B 2 12 ? -2.817  -14.188 -15.032 1.00 61.57 ? 27  DA  B OP2   1 
ATOM   519 O "O5'" . DA  B 2 12 ? -3.807  -13.489 -12.796 1.00 60.73 ? 27  DA  B "O5'" 1 
ATOM   520 C "C5'" . DA  B 2 12 ? -4.169  -12.446 -11.889 1.00 69.59 ? 27  DA  B "C5'" 1 
ATOM   521 C "C4'" . DA  B 2 12 ? -5.467  -12.767 -11.182 1.00 64.43 ? 27  DA  B "C4'" 1 
ATOM   522 O "O4'" . DA  B 2 12 ? -6.647  -12.331 -11.892 1.00 79.33 ? 27  DA  B "O4'" 1 
ATOM   523 C "C3'" . DA  B 2 12 ? -5.709  -14.228 -10.830 1.00 66.40 ? 27  DA  B "C3'" 1 
ATOM   524 O "O3'" . DA  B 2 12 ? -6.284  -14.256 -9.530  1.00 67.92 ? 27  DA  B "O3'" 1 
ATOM   525 C "C2'" . DA  B 2 12 ? -6.737  -14.655 -11.861 1.00 59.86 ? 27  DA  B "C2'" 1 
ATOM   526 C "C1'" . DA  B 2 12 ? -7.581  -13.396 -11.955 1.00 53.09 ? 27  DA  B "C1'" 1 
ATOM   527 N N9    . DA  B 2 12 ? -8.356  -13.238 -13.188 1.00 39.45 ? 27  DA  B N9    1 
ATOM   528 C C8    . DA  B 2 12 ? -8.055  -13.700 -14.447 1.00 31.64 ? 27  DA  B C8    1 
ATOM   529 N N7    . DA  B 2 12 ? -8.935  -13.340 -15.356 1.00 33.44 ? 27  DA  B N7    1 
ATOM   530 C C5    . DA  B 2 12 ? -9.886  -12.608 -14.643 1.00 30.18 ? 27  DA  B C5    1 
ATOM   531 C C6    . DA  B 2 12 ? -11.075 -11.938 -15.033 1.00 41.06 ? 27  DA  B C6    1 
ATOM   532 N N6    . DA  B 2 12 ? -11.529 -11.901 -16.283 1.00 69.68 ? 27  DA  B N6    1 
ATOM   533 N N1    . DA  B 2 12 ? -11.787 -11.300 -14.086 1.00 29.64 ? 27  DA  B N1    1 
ATOM   534 C C2    . DA  B 2 12 ? -11.341 -11.338 -12.834 1.00 38.89 ? 27  DA  B C2    1 
ATOM   535 N N3    . DA  B 2 12 ? -10.244 -11.931 -12.339 1.00 45.54 ? 27  DA  B N3    1 
ATOM   536 C C4    . DA  B 2 12 ? -9.551  -12.553 -13.310 1.00 34.07 ? 27  DA  B C4    1 
ATOM   537 P P     . DA  B 2 13 ? -6.159  -15.578 -8.652  1.00 90.60 ? 28  DA  B P     1 
ATOM   538 O OP1   . DA  B 2 13 ? -5.732  -15.140 -7.299  1.00 94.14 ? 28  DA  B OP1   1 
ATOM   539 O OP2   . DA  B 2 13 ? -5.304  -16.534 -9.426  1.00 80.28 ? 28  DA  B OP2   1 
ATOM   540 O "O5'" . DA  B 2 13 ? -7.679  -16.086 -8.578  1.00 95.46 ? 28  DA  B "O5'" 1 
ATOM   541 C "C5'" . DA  B 2 13 ? -8.657  -15.346 -7.823  1.00 84.67 ? 28  DA  B "C5'" 1 
ATOM   542 C "C4'" . DA  B 2 13 ? -10.063 -15.805 -8.141  1.00 78.21 ? 28  DA  B "C4'" 1 
ATOM   543 O "O4'" . DA  B 2 13 ? -10.672 -15.127 -9.279  1.00 62.96 ? 28  DA  B "O4'" 1 
ATOM   544 C "C3'" . DA  B 2 13 ? -10.196 -17.303 -8.420  1.00 84.20 ? 28  DA  B "C3'" 1 
ATOM   545 O "O3'" . DA  B 2 13 ? -11.376 -17.799 -7.782  1.00 75.70 ? 28  DA  B "O3'" 1 
ATOM   546 C "C2'" . DA  B 2 13 ? -10.396 -17.346 -9.920  1.00 74.75 ? 28  DA  B "C2'" 1 
ATOM   547 C "C1'" . DA  B 2 13 ? -11.278 -16.121 -10.091 1.00 52.59 ? 28  DA  B "C1'" 1 
ATOM   548 N N9    . DA  B 2 13 ? -11.420 -15.659 -11.482 1.00 37.67 ? 28  DA  B N9    1 
ATOM   549 C C8    . DA  B 2 13 ? -10.615 -16.000 -12.542 1.00 39.43 ? 28  DA  B C8    1 
ATOM   550 N N7    . DA  B 2 13 ? -11.104 -15.651 -13.705 1.00 42.10 ? 28  DA  B N7    1 
ATOM   551 C C5    . DA  B 2 13 ? -12.274 -14.984 -13.390 1.00 33.97 ? 28  DA  B C5    1 
ATOM   552 C C6    . DA  B 2 13 ? -13.251 -14.416 -14.187 1.00 35.29 ? 28  DA  B C6    1 
ATOM   553 N N6    . DA  B 2 13 ? -13.234 -14.482 -15.511 1.00 53.17 ? 28  DA  B N6    1 
ATOM   554 N N1    . DA  B 2 13 ? -14.278 -13.795 -13.585 1.00 41.05 ? 28  DA  B N1    1 
ATOM   555 C C2    . DA  B 2 13 ? -14.319 -13.799 -12.259 1.00 53.74 ? 28  DA  B C2    1 
ATOM   556 N N3    . DA  B 2 13 ? -13.469 -14.343 -11.389 1.00 45.67 ? 28  DA  B N3    1 
ATOM   557 C C4    . DA  B 2 13 ? -12.454 -14.928 -12.029 1.00 36.87 ? 28  DA  B C4    1 
ATOM   558 P P     . DC  B 2 14 ? -11.673 -19.378 -7.770  1.00 63.95 ? 29  DC  B P     1 
ATOM   559 O OP1   . DC  B 2 14 ? -11.616 -19.753 -6.340  1.00 76.15 ? 29  DC  B OP1   1 
ATOM   560 O OP2   . DC  B 2 14 ? -10.801 -20.104 -8.738  1.00 58.68 ? 29  DC  B OP2   1 
ATOM   561 O "O5'" . DC  B 2 14 ? -13.192 -19.405 -8.250  1.00 75.86 ? 29  DC  B "O5'" 1 
ATOM   562 C "C5'" . DC  B 2 14 ? -14.149 -18.563 -7.603  1.00 71.41 ? 29  DC  B "C5'" 1 
ATOM   563 C "C4'" . DC  B 2 14 ? -15.480 -18.602 -8.323  1.00 74.75 ? 29  DC  B "C4'" 1 
ATOM   564 O "O4'" . DC  B 2 14 ? -15.339 -17.954 -9.605  1.00 56.01 ? 29  DC  B "O4'" 1 
ATOM   565 C "C3'" . DC  B 2 14 ? -16.036 -19.994 -8.632  1.00 78.13 ? 29  DC  B "C3'" 1 
ATOM   566 O "O3'" . DC  B 2 14 ? -17.485 -19.938 -8.813  1.00 81.99 ? 29  DC  B "O3'" 1 
ATOM   567 C "C2'" . DC  B 2 14 ? -15.451 -20.253 -10.007 1.00 57.45 ? 29  DC  B "C2'" 1 
ATOM   568 C "C1'" . DC  B 2 14 ? -15.635 -18.877 -10.623 1.00 46.03 ? 29  DC  B "C1'" 1 
ATOM   569 N N1    . DC  B 2 14 ? -14.784 -18.583 -11.766 1.00 33.10 ? 29  DC  B N1    1 
ATOM   570 C C2    . DC  B 2 14 ? -15.313 -17.796 -12.791 1.00 42.29 ? 29  DC  B C2    1 
ATOM   571 O O2    . DC  B 2 14 ? -16.468 -17.322 -12.660 1.00 52.15 ? 29  DC  B O2    1 
ATOM   572 N N3    . DC  B 2 14 ? -14.559 -17.554 -13.886 1.00 57.48 ? 29  DC  B N3    1 
ATOM   573 C C4    . DC  B 2 14 ? -13.312 -18.046 -13.964 1.00 59.48 ? 29  DC  B C4    1 
ATOM   574 N N4    . DC  B 2 14 ? -12.576 -17.752 -15.068 1.00 59.79 ? 29  DC  B N4    1 
ATOM   575 C C5    . DC  B 2 14 ? -12.751 -18.845 -12.917 1.00 47.91 ? 29  DC  B C5    1 
ATOM   576 C C6    . DC  B 2 14 ? -13.512 -19.077 -11.848 1.00 37.00 ? 29  DC  B C6    1 
ATOM   577 N N     . GLY C 3 1  ? -14.872 -10.985 -8.433  1.00 90.75 ? 139 GLY C N     1 
ATOM   578 C CA    . GLY C 3 1  ? -14.101 -12.084 -9.060  1.00 88.29 ? 139 GLY C CA    1 
ATOM   579 C C     . GLY C 3 1  ? -12.618 -12.082 -8.720  1.00 88.55 ? 139 GLY C C     1 
ATOM   580 O O     . GLY C 3 1  ? -12.142 -12.998 -8.022  1.00 87.90 ? 139 GLY C O     1 
ATOM   581 N N     . ARG C 3 2  ? -11.884 -11.074 -9.216  1.00 74.07 ? 140 ARG C N     1 
ATOM   582 C CA    . ARG C 3 2  ? -10.448 -10.987 -8.950  1.00 59.56 ? 140 ARG C CA    1 
ATOM   583 C C     . ARG C 3 2  ? -10.185 -10.545 -7.515  1.00 56.35 ? 140 ARG C C     1 
ATOM   584 O O     . ARG C 3 2  ? -10.799 -9.603  -7.002  1.00 65.00 ? 140 ARG C O     1 
ATOM   585 C CB    . ARG C 3 2  ? -9.752  -10.030 -9.923  1.00 54.35 ? 140 ARG C CB    1 
ATOM   586 C CG    . ARG C 3 2  ? -8.261  -9.767  -9.567  1.00 62.79 ? 140 ARG C CG    1 
ATOM   587 C CD    . ARG C 3 2  ? -7.459  -8.973  -10.629 1.00 46.08 ? 140 ARG C CD    1 
ATOM   588 N NE    . ARG C 3 2  ? -6.057  -8.820  -10.241 1.00 62.37 ? 140 ARG C NE    1 
ATOM   589 C CZ    . ARG C 3 2  ? -5.054  -8.691  -11.100 1.00 70.96 ? 140 ARG C CZ    1 
ATOM   590 N NH1   . ARG C 3 2  ? -5.300  -8.712  -12.397 1.00 63.24 ? 140 ARG C NH1   1 
ATOM   591 N NH2   . ARG C 3 2  ? -3.813  -8.506  -10.659 1.00 87.33 ? 140 ARG C NH2   1 
ATOM   592 N N     . PRO C 3 3  ? -9.262  -11.239 -6.847  1.00 43.16 ? 141 PRO C N     1 
ATOM   593 C CA    . PRO C 3 3  ? -8.896  -10.945 -5.467  1.00 42.74 ? 141 PRO C CA    1 
ATOM   594 C C     . PRO C 3 3  ? -8.223  -9.575  -5.282  1.00 57.83 ? 141 PRO C C     1 
ATOM   595 O O     . PRO C 3 3  ? -7.668  -9.034  -6.238  1.00 81.72 ? 141 PRO C O     1 
ATOM   596 C CB    . PRO C 3 3  ? -7.963  -12.111 -5.118  1.00 67.63 ? 141 PRO C CB    1 
ATOM   597 C CG    . PRO C 3 3  ? -7.315  -12.465 -6.427  1.00 43.80 ? 141 PRO C CG    1 
ATOM   598 C CD    . PRO C 3 3  ? -8.468  -12.364 -7.385  1.00 43.05 ? 141 PRO C CD    1 
ATOM   599 N N     . ARG C 3 4  ? -8.271  -9.012  -4.069  1.00 50.82 ? 142 ARG C N     1 
ATOM   600 C CA    . ARG C 3 4  ? -7.628  -7.729  -3.806  1.00 42.78 ? 142 ARG C CA    1 
ATOM   601 C C     . ARG C 3 4  ? -6.112  -7.905  -3.693  1.00 54.45 ? 142 ARG C C     1 
ATOM   602 O O     . ARG C 3 4  ? -5.618  -9.007  -3.390  1.00 68.21 ? 142 ARG C O     1 
ATOM   603 C CB    . ARG C 3 4  ? -8.219  -7.092  -2.569  1.00 29.99 ? 142 ARG C CB    1 
ATOM   604 C CG    . ARG C 3 4  ? -9.494  -6.379  -2.884  1.00 37.08 ? 142 ARG C CG    1 
ATOM   605 C CD    . ARG C 3 4  ? -10.041 -5.766  -1.637  1.00 34.50 ? 142 ARG C CD    1 
ATOM   606 N NE    . ARG C 3 4  ? -11.054 -4.748  -1.902  1.00 44.17 ? 142 ARG C NE    1 
ATOM   607 C CZ    . ARG C 3 4  ? -10.804 -3.575  -2.492  1.00 83.01 ? 142 ARG C CZ    1 
ATOM   608 N NH1   . ARG C 3 4  ? -9.570  -3.247  -2.894  1.00 94.18 ? 142 ARG C NH1   1 
ATOM   609 N NH2   . ARG C 3 4  ? -11.787 -2.700  -2.667  1.00 94.63 ? 142 ARG C NH2   1 
ATOM   610 N N     . ALA C 3 5  ? -5.369  -6.836  -3.985  1.00 64.18 ? 143 ALA C N     1 
ATOM   611 C CA    . ALA C 3 5  ? -3.905  -6.908  -3.961  1.00 69.78 ? 143 ALA C CA    1 
ATOM   612 C C     . ALA C 3 5  ? -3.355  -7.091  -2.546  1.00 64.51 ? 143 ALA C C     1 
ATOM   613 O O     . ALA C 3 5  ? -2.369  -7.816  -2.336  1.00 69.58 ? 143 ALA C O     1 
ATOM   614 C CB    . ALA C 3 5  ? -3.325  -5.660  -4.618  1.00 91.09 ? 143 ALA C CB    1 
ATOM   615 N N     . ILE C 3 6  ? -4.002  -6.417  -1.593  1.00 61.73 ? 144 ILE C N     1 
ATOM   616 C CA    . ILE C 3 6  ? -3.658  -6.501  -0.176  1.00 66.58 ? 144 ILE C CA    1 
ATOM   617 C C     . ILE C 3 6  ? -4.914  -6.530  0.689   1.00 78.43 ? 144 ILE C C     1 
ATOM   618 O O     . ILE C 3 6  ? -5.822  -5.695  0.535   1.00 81.31 ? 144 ILE C O     1 
ATOM   619 C CB    . ILE C 3 6  ? -2.838  -5.319  0.307   1.00 64.41 ? 144 ILE C CB    1 
ATOM   620 C CG1   . ILE C 3 6  ? -3.629  -4.015  0.118   1.00 49.64 ? 144 ILE C CG1   1 
ATOM   621 C CG2   . ILE C 3 6  ? -1.497  -5.339  -0.370  1.00 74.77 ? 144 ILE C CG2   1 
ATOM   622 C CD1   . ILE C 3 6  ? -3.890  -3.670  -1.307  1.00 73.15 ? 144 ILE C CD1   1 
ATOM   623 N N     . ASN C 3 7  ? -4.937  -7.489  1.612   1.00 86.86 ? 145 ASN C N     1 
ATOM   624 C CA    . ASN C 3 7  ? -6.058  -7.681  2.529   1.00 90.61 ? 145 ASN C CA    1 
ATOM   625 C C     . ASN C 3 7  ? -6.230  -6.513  3.493   1.00 90.58 ? 145 ASN C C     1 
ATOM   626 O O     . ASN C 3 7  ? -6.176  -5.352  3.077   1.00 96.62 ? 145 ASN C O     1 
ATOM   627 C CB    . ASN C 3 7  ? -5.858  -8.978  3.311   1.00 76.05 ? 145 ASN C CB    1 
ATOM   628 C CG    . ASN C 3 7  ? -4.493  -9.068  3.930   1.00 62.45 ? 145 ASN C CG    1 
ATOM   629 O OD1   . ASN C 3 7  ? -4.144  -8.263  4.787   1.00 85.69 ? 145 ASN C OD1   1 
ATOM   630 N ND2   . ASN C 3 7  ? -3.701  -10.048 3.497   1.00 73.33 ? 145 ASN C ND2   1 
ATOM   631 N N     . LYS C 3 8  ? -6.452  -6.818  4.769   1.00 76.31 ? 146 LYS C N     1 
ATOM   632 C CA    . LYS C 3 8  ? -6.612  -5.769  5.769   1.00 83.90 ? 146 LYS C CA    1 
ATOM   633 C C     . LYS C 3 8  ? -5.385  -5.676  6.668   1.00 91.86 ? 146 LYS C C     1 
ATOM   634 O O     . LYS C 3 8  ? -4.869  -4.582  6.937   1.00 92.80 ? 146 LYS C O     1 
ATOM   635 C CB    . LYS C 3 8  ? -7.818  -6.035  6.637   1.00 83.86 ? 146 LYS C CB    1 
ATOM   636 C CG    . LYS C 3 8  ? -8.389  -4.775  7.222   1.00 93.28 ? 146 LYS C CG    1 
ATOM   637 C CD    . LYS C 3 8  ? -9.300  -4.102  6.210   1.00 98.54 ? 146 LYS C CD    1 
ATOM   638 N N     . HIS C 3 9  ? -4.950  -6.844  7.147   1.00 98.52 ? 147 HIS C N     1 
ATOM   639 C CA    . HIS C 3 9  ? -3.765  -7.007  8.011   1.00 98.57 ? 147 HIS C CA    1 
ATOM   640 C C     . HIS C 3 9  ? -2.728  -6.026  7.465   1.00 95.44 ? 147 HIS C C     1 
ATOM   641 O O     . HIS C 3 9  ? -2.416  -4.997  8.083   1.00 87.36 ? 147 HIS C O     1 
ATOM   642 C CB    . HIS C 3 9  ? -3.241  -8.468  7.882   1.00 98.60 ? 147 HIS C CB    1 
ATOM   643 N N     . GLU C 3 10 ? -2.234  -6.362  6.277   1.00 89.95 ? 148 GLU C N     1 
ATOM   644 C CA    . GLU C 3 10 ? -1.249  -5.570  5.568   1.00 85.74 ? 148 GLU C CA    1 
ATOM   645 C C     . GLU C 3 10 ? -1.835  -4.255  5.057   1.00 63.30 ? 148 GLU C C     1 
ATOM   646 O O     . GLU C 3 10 ? -1.115  -3.317  4.798   1.00 67.11 ? 148 GLU C O     1 
ATOM   647 C CB    . GLU C 3 10 ? -0.696  -6.394  4.416   1.00 84.44 ? 148 GLU C CB    1 
ATOM   648 C CG    . GLU C 3 10 ? -1.752  -6.842  3.431   1.00 88.80 ? 148 GLU C CG    1 
ATOM   649 C CD    . GLU C 3 10 ? -1.299  -8.048  2.631   1.00 98.50 ? 148 GLU C CD    1 
ATOM   650 O OE1   . GLU C 3 10 ? -1.926  -8.350  1.581   1.00 98.53 ? 148 GLU C OE1   1 
ATOM   651 O OE2   . GLU C 3 10 ? -0.313  -8.697  3.065   1.00 98.49 ? 148 GLU C OE2   1 
ATOM   652 N N     . GLN C 3 11 ? -3.140  -4.174  4.908   1.00 54.49 ? 149 GLN C N     1 
ATOM   653 C CA    . GLN C 3 11 ? -3.711  -2.927  4.452   1.00 55.35 ? 149 GLN C CA    1 
ATOM   654 C C     . GLN C 3 11 ? -3.467  -1.849  5.460   1.00 42.66 ? 149 GLN C C     1 
ATOM   655 O O     . GLN C 3 11 ? -3.269  -0.699  5.108   1.00 57.90 ? 149 GLN C O     1 
ATOM   656 C CB    . GLN C 3 11 ? -5.200  -3.041  4.279   1.00 67.62 ? 149 GLN C CB    1 
ATOM   657 C CG    . GLN C 3 11 ? -5.905  -1.712  4.335   1.00 68.63 ? 149 GLN C CG    1 
ATOM   658 C CD    . GLN C 3 11 ? -7.113  -1.730  3.445   1.00 84.00 ? 149 GLN C CD    1 
ATOM   659 O OE1   . GLN C 3 11 ? -7.890  -0.774  3.408   1.00 84.00 ? 149 GLN C OE1   1 
ATOM   660 N NE2   . GLN C 3 11 ? -7.279  -2.833  2.701   1.00 77.96 ? 149 GLN C NE2   1 
ATOM   661 N N     . GLU C 3 12 ? -3.530  -2.211  6.727   1.00 54.88 ? 150 GLU C N     1 
ATOM   662 C CA    . GLU C 3 12 ? -3.304  -1.233  7.776   1.00 70.03 ? 150 GLU C CA    1 
ATOM   663 C C     . GLU C 3 12 ? -1.827  -1.269  8.147   1.00 64.58 ? 150 GLU C C     1 
ATOM   664 O O     . GLU C 3 12 ? -1.243  -0.250  8.476   1.00 65.10 ? 150 GLU C O     1 
ATOM   665 C CB    . GLU C 3 12 ? -4.149  -1.557  8.994   1.00 83.29 ? 150 GLU C CB    1 
ATOM   666 N N     . GLN C 3 13 ? -1.234  -2.454  8.108   1.00 53.32 ? 151 GLN C N     1 
ATOM   667 C CA    . GLN C 3 13 ? 0.180   -2.588  8.401   1.00 51.05 ? 151 GLN C CA    1 
ATOM   668 C C     . GLN C 3 13 ? 0.860   -1.529  7.550   1.00 66.04 ? 151 GLN C C     1 
ATOM   669 O O     . GLN C 3 13 ? 1.611   -0.670  8.042   1.00 60.94 ? 151 GLN C O     1 
ATOM   670 C CB    . GLN C 3 13 ? 0.665   -3.962  7.962   1.00 36.03 ? 151 GLN C CB    1 
ATOM   671 C CG    . GLN C 3 13 ? 2.158   -4.165  8.016   1.00 47.72 ? 151 GLN C CG    1 
ATOM   672 C CD    . GLN C 3 13 ? 2.554   -5.579  7.607   1.00 73.42 ? 151 GLN C CD    1 
ATOM   673 O OE1   . GLN C 3 13 ? 1.724   -6.498  7.613   1.00 77.94 ? 151 GLN C OE1   1 
ATOM   674 N NE2   . GLN C 3 13 ? 3.827   -5.764  7.261   1.00 70.39 ? 151 GLN C NE2   1 
ATOM   675 N N     . ILE C 3 14 ? 0.569   -1.615  6.257   1.00 72.82 ? 152 ILE C N     1 
ATOM   676 C CA    . ILE C 3 14 ? 1.086   -0.703  5.254   1.00 63.70 ? 152 ILE C CA    1 
ATOM   677 C C     . ILE C 3 14 ? 0.696   0.696   5.618   1.00 53.98 ? 152 ILE C C     1 
ATOM   678 O O     . ILE C 3 14 ? 1.549   1.539   5.787   1.00 59.87 ? 152 ILE C O     1 
ATOM   679 C CB    . ILE C 3 14 ? 0.524   -1.053  3.880   1.00 68.20 ? 152 ILE C CB    1 
ATOM   680 C CG1   . ILE C 3 14 ? 1.353   -2.188  3.291   1.00 75.60 ? 152 ILE C CG1   1 
ATOM   681 C CG2   . ILE C 3 14 ? 0.504   0.153   2.986   1.00 53.14 ? 152 ILE C CG2   1 
ATOM   682 C CD1   . ILE C 3 14 ? 0.686   -2.855  2.134   1.00 69.66 ? 152 ILE C CD1   1 
ATOM   683 N N     . SER C 3 15 ? -0.593  0.947   5.751   1.00 56.05 ? 153 SER C N     1 
ATOM   684 C CA    . SER C 3 15 ? -1.032  2.276   6.113   1.00 60.04 ? 153 SER C CA    1 
ATOM   685 C C     . SER C 3 15 ? -0.182  2.828   7.247   1.00 71.84 ? 153 SER C C     1 
ATOM   686 O O     . SER C 3 15 ? 0.421   3.888   7.116   1.00 74.98 ? 153 SER C O     1 
ATOM   687 C CB    . SER C 3 15 ? -2.478  2.244   6.553   1.00 72.50 ? 153 SER C CB    1 
ATOM   688 O OG    . SER C 3 15 ? -2.831  3.500   7.092   1.00 92.00 ? 153 SER C OG    1 
ATOM   689 N N     . ARG C 3 16 ? -0.139  2.102   8.359   1.00 80.22 ? 154 ARG C N     1 
ATOM   690 C CA    . ARG C 3 16 ? 0.635   2.506   9.535   1.00 85.39 ? 154 ARG C CA    1 
ATOM   691 C C     . ARG C 3 16 ? 2.086   2.812   9.150   1.00 82.87 ? 154 ARG C C     1 
ATOM   692 O O     . ARG C 3 16 ? 2.736   3.663   9.746   1.00 90.88 ? 154 ARG C O     1 
ATOM   693 C CB    . ARG C 3 16 ? 0.604   1.385   10.579  1.00 95.94 ? 154 ARG C CB    1 
ATOM   694 C CG    . ARG C 3 16 ? 1.267   1.704   11.915  1.00 95.46 ? 154 ARG C CG    1 
ATOM   695 C CD    . ARG C 3 16 ? 1.585   0.415   12.652  1.00 88.81 ? 154 ARG C CD    1 
ATOM   696 N NE    . ARG C 3 16 ? 0.424   -0.466  12.668  1.00 80.39 ? 154 ARG C NE    1 
ATOM   697 C CZ    . ARG C 3 16 ? 0.491   -1.783  12.488  1.00 84.06 ? 154 ARG C CZ    1 
ATOM   698 N NH1   . ARG C 3 16 ? 1.673   -2.379  12.285  1.00 52.29 ? 154 ARG C NH1   1 
ATOM   699 N NH2   . ARG C 3 16 ? -0.629  -2.499  12.483  1.00 79.66 ? 154 ARG C NH2   1 
ATOM   700 N N     . LEU C 3 17 ? 2.590   2.103   8.154   1.00 74.49 ? 155 LEU C N     1 
ATOM   701 C CA    . LEU C 3 17 ? 3.951   2.298   7.681   1.00 64.15 ? 155 LEU C CA    1 
ATOM   702 C C     . LEU C 3 17 ? 4.186   3.625   6.959   1.00 66.01 ? 155 LEU C C     1 
ATOM   703 O O     . LEU C 3 17 ? 5.196   4.279   7.181   1.00 69.98 ? 155 LEU C O     1 
ATOM   704 C CB    . LEU C 3 17 ? 4.309   1.172   6.732   1.00 70.38 ? 155 LEU C CB    1 
ATOM   705 C CG    . LEU C 3 17 ? 4.820   -0.121  7.330   1.00 59.80 ? 155 LEU C CG    1 
ATOM   706 C CD1   . LEU C 3 17 ? 4.858   -1.235  6.293   1.00 67.77 ? 155 LEU C CD1   1 
ATOM   707 C CD2   . LEU C 3 17 ? 6.196   0.148   7.841   1.00 69.90 ? 155 LEU C CD2   1 
ATOM   708 N N     . LEU C 3 18 ? 3.272   4.002   6.066   1.00 71.98 ? 156 LEU C N     1 
ATOM   709 C CA    . LEU C 3 18 ? 3.405   5.243   5.307   1.00 74.86 ? 156 LEU C CA    1 
ATOM   710 C C     . LEU C 3 18 ? 3.504   6.441   6.220   1.00 75.37 ? 156 LEU C C     1 
ATOM   711 O O     . LEU C 3 18 ? 4.207   7.406   5.887   1.00 75.93 ? 156 LEU C O     1 
ATOM   712 C CB    . LEU C 3 18 ? 2.215   5.455   4.368   1.00 69.36 ? 156 LEU C CB    1 
ATOM   713 C CG    . LEU C 3 18 ? 2.078   4.444   3.242   1.00 60.98 ? 156 LEU C CG    1 
ATOM   714 C CD1   . LEU C 3 18 ? 0.932   4.826   2.333   1.00 60.29 ? 156 LEU C CD1   1 
ATOM   715 C CD2   . LEU C 3 18 ? 3.386   4.374   2.498   1.00 37.81 ? 156 LEU C CD2   1 
ATOM   716 N N     . GLU C 3 19 ? 2.789   6.377   7.351   1.00 77.32 ? 157 GLU C N     1 
ATOM   717 C CA    . GLU C 3 19 ? 2.773   7.454   8.353   1.00 84.52 ? 157 GLU C CA    1 
ATOM   718 C C     . GLU C 3 19 ? 4.154   7.630   8.959   1.00 84.78 ? 157 GLU C C     1 
ATOM   719 O O     . GLU C 3 19 ? 4.541   8.737   9.347   1.00 94.75 ? 157 GLU C O     1 
ATOM   720 C CB    . GLU C 3 19 ? 1.758   7.176   9.468   1.00 91.62 ? 157 GLU C CB    1 
ATOM   721 N N     . LYS C 3 20 ? 4.900   6.537   9.034   1.00 74.14 ? 158 LYS C N     1 
ATOM   722 C CA    . LYS C 3 20 ? 6.255   6.603   9.552   1.00 72.42 ? 158 LYS C CA    1 
ATOM   723 C C     . LYS C 3 20 ? 7.230   7.031   8.450   1.00 72.24 ? 158 LYS C C     1 
ATOM   724 O O     . LYS C 3 20 ? 8.443   6.884   8.592   1.00 75.40 ? 158 LYS C O     1 
ATOM   725 C CB    . LYS C 3 20 ? 6.682   5.251   10.119  1.00 73.04 ? 158 LYS C CB    1 
ATOM   726 N N     . GLY C 3 21 ? 6.693   7.549   7.352   1.00 67.51 ? 159 GLY C N     1 
ATOM   727 C CA    . GLY C 3 21 ? 7.534   7.983   6.264   1.00 61.64 ? 159 GLY C CA    1 
ATOM   728 C C     . GLY C 3 21 ? 8.223   6.892   5.466   1.00 67.37 ? 159 GLY C C     1 
ATOM   729 O O     . GLY C 3 21 ? 9.455   6.742   5.484   1.00 72.32 ? 159 GLY C O     1 
ATOM   730 N N     . HIS C 3 22 ? 7.438   6.105   4.753   1.00 77.84 ? 160 HIS C N     1 
ATOM   731 C CA    . HIS C 3 22 ? 8.045   5.088   3.922   1.00 84.32 ? 160 HIS C CA    1 
ATOM   732 C C     . HIS C 3 22 ? 7.687   5.414   2.508   1.00 89.82 ? 160 HIS C C     1 
ATOM   733 O O     . HIS C 3 22 ? 6.606   5.943   2.243   1.00 97.77 ? 160 HIS C O     1 
ATOM   734 C CB    . HIS C 3 22 ? 7.547   3.707   4.267   1.00 85.25 ? 160 HIS C CB    1 
ATOM   735 C CG    . HIS C 3 22 ? 8.204   3.134   5.477   1.00 86.29 ? 160 HIS C CG    1 
ATOM   736 N ND1   . HIS C 3 22 ? 7.850   3.495   6.758   1.00 78.16 ? 160 HIS C ND1   1 
ATOM   737 C CD2   . HIS C 3 22 ? 9.214   2.239   5.595   1.00 83.61 ? 160 HIS C CD2   1 
ATOM   738 C CE1   . HIS C 3 22 ? 8.616   2.846   7.618   1.00 94.63 ? 160 HIS C CE1   1 
ATOM   739 N NE2   . HIS C 3 22 ? 9.450   2.078   6.939   1.00 86.34 ? 160 HIS C NE2   1 
ATOM   740 N N     . PRO C 3 23 ? 8.598   5.115   1.573   1.00 85.89 ? 161 PRO C N     1 
ATOM   741 C CA    . PRO C 3 23 ? 8.364   5.392   0.156   1.00 80.38 ? 161 PRO C CA    1 
ATOM   742 C C     . PRO C 3 23 ? 7.478   4.376   -0.559  1.00 74.29 ? 161 PRO C C     1 
ATOM   743 O O     . PRO C 3 23 ? 7.812   3.180   -0.634  1.00 61.87 ? 161 PRO C O     1 
ATOM   744 C CB    . PRO C 3 23 ? 9.775   5.403   -0.420  1.00 85.61 ? 161 PRO C CB    1 
ATOM   745 C CG    . PRO C 3 23 ? 10.429  4.307   0.347   1.00 71.16 ? 161 PRO C CG    1 
ATOM   746 C CD    . PRO C 3 23 ? 9.957   4.575   1.779   1.00 78.27 ? 161 PRO C CD    1 
ATOM   747 N N     . ARG C 3 24 ? 6.363   4.847   -1.104  1.00 61.85 ? 162 ARG C N     1 
ATOM   748 C CA    . ARG C 3 24 ? 5.501   3.945   -1.824  1.00 57.27 ? 162 ARG C CA    1 
ATOM   749 C C     . ARG C 3 24 ? 6.306   3.142   -2.830  1.00 53.65 ? 162 ARG C C     1 
ATOM   750 O O     . ARG C 3 24 ? 6.138   1.945   -2.932  1.00 65.58 ? 162 ARG C O     1 
ATOM   751 C CB    . ARG C 3 24 ? 4.420   4.717   -2.514  1.00 49.79 ? 162 ARG C CB    1 
ATOM   752 C CG    . ARG C 3 24 ? 3.534   5.474   -1.561  1.00 39.98 ? 162 ARG C CG    1 
ATOM   753 C CD    . ARG C 3 24 ? 2.352   5.902   -2.357  1.00 51.42 ? 162 ARG C CD    1 
ATOM   754 N NE    . ARG C 3 24 ? 1.299   6.519   -1.586  1.00 49.32 ? 162 ARG C NE    1 
ATOM   755 C CZ    . ARG C 3 24 ? 1.483   7.548   -0.787  1.00 57.69 ? 162 ARG C CZ    1 
ATOM   756 N NH1   . ARG C 3 24 ? 0.445   8.058   -0.129  1.00 73.18 ? 162 ARG C NH1   1 
ATOM   757 N NH2   . ARG C 3 24 ? 2.707   8.049   -0.632  1.00 69.70 ? 162 ARG C NH2   1 
ATOM   758 N N     . GLN C 3 25 ? 7.195   3.790   -3.567  1.00 62.89 ? 163 GLN C N     1 
ATOM   759 C CA    . GLN C 3 25 ? 8.031   3.084   -4.530  1.00 71.18 ? 163 GLN C CA    1 
ATOM   760 C C     . GLN C 3 25 ? 8.580   1.776   -4.005  1.00 68.75 ? 163 GLN C C     1 
ATOM   761 O O     . GLN C 3 25 ? 8.666   0.804   -4.740  1.00 69.14 ? 163 GLN C O     1 
ATOM   762 C CB    . GLN C 3 25 ? 9.231   3.936   -4.927  1.00 84.86 ? 163 GLN C CB    1 
ATOM   763 C CG    . GLN C 3 25 ? 9.008   4.756   -6.143  1.00 88.47 ? 163 GLN C CG    1 
ATOM   764 C CD    . GLN C 3 25 ? 8.532   3.906   -7.286  1.00 88.51 ? 163 GLN C CD    1 
ATOM   765 O OE1   . GLN C 3 25 ? 9.124   2.856   -7.588  1.00 88.52 ? 163 GLN C OE1   1 
ATOM   766 N NE2   . GLN C 3 25 ? 7.458   4.348   -7.939  1.00 88.52 ? 163 GLN C NE2   1 
ATOM   767 N N     . GLN C 3 26 ? 8.983   1.776   -2.738  1.00 77.97 ? 164 GLN C N     1 
ATOM   768 C CA    . GLN C 3 26 ? 9.581   0.605   -2.106  1.00 83.64 ? 164 GLN C CA    1 
ATOM   769 C C     . GLN C 3 26 ? 8.538   -0.358  -1.584  1.00 80.09 ? 164 GLN C C     1 
ATOM   770 O O     . GLN C 3 26 ? 8.595   -1.565  -1.841  1.00 71.22 ? 164 GLN C O     1 
ATOM   771 C CB    . GLN C 3 26 ? 10.520  1.050   -0.970  1.00 95.52 ? 164 GLN C CB    1 
ATOM   772 C CG    . GLN C 3 26 ? 11.860  1.675   -1.456  1.00 93.48 ? 164 GLN C CG    1 
ATOM   773 C CD    . GLN C 3 26 ? 12.755  2.222   -0.328  1.00 93.46 ? 164 GLN C CD    1 
ATOM   774 O OE1   . GLN C 3 26 ? 13.212  1.495   0.564   1.00 93.48 ? 164 GLN C OE1   1 
ATOM   775 N NE2   . GLN C 3 26 ? 13.013  3.513   -0.384  1.00 93.49 ? 164 GLN C NE2   1 
ATOM   776 N N     . LEU C 3 27 ? 7.578   0.180   -0.851  1.00 76.35 ? 165 LEU C N     1 
ATOM   777 C CA    . LEU C 3 27 ? 6.506   -0.635  -0.300  1.00 71.51 ? 165 LEU C CA    1 
ATOM   778 C C     . LEU C 3 27 ? 5.899   -1.506  -1.391  1.00 75.25 ? 165 LEU C C     1 
ATOM   779 O O     . LEU C 3 27 ? 5.679   -2.704  -1.197  1.00 88.58 ? 165 LEU C O     1 
ATOM   780 C CB    . LEU C 3 27 ? 5.427   0.270   0.314   1.00 50.07 ? 165 LEU C CB    1 
ATOM   781 C CG    . LEU C 3 27 ? 5.364   0.309   1.855   1.00 53.81 ? 165 LEU C CG    1 
ATOM   782 C CD1   . LEU C 3 27 ? 6.753   0.482   2.421   1.00 52.39 ? 165 LEU C CD1   1 
ATOM   783 C CD2   . LEU C 3 27 ? 4.448   1.422   2.344   1.00 49.39 ? 165 LEU C CD2   1 
ATOM   784 N N     . ALA C 3 28 ? 5.647   -0.898  -2.544  1.00 77.80 ? 166 ALA C N     1 
ATOM   785 C CA    . ALA C 3 28 ? 5.046   -1.587  -3.672  1.00 73.34 ? 166 ALA C CA    1 
ATOM   786 C C     . ALA C 3 28 ? 5.826   -2.810  -4.111  1.00 80.11 ? 166 ALA C C     1 
ATOM   787 O O     . ALA C 3 28 ? 5.254   -3.860  -4.393  1.00 92.11 ? 166 ALA C O     1 
ATOM   788 C CB    . ALA C 3 28 ? 4.897   -0.627  -4.828  1.00 76.15 ? 166 ALA C CB    1 
ATOM   789 N N     . ILE C 3 29 ? 7.139   -2.676  -4.162  1.00 71.09 ? 167 ILE C N     1 
ATOM   790 C CA    . ILE C 3 29 ? 7.989   -3.772  -4.591  1.00 79.18 ? 167 ILE C CA    1 
ATOM   791 C C     . ILE C 3 29 ? 8.075   -4.937  -3.580  1.00 77.82 ? 167 ILE C C     1 
ATOM   792 O O     . ILE C 3 29 ? 8.134   -6.097  -3.952  1.00 67.86 ? 167 ILE C O     1 
ATOM   793 C CB    . ILE C 3 29 ? 9.410   -3.246  -4.841  1.00 90.42 ? 167 ILE C CB    1 
ATOM   794 C CG1   . ILE C 3 29 ? 9.349   -1.841  -5.469  1.00 94.20 ? 167 ILE C CG1   1 
ATOM   795 C CG2   . ILE C 3 29 ? 10.170  -4.230  -5.727  1.00 88.51 ? 167 ILE C CG2   1 
ATOM   796 C CD1   . ILE C 3 29 ? 10.641  -0.996  -5.324  1.00 91.36 ? 167 ILE C CD1   1 
ATOM   797 N N     . ILE C 3 30 ? 8.084   -4.619  -2.295  1.00 85.97 ? 168 ILE C N     1 
ATOM   798 C CA    . ILE C 3 30 ? 8.213   -5.629  -1.253  1.00 81.38 ? 168 ILE C CA    1 
ATOM   799 C C     . ILE C 3 30 ? 6.984   -6.497  -1.278  1.00 76.70 ? 168 ILE C C     1 
ATOM   800 O O     . ILE C 3 30 ? 7.044   -7.769  -1.370  1.00 86.62 ? 168 ILE C O     1 
ATOM   801 C CB    . ILE C 3 30 ? 8.266   -4.965  0.130   1.00 92.11 ? 168 ILE C CB    1 
ATOM   802 C CG1   . ILE C 3 30 ? 9.174   -3.732  0.065   1.00 88.49 ? 168 ILE C CG1   1 
ATOM   803 C CG2   . ILE C 3 30 ? 8.776   -5.940  1.170   1.00 89.00 ? 168 ILE C CG2   1 
ATOM   804 C CD1   . ILE C 3 30 ? 9.055   -2.754  1.232   1.00 93.47 ? 168 ILE C CD1   1 
ATOM   805 N N     . PHE C 3 31 ? 5.874   -5.779  -1.151  1.00 69.19 ? 169 PHE C N     1 
ATOM   806 C CA    . PHE C 3 31 ? 4.554   -6.335  -1.111  1.00 82.39 ? 169 PHE C CA    1 
ATOM   807 C C     . PHE C 3 31 ? 4.095   -6.833  -2.477  1.00 78.53 ? 169 PHE C C     1 
ATOM   808 O O     . PHE C 3 31 ? 2.977   -7.356  -2.596  1.00 78.56 ? 169 PHE C O     1 
ATOM   809 C CB    . PHE C 3 31 ? 3.600   -5.285  -0.610  1.00 78.39 ? 169 PHE C CB    1 
ATOM   810 C CG    . PHE C 3 31 ? 3.634   -5.087  0.884   1.00 78.45 ? 169 PHE C CG    1 
ATOM   811 C CD1   . PHE C 3 31 ? 4.727   -4.569  1.591   1.00 78.40 ? 169 PHE C CD1   1 
ATOM   812 C CD2   . PHE C 3 31 ? 2.497   -5.380  1.588   1.00 78.55 ? 169 PHE C CD2   1 
ATOM   813 C CE1   . PHE C 3 31 ? 4.615   -4.333  2.984   1.00 78.39 ? 169 PHE C CE1   1 
ATOM   814 C CE2   . PHE C 3 31 ? 2.391   -5.161  2.908   1.00 78.53 ? 169 PHE C CE2   1 
ATOM   815 C CZ    . PHE C 3 31 ? 3.432   -4.635  3.621   1.00 78.45 ? 169 PHE C CZ    1 
ATOM   816 N N     . GLY C 3 32 ? 4.996   -6.759  -3.466  1.00 78.51 ? 170 GLY C N     1 
ATOM   817 C CA    . GLY C 3 32 ? 4.749   -7.232  -4.826  1.00 82.65 ? 170 GLY C CA    1 
ATOM   818 C C     . GLY C 3 32 ? 3.537   -6.645  -5.524  1.00 74.49 ? 170 GLY C C     1 
ATOM   819 O O     . GLY C 3 32 ? 2.856   -7.340  -6.276  1.00 80.43 ? 170 GLY C O     1 
ATOM   820 N N     . ILE C 3 33 ? 3.251   -5.370  -5.291  1.00 65.19 ? 171 ILE C N     1 
ATOM   821 C CA    . ILE C 3 33 ? 2.108   -4.754  -5.930  1.00 56.66 ? 171 ILE C CA    1 
ATOM   822 C C     . ILE C 3 33 ? 2.423   -3.453  -6.672  1.00 52.38 ? 171 ILE C C     1 
ATOM   823 O O     . ILE C 3 33 ? 3.409   -2.800  -6.413  1.00 53.54 ? 171 ILE C O     1 
ATOM   824 C CB    . ILE C 3 33 ? 1.006   -4.545  -4.917  1.00 41.25 ? 171 ILE C CB    1 
ATOM   825 C CG1   . ILE C 3 33 ? 1.356   -3.446  -3.941  1.00 45.01 ? 171 ILE C CG1   1 
ATOM   826 C CG2   . ILE C 3 33 ? 0.842   -5.807  -4.164  1.00 65.93 ? 171 ILE C CG2   1 
ATOM   827 C CD1   . ILE C 3 33 ? 0.167   -2.997  -3.156  1.00 29.46 ? 171 ILE C CD1   1 
ATOM   828 N N     . GLY C 3 34 ? 1.574   -3.111  -7.624  1.00 54.78 ? 172 GLY C N     1 
ATOM   829 C CA    . GLY C 3 34 ? 1.791   -1.926  -8.412  1.00 57.49 ? 172 GLY C CA    1 
ATOM   830 C C     . GLY C 3 34 ? 1.657   -0.651  -7.635  1.00 51.41 ? 172 GLY C C     1 
ATOM   831 O O     . GLY C 3 34 ? 0.812   -0.524  -6.726  1.00 39.13 ? 172 GLY C O     1 
ATOM   832 N N     . VAL C 3 35 ? 2.460   0.328   -8.030  1.00 40.77 ? 173 VAL C N     1 
ATOM   833 C CA    . VAL C 3 35 ? 2.430   1.566   -7.304  1.00 41.79 ? 173 VAL C CA    1 
ATOM   834 C C     . VAL C 3 35 ? 1.096   2.244   -7.424  1.00 49.64 ? 173 VAL C C     1 
ATOM   835 O O     . VAL C 3 35 ? 0.643   2.865   -6.461  1.00 57.35 ? 173 VAL C O     1 
ATOM   836 C CB    . VAL C 3 35 ? 3.536   2.519   -7.751  1.00 33.94 ? 173 VAL C CB    1 
ATOM   837 C CG1   . VAL C 3 35 ? 3.369   3.816   -7.025  1.00 42.85 ? 173 VAL C CG1   1 
ATOM   838 C CG2   . VAL C 3 35 ? 4.891   1.921   -7.445  1.00 32.04 ? 173 VAL C CG2   1 
ATOM   839 N N     . SER C 3 36 ? 0.448   2.099   -8.576  1.00 36.48 ? 174 SER C N     1 
ATOM   840 C CA    . SER C 3 36 ? -0.842  2.768   -8.804  1.00 31.84 ? 174 SER C CA    1 
ATOM   841 C C     . SER C 3 36 ? -1.845  2.274   -7.805  1.00 35.56 ? 174 SER C C     1 
ATOM   842 O O     . SER C 3 36 ? -2.752  2.994   -7.359  1.00 37.09 ? 174 SER C O     1 
ATOM   843 C CB    . SER C 3 36 ? -1.335  2.472   -10.219 1.00 31.05 ? 174 SER C CB    1 
ATOM   844 O OG    . SER C 3 36 ? -0.331  1.684   -10.876 1.00 38.33 ? 174 SER C OG    1 
ATOM   845 N N     . THR C 3 37 ? -1.637  1.021   -7.430  1.00 38.93 ? 175 THR C N     1 
ATOM   846 C CA    . THR C 3 37 ? -2.538  0.328   -6.535  1.00 36.21 ? 175 THR C CA    1 
ATOM   847 C C     . THR C 3 37 ? -2.470  1.034   -5.205  1.00 43.98 ? 175 THR C C     1 
ATOM   848 O O     . THR C 3 37 ? -3.489  1.378   -4.609  1.00 50.02 ? 175 THR C O     1 
ATOM   849 C CB    . THR C 3 37 ? -2.107  -1.147  -6.434  1.00 45.33 ? 175 THR C CB    1 
ATOM   850 O OG1   . THR C 3 37 ? -2.164  -1.756  -7.739  1.00 36.10 ? 175 THR C OG1   1 
ATOM   851 C CG2   . THR C 3 37 ? -2.997  -1.889  -5.484  1.00 47.40 ? 175 THR C CG2   1 
ATOM   852 N N     . LEU C 3 38 ? -1.245  1.303   -4.777  1.00 50.73 ? 176 LEU C N     1 
ATOM   853 C CA    . LEU C 3 38 ? -1.007  1.962   -3.505  1.00 37.35 ? 176 LEU C CA    1 
ATOM   854 C C     . LEU C 3 38 ? -1.535  3.356   -3.410  1.00 39.99 ? 176 LEU C C     1 
ATOM   855 O O     . LEU C 3 38 ? -2.086  3.754   -2.396  1.00 64.04 ? 176 LEU C O     1 
ATOM   856 C CB    . LEU C 3 38 ? 0.465   1.991   -3.234  1.00 38.83 ? 176 LEU C CB    1 
ATOM   857 C CG    . LEU C 3 38 ? 0.964   0.575   -2.996  1.00 60.81 ? 176 LEU C CG    1 
ATOM   858 C CD1   . LEU C 3 38 ? 2.467   0.550   -2.752  1.00 68.97 ? 176 LEU C CD1   1 
ATOM   859 C CD2   . LEU C 3 38 ? 0.227   0.025   -1.812  1.00 51.47 ? 176 LEU C CD2   1 
ATOM   860 N N     . TYR C 3 39 ? -1.361  4.120   -4.461  1.00 38.93 ? 177 TYR C N     1 
ATOM   861 C CA    . TYR C 3 39 ? -1.849  5.481   -4.410  1.00 44.87 ? 177 TYR C CA    1 
ATOM   862 C C     . TYR C 3 39 ? -3.354  5.456   -4.379  1.00 48.82 ? 177 TYR C C     1 
ATOM   863 O O     . TYR C 3 39 ? -4.008  6.477   -4.101  1.00 48.86 ? 177 TYR C O     1 
ATOM   864 C CB    . TYR C 3 39 ? -1.345  6.273   -5.629  1.00 40.67 ? 177 TYR C CB    1 
ATOM   865 C CG    . TYR C 3 39 ? 0.039   6.860   -5.452  1.00 50.28 ? 177 TYR C CG    1 
ATOM   866 C CD1   . TYR C 3 39 ? 0.243   7.970   -4.628  1.00 54.99 ? 177 TYR C CD1   1 
ATOM   867 C CD2   . TYR C 3 39 ? 1.147   6.295   -6.082  1.00 52.45 ? 177 TYR C CD2   1 
ATOM   868 C CE1   . TYR C 3 39 ? 1.526   8.508   -4.435  1.00 74.44 ? 177 TYR C CE1   1 
ATOM   869 C CE2   . TYR C 3 39 ? 2.439   6.825   -5.896  1.00 60.38 ? 177 TYR C CE2   1 
ATOM   870 C CZ    . TYR C 3 39 ? 2.631   7.940   -5.070  1.00 69.93 ? 177 TYR C CZ    1 
ATOM   871 O OH    . TYR C 3 39 ? 3.909   8.491   -4.882  1.00 38.87 ? 177 TYR C OH    1 
ATOM   872 N N     . ARG C 3 40 ? -3.902  4.278   -4.681  1.00 54.64 ? 178 ARG C N     1 
ATOM   873 C CA    . ARG C 3 40 ? -5.354  4.105   -4.703  1.00 54.50 ? 178 ARG C CA    1 
ATOM   874 C C     . ARG C 3 40 ? -5.924  3.791   -3.322  1.00 49.63 ? 178 ARG C C     1 
ATOM   875 O O     . ARG C 3 40 ? -6.922  4.378   -2.923  1.00 54.56 ? 178 ARG C O     1 
ATOM   876 C CB    . ARG C 3 40 ? -5.746  3.001   -5.678  1.00 60.74 ? 178 ARG C CB    1 
ATOM   877 C CG    . ARG C 3 40 ? -7.246  2.990   -6.011  1.00 58.99 ? 178 ARG C CG    1 
ATOM   878 C CD    . ARG C 3 40 ? -7.615  1.692   -6.717  1.00 49.32 ? 178 ARG C CD    1 
ATOM   879 N NE    . ARG C 3 40 ? -6.742  1.483   -7.860  1.00 57.71 ? 178 ARG C NE    1 
ATOM   880 C CZ    . ARG C 3 40 ? -6.218  0.315   -8.209  1.00 74.94 ? 178 ARG C CZ    1 
ATOM   881 N NH1   . ARG C 3 40 ? -5.427  0.255   -9.276  1.00 61.12 ? 178 ARG C NH1   1 
ATOM   882 N NH2   . ARG C 3 40 ? -6.485  -0.782  -7.504  1.00 67.49 ? 178 ARG C NH2   1 
ATOM   883 N N     . TYR C 3 41 ? -5.294  2.860   -2.605  1.00 41.58 ? 179 TYR C N     1 
ATOM   884 C CA    . TYR C 3 41 ? -5.737  2.506   -1.250  1.00 52.76 ? 179 TYR C CA    1 
ATOM   885 C C     . TYR C 3 41 ? -5.409  3.664   -0.307  1.00 56.62 ? 179 TYR C C     1 
ATOM   886 O O     . TYR C 3 41 ? -6.183  4.005   0.582   1.00 65.40 ? 179 TYR C O     1 
ATOM   887 C CB    . TYR C 3 41 ? -5.025  1.237   -0.748  1.00 67.83 ? 179 TYR C CB    1 
ATOM   888 C CG    . TYR C 3 41 ? -5.636  -0.081  -1.184  1.00 77.25 ? 179 TYR C CG    1 
ATOM   889 C CD1   . TYR C 3 41 ? -5.922  -0.336  -2.520  1.00 78.52 ? 179 TYR C CD1   1 
ATOM   890 C CD2   . TYR C 3 41 ? -5.856  -1.101  -0.264  1.00 85.56 ? 179 TYR C CD2   1 
ATOM   891 C CE1   . TYR C 3 41 ? -6.395  -1.571  -2.930  1.00 71.98 ? 179 TYR C CE1   1 
ATOM   892 C CE2   . TYR C 3 41 ? -6.328  -2.342  -0.665  1.00 79.62 ? 179 TYR C CE2   1 
ATOM   893 C CZ    . TYR C 3 41 ? -6.580  -2.574  -2.003  1.00 74.66 ? 179 TYR C CZ    1 
ATOM   894 O OH    . TYR C 3 41 ? -6.861  -3.848  -2.424  1.00 56.12 ? 179 TYR C OH    1 
ATOM   895 N N     . PHE C 3 42 ? -4.246  4.269   -0.514  1.00 63.22 ? 180 PHE C N     1 
ATOM   896 C CA    . PHE C 3 42 ? -3.814  5.383   0.311   1.00 58.27 ? 180 PHE C CA    1 
ATOM   897 C C     . PHE C 3 42 ? -3.366  6.574   -0.554  1.00 58.58 ? 180 PHE C C     1 
ATOM   898 O O     . PHE C 3 42 ? -2.246  6.610   -1.032  1.00 54.58 ? 180 PHE C O     1 
ATOM   899 C CB    . PHE C 3 42 ? -2.661  4.922   1.201   1.00 54.95 ? 180 PHE C CB    1 
ATOM   900 C CG    . PHE C 3 42 ? -2.808  3.521   1.708   1.00 55.33 ? 180 PHE C CG    1 
ATOM   901 C CD1   . PHE C 3 42 ? -2.091  2.486   1.138   1.00 60.17 ? 180 PHE C CD1   1 
ATOM   902 C CD2   . PHE C 3 42 ? -3.660  3.240   2.768   1.00 66.98 ? 180 PHE C CD2   1 
ATOM   903 C CE1   . PHE C 3 42 ? -2.217  1.179   1.628   1.00 70.38 ? 180 PHE C CE1   1 
ATOM   904 C CE2   . PHE C 3 42 ? -3.797  1.931   3.265   1.00 53.84 ? 180 PHE C CE2   1 
ATOM   905 C CZ    . PHE C 3 42 ? -3.073  0.901   2.694   1.00 63.50 ? 180 PHE C CZ    1 
ATOM   906 N N     . PRO C 3 43 ? -4.252  7.549   -0.781  1.00 50.41 ? 181 PRO C N     1 
ATOM   907 C CA    . PRO C 3 43 ? -3.917  8.731   -1.589  1.00 60.84 ? 181 PRO C CA    1 
ATOM   908 C C     . PRO C 3 43 ? -2.900  9.632   -0.871  1.00 67.87 ? 181 PRO C C     1 
ATOM   909 O O     . PRO C 3 43 ? -2.762  9.540   0.342   1.00 67.74 ? 181 PRO C O     1 
ATOM   910 C CB    . PRO C 3 43 ? -5.269  9.430   -1.743  1.00 63.74 ? 181 PRO C CB    1 
ATOM   911 C CG    . PRO C 3 43 ? -6.240  8.286   -1.687  1.00 56.76 ? 181 PRO C CG    1 
ATOM   912 C CD    . PRO C 3 43 ? -5.703  7.467   -0.551  1.00 50.73 ? 181 PRO C CD    1 
ATOM   913 N N     . ALA C 3 44 ? -2.187  10.492  -1.607  1.00 70.87 ? 182 ALA C N     1 
ATOM   914 C CA    . ALA C 3 44 ? -1.225  11.414  -0.982  1.00 77.26 ? 182 ALA C CA    1 
ATOM   915 C C     . ALA C 3 44 ? -2.048  12.437  -0.255  1.00 79.06 ? 182 ALA C C     1 
ATOM   916 O O     . ALA C 3 44 ? -1.545  13.454  0.202   1.00 79.56 ? 182 ALA C O     1 
ATOM   917 C CB    . ALA C 3 44 ? -0.351  12.107  -2.009  1.00 60.91 ? 182 ALA C CB    1 
ATOM   918 N N     . SER C 3 45 ? -3.343  12.195  -0.192  1.00 83.06 ? 183 SER C N     1 
ATOM   919 C CA    . SER C 3 45 ? -4.212  13.085  0.535   1.00 86.97 ? 183 SER C CA    1 
ATOM   920 C C     . SER C 3 45 ? -4.625  12.316  1.830   1.00 89.49 ? 183 SER C C     1 
ATOM   921 O O     . SER C 3 45 ? -5.748  12.444  2.341   1.00 89.73 ? 183 SER C O     1 
ATOM   922 C CB    . SER C 3 45 ? -5.381  13.475  -0.375  1.00 88.25 ? 183 SER C CB    1 
ATOM   923 O OG    . SER C 3 45 ? -4.842  14.088  -1.548  1.00 82.70 ? 183 SER C OG    1 
ATOM   924 N N     . SER C 3 46 ? -3.679  11.521  2.357   1.00 90.06 ? 184 SER C N     1 
ATOM   925 C CA    . SER C 3 46 ? -3.865  10.694  3.571   1.00 88.44 ? 184 SER C CA    1 
ATOM   926 C C     . SER C 3 46 ? -2.759  10.930  4.621   1.00 84.55 ? 184 SER C C     1 
ATOM   927 O O     . SER C 3 46 ? -1.961  10.025  4.939   1.00 80.78 ? 184 SER C O     1 
ATOM   928 C CB    . SER C 3 46 ? -3.872  9.190   3.196   1.00 93.00 ? 184 SER C CB    1 
ATOM   929 O OG    . SER C 3 46 ? -4.786  8.901   2.146   1.00 96.70 ? 184 SER C OG    1 
HETATM 930 C C     . TRS D 4 .  ? -1.510  -4.984  -18.237 1.00 74.85 ? 204 TRS A C     1 
HETATM 931 C C1    . TRS D 4 .  ? -0.125  -5.716  -18.253 1.00 81.37 ? 204 TRS A C1    1 
HETATM 932 C C2    . TRS D 4 .  ? -1.415  -3.917  -17.314 1.00 80.15 ? 204 TRS A C2    1 
HETATM 933 C C3    . TRS D 4 .  ? -2.588  -6.057  -17.950 1.00 97.24 ? 204 TRS A C3    1 
HETATM 934 N N     . TRS D 4 .  ? -1.757  -4.415  -19.574 1.00 84.27 ? 204 TRS A N     1 
HETATM 935 O O1    . TRS D 4 .  ? 0.057   -6.672  -17.297 1.00 84.83 ? 204 TRS A O1    1 
HETATM 936 O O2    . TRS D 4 .  ? -2.413  -3.666  -16.367 1.00 70.17 ? 204 TRS A O2    1 
HETATM 937 O O3    . TRS D 4 .  ? -3.930  -5.623  -17.906 1.00 78.63 ? 204 TRS A O3    1 
HETATM 938 O O     . HOH E 5 .  ? -5.657  10.617  -18.466 1.00 44.51 ? 202 HOH B O     1 
HETATM 939 O O     . HOH F 5 .  ? 1.389   -10.060 -6.857  1.00 53.81 ? 203 HOH C O     1 
# 
loop_
_pdbx_poly_seq_scheme.asym_id 
_pdbx_poly_seq_scheme.entity_id 
_pdbx_poly_seq_scheme.seq_id 
_pdbx_poly_seq_scheme.mon_id 
_pdbx_poly_seq_scheme.ndb_seq_num 
_pdbx_poly_seq_scheme.pdb_seq_num 
_pdbx_poly_seq_scheme.auth_seq_num 
_pdbx_poly_seq_scheme.pdb_mon_id 
_pdbx_poly_seq_scheme.auth_mon_id 
_pdbx_poly_seq_scheme.pdb_strand_id 
_pdbx_poly_seq_scheme.pdb_ins_code 
_pdbx_poly_seq_scheme.hetero 
A 1 1  DT  1  2   2   DT  T   A . n 
A 1 2  DG  2  3   3   DG  G   A . n 
A 1 3  DT  3  4   4   DT  T   A . n 
A 1 4  DT  4  5   5   DT  T   A . n 
A 1 5  DT  5  6   6   DT  T   A . n 
A 1 6  DT  6  7   7   DT  T   A . n 
A 1 7  DT  7  8   8   DT  T   A . n 
A 1 8  DG  8  9   9   DG  G   A . n 
A 1 9  DA  9  10  10  DA  A   A . n 
A 1 10 DC  10 11  11  DC  C   A . n 
A 1 11 DA  11 12  12  DA  A   A . n 
A 1 12 DA  12 13  13  DA  A   A . n 
A 1 13 DG  13 14  14  DG  G   A . n 
A 1 14 DA  14 15  15  DA  A   A . n 
B 2 1  DA  1  16  16  DA  A   B . n 
B 2 2  DT  2  17  17  DT  T   B . n 
B 2 3  DC  3  18  18  DC  C   B . n 
B 2 4  DT  4  19  19  DT  T   B . n 
B 2 5  DT  5  20  20  DT  T   B . n 
B 2 6  DG  6  21  21  DG  G   B . n 
B 2 7  DT  7  22  22  DT  T   B . n 
B 2 8  DC  8  23  23  DC  C   B . n 
B 2 9  DA  9  24  24  DA  A   B . n 
B 2 10 DA  10 25  25  DA  A   B . n 
B 2 11 DA  11 26  26  DA  A   B . n 
B 2 12 DA  12 27  27  DA  A   B . n 
B 2 13 DA  13 28  28  DA  A   B . n 
B 2 14 DC  14 29  29  DC  C   B . n 
C 3 1  GLY 1  139 139 GLY GLY C . n 
C 3 2  ARG 2  140 140 ARG ARG C . n 
C 3 3  PRO 3  141 141 PRO PRO C . n 
C 3 4  ARG 4  142 142 ARG ARG C . n 
C 3 5  ALA 5  143 143 ALA ALA C . n 
C 3 6  ILE 6  144 144 ILE ILE C . n 
C 3 7  ASN 7  145 145 ASN ASN C . n 
C 3 8  LYS 8  146 146 LYS LYS C . n 
C 3 9  HIS 9  147 147 HIS HIS C . n 
C 3 10 GLU 10 148 148 GLU GLU C . n 
C 3 11 GLN 11 149 149 GLN GLN C . n 
C 3 12 GLU 12 150 150 GLU GLU C . n 
C 3 13 GLN 13 151 151 GLN GLN C . n 
C 3 14 ILE 14 152 152 ILE ILE C . n 
C 3 15 SER 15 153 153 SER SER C . n 
C 3 16 ARG 16 154 154 ARG ARG C . n 
C 3 17 LEU 17 155 155 LEU LEU C . n 
C 3 18 LEU 18 156 156 LEU LEU C . n 
C 3 19 GLU 19 157 157 GLU GLU C . n 
C 3 20 LYS 20 158 158 LYS LYS C . n 
C 3 21 GLY 21 159 159 GLY GLY C . n 
C 3 22 HIS 22 160 160 HIS HIS C . n 
C 3 23 PRO 23 161 161 PRO PRO C . n 
C 3 24 ARG 24 162 162 ARG ARG C . n 
C 3 25 GLN 25 163 163 GLN GLN C . n 
C 3 26 GLN 26 164 164 GLN GLN C . n 
C 3 27 LEU 27 165 165 LEU LEU C . n 
C 3 28 ALA 28 166 166 ALA ALA C . n 
C 3 29 ILE 29 167 167 ILE ILE C . n 
C 3 30 ILE 30 168 168 ILE ILE C . n 
C 3 31 PHE 31 169 169 PHE PHE C . n 
C 3 32 GLY 32 170 170 GLY GLY C . n 
C 3 33 ILE 33 171 171 ILE ILE C . n 
C 3 34 GLY 34 172 172 GLY GLY C . n 
C 3 35 VAL 35 173 173 VAL VAL C . n 
C 3 36 SER 36 174 174 SER SER C . n 
C 3 37 THR 37 175 175 THR THR C . n 
C 3 38 LEU 38 176 176 LEU LEU C . n 
C 3 39 TYR 39 177 177 TYR TYR C . n 
C 3 40 ARG 40 178 178 ARG ARG C . n 
C 3 41 TYR 41 179 179 TYR TYR C . n 
C 3 42 PHE 42 180 180 PHE PHE C . n 
C 3 43 PRO 43 181 181 PRO PRO C . n 
C 3 44 ALA 44 182 182 ALA ALA C . n 
C 3 45 SER 45 183 183 SER SER C . n 
C 3 46 SER 46 184 184 SER SER C . n 
C 3 47 ILE 47 185 ?   ?   ?   C . n 
C 3 48 LYS 48 186 ?   ?   ?   C . n 
C 3 49 LYS 49 187 ?   ?   ?   C . n 
C 3 50 ARG 50 188 ?   ?   ?   C . n 
C 3 51 MET 51 189 ?   ?   ?   C . n 
C 3 52 ASN 52 190 ?   ?   ?   C . n 
# 
loop_
_pdbx_nonpoly_scheme.asym_id 
_pdbx_nonpoly_scheme.entity_id 
_pdbx_nonpoly_scheme.mon_id 
_pdbx_nonpoly_scheme.ndb_seq_num 
_pdbx_nonpoly_scheme.pdb_seq_num 
_pdbx_nonpoly_scheme.auth_seq_num 
_pdbx_nonpoly_scheme.pdb_mon_id 
_pdbx_nonpoly_scheme.auth_mon_id 
_pdbx_nonpoly_scheme.pdb_strand_id 
_pdbx_nonpoly_scheme.pdb_ins_code 
D 4 TRS 1 204 204 TRS TRS A . 
E 5 HOH 1 202 202 HOH HOH B . 
F 5 HOH 1 203 203 HOH HOH C . 
# 
_pdbx_struct_assembly.id                   1 
_pdbx_struct_assembly.details              author_defined_assembly 
_pdbx_struct_assembly.method_details       ? 
_pdbx_struct_assembly.oligomeric_details   trimeric 
_pdbx_struct_assembly.oligomeric_count     3 
# 
_pdbx_struct_assembly_gen.assembly_id       1 
_pdbx_struct_assembly_gen.oper_expression   1 
_pdbx_struct_assembly_gen.asym_id_list      A,B,C,D,E,F 
# 
_pdbx_struct_oper_list.id                   1 
_pdbx_struct_oper_list.type                 'identity operation' 
_pdbx_struct_oper_list.name                 1_555 
_pdbx_struct_oper_list.symmetry_operation   x,y,z 
_pdbx_struct_oper_list.matrix[1][1]         1.0000000000 
_pdbx_struct_oper_list.matrix[1][2]         0.0000000000 
_pdbx_struct_oper_list.matrix[1][3]         0.0000000000 
_pdbx_struct_oper_list.vector[1]            0.0000000000 
_pdbx_struct_oper_list.matrix[2][1]         0.0000000000 
_pdbx_struct_oper_list.matrix[2][2]         1.0000000000 
_pdbx_struct_oper_list.matrix[2][3]         0.0000000000 
_pdbx_struct_oper_list.vector[2]            0.0000000000 
_pdbx_struct_oper_list.matrix[3][1]         0.0000000000 
_pdbx_struct_oper_list.matrix[3][2]         0.0000000000 
_pdbx_struct_oper_list.matrix[3][3]         1.0000000000 
_pdbx_struct_oper_list.vector[3]            0.0000000000 
# 
loop_
_pdbx_audit_revision_history.ordinal 
_pdbx_audit_revision_history.data_content_type 
_pdbx_audit_revision_history.major_revision 
_pdbx_audit_revision_history.minor_revision 
_pdbx_audit_revision_history.revision_date 
1 'Structure model' 1 0 2002-02-22 
2 'Structure model' 1 1 2008-04-27 
3 'Structure model' 1 2 2011-07-13 
4 'Structure model' 1 3 2023-08-16 
# 
_pdbx_audit_revision_details.ordinal             1 
_pdbx_audit_revision_details.revision_ordinal    1 
_pdbx_audit_revision_details.data_content_type   'Structure model' 
_pdbx_audit_revision_details.provider            repository 
_pdbx_audit_revision_details.type                'Initial release' 
_pdbx_audit_revision_details.description         ? 
_pdbx_audit_revision_details.details             ? 
# 
loop_
_pdbx_audit_revision_group.ordinal 
_pdbx_audit_revision_group.revision_ordinal 
_pdbx_audit_revision_group.data_content_type 
_pdbx_audit_revision_group.group 
1 2 'Structure model' 'Version format compliance' 
2 3 'Structure model' 'Version format compliance' 
3 4 'Structure model' 'Data collection'           
4 4 'Structure model' 'Database references'       
5 4 'Structure model' 'Derived calculations'      
6 4 'Structure model' 'Refinement description'    
# 
loop_
_pdbx_audit_revision_category.ordinal 
_pdbx_audit_revision_category.revision_ordinal 
_pdbx_audit_revision_category.data_content_type 
_pdbx_audit_revision_category.category 
1 4 'Structure model' chem_comp_atom                
2 4 'Structure model' chem_comp_bond                
3 4 'Structure model' database_2                    
4 4 'Structure model' pdbx_initial_refinement_model 
5 4 'Structure model' struct_site                   
# 
loop_
_pdbx_audit_revision_item.ordinal 
_pdbx_audit_revision_item.revision_ordinal 
_pdbx_audit_revision_item.data_content_type 
_pdbx_audit_revision_item.item 
1 4 'Structure model' '_database_2.pdbx_DOI'                
2 4 'Structure model' '_database_2.pdbx_database_accession' 
3 4 'Structure model' '_struct_site.pdbx_auth_asym_id'      
4 4 'Structure model' '_struct_site.pdbx_auth_comp_id'      
5 4 'Structure model' '_struct_site.pdbx_auth_seq_id'       
# 
loop_
_software.name 
_software.classification 
_software.version 
_software.citation_id 
_software.pdbx_ordinal 
CNS       refinement       . ? 1 
DENZO     'data reduction' . ? 2 
SCALEPACK 'data scaling'   . ? 3 
CNS       phasing          . ? 4 
# 
loop_
_pdbx_validate_rmsd_angle.id 
_pdbx_validate_rmsd_angle.PDB_model_num 
_pdbx_validate_rmsd_angle.auth_atom_id_1 
_pdbx_validate_rmsd_angle.auth_asym_id_1 
_pdbx_validate_rmsd_angle.auth_comp_id_1 
_pdbx_validate_rmsd_angle.auth_seq_id_1 
_pdbx_validate_rmsd_angle.PDB_ins_code_1 
_pdbx_validate_rmsd_angle.label_alt_id_1 
_pdbx_validate_rmsd_angle.auth_atom_id_2 
_pdbx_validate_rmsd_angle.auth_asym_id_2 
_pdbx_validate_rmsd_angle.auth_comp_id_2 
_pdbx_validate_rmsd_angle.auth_seq_id_2 
_pdbx_validate_rmsd_angle.PDB_ins_code_2 
_pdbx_validate_rmsd_angle.label_alt_id_2 
_pdbx_validate_rmsd_angle.auth_atom_id_3 
_pdbx_validate_rmsd_angle.auth_asym_id_3 
_pdbx_validate_rmsd_angle.auth_comp_id_3 
_pdbx_validate_rmsd_angle.auth_seq_id_3 
_pdbx_validate_rmsd_angle.PDB_ins_code_3 
_pdbx_validate_rmsd_angle.label_alt_id_3 
_pdbx_validate_rmsd_angle.angle_value 
_pdbx_validate_rmsd_angle.angle_target_value 
_pdbx_validate_rmsd_angle.angle_deviation 
_pdbx_validate_rmsd_angle.angle_standard_deviation 
_pdbx_validate_rmsd_angle.linker_flag 
1 1 "O5'" A DT 8  ? ? P     A DT 8  ? ? OP2   A DT 8  ? ? 119.29 110.70 8.59  1.20 N 
2 1 "C5'" B DA 16 ? ? "C4'" B DA 16 ? ? "C3'" B DA 16 ? A 126.49 115.70 10.79 1.20 N 
3 1 "C5'" B DT 17 ? A "C4'" B DT 17 ? A "C3'" B DT 17 ? ? 123.34 115.70 7.64  1.20 N 
4 1 "O4'" B DA 28 ? ? "C1'" B DA 28 ? ? N9    B DA 28 ? ? 111.25 108.30 2.95  0.30 N 
# 
_pdbx_validate_torsion.id              1 
_pdbx_validate_torsion.PDB_model_num   1 
_pdbx_validate_torsion.auth_comp_id    ASN 
_pdbx_validate_torsion.auth_asym_id    C 
_pdbx_validate_torsion.auth_seq_id     145 
_pdbx_validate_torsion.PDB_ins_code    ? 
_pdbx_validate_torsion.label_alt_id    ? 
_pdbx_validate_torsion.phi             -65.63 
_pdbx_validate_torsion.psi             -135.49 
# 
loop_
_pdbx_validate_planes.id 
_pdbx_validate_planes.PDB_model_num 
_pdbx_validate_planes.auth_comp_id 
_pdbx_validate_planes.auth_asym_id 
_pdbx_validate_planes.auth_seq_id 
_pdbx_validate_planes.PDB_ins_code 
_pdbx_validate_planes.label_alt_id 
_pdbx_validate_planes.rmsd 
_pdbx_validate_planes.type 
1 1 DT  A 7   ? ? 0.094 'SIDE CHAIN' 
2 1 DC  A 11  ? ? 0.079 'SIDE CHAIN' 
3 1 DA  A 15  ? ? 0.088 'SIDE CHAIN' 
4 1 DT  B 20  ? ? 0.067 'SIDE CHAIN' 
5 1 DA  B 28  ? ? 0.095 'SIDE CHAIN' 
6 1 TYR C 179 ? ? 0.069 'SIDE CHAIN' 
# 
loop_
_pdbx_unobs_or_zero_occ_atoms.id 
_pdbx_unobs_or_zero_occ_atoms.PDB_model_num 
_pdbx_unobs_or_zero_occ_atoms.polymer_flag 
_pdbx_unobs_or_zero_occ_atoms.occupancy_flag 
_pdbx_unobs_or_zero_occ_atoms.auth_asym_id 
_pdbx_unobs_or_zero_occ_atoms.auth_comp_id 
_pdbx_unobs_or_zero_occ_atoms.auth_seq_id 
_pdbx_unobs_or_zero_occ_atoms.PDB_ins_code 
_pdbx_unobs_or_zero_occ_atoms.auth_atom_id 
_pdbx_unobs_or_zero_occ_atoms.label_alt_id 
_pdbx_unobs_or_zero_occ_atoms.label_asym_id 
_pdbx_unobs_or_zero_occ_atoms.label_comp_id 
_pdbx_unobs_or_zero_occ_atoms.label_seq_id 
_pdbx_unobs_or_zero_occ_atoms.label_atom_id 
1  1 Y 1 C LYS 146 ? CE  ? C LYS 8  CE  
2  1 Y 1 C LYS 146 ? NZ  ? C LYS 8  NZ  
3  1 Y 1 C HIS 147 ? CG  ? C HIS 9  CG  
4  1 Y 1 C HIS 147 ? ND1 ? C HIS 9  ND1 
5  1 Y 1 C HIS 147 ? CD2 ? C HIS 9  CD2 
6  1 Y 1 C HIS 147 ? CE1 ? C HIS 9  CE1 
7  1 Y 1 C HIS 147 ? NE2 ? C HIS 9  NE2 
8  1 Y 1 C GLU 150 ? CG  ? C GLU 12 CG  
9  1 Y 1 C GLU 150 ? CD  ? C GLU 12 CD  
10 1 Y 1 C GLU 150 ? OE1 ? C GLU 12 OE1 
11 1 Y 1 C GLU 150 ? OE2 ? C GLU 12 OE2 
12 1 Y 1 C GLU 157 ? CG  ? C GLU 19 CG  
13 1 Y 1 C GLU 157 ? CD  ? C GLU 19 CD  
14 1 Y 1 C GLU 157 ? OE1 ? C GLU 19 OE1 
15 1 Y 1 C GLU 157 ? OE2 ? C GLU 19 OE2 
16 1 Y 1 C LYS 158 ? CG  ? C LYS 20 CG  
17 1 Y 1 C LYS 158 ? CD  ? C LYS 20 CD  
18 1 Y 1 C LYS 158 ? CE  ? C LYS 20 CE  
19 1 Y 1 C LYS 158 ? NZ  ? C LYS 20 NZ  
# 
loop_
_pdbx_unobs_or_zero_occ_residues.id 
_pdbx_unobs_or_zero_occ_residues.PDB_model_num 
_pdbx_unobs_or_zero_occ_residues.polymer_flag 
_pdbx_unobs_or_zero_occ_residues.occupancy_flag 
_pdbx_unobs_or_zero_occ_residues.auth_asym_id 
_pdbx_unobs_or_zero_occ_residues.auth_comp_id 
_pdbx_unobs_or_zero_occ_residues.auth_seq_id 
_pdbx_unobs_or_zero_occ_residues.PDB_ins_code 
_pdbx_unobs_or_zero_occ_residues.label_asym_id 
_pdbx_unobs_or_zero_occ_residues.label_comp_id 
_pdbx_unobs_or_zero_occ_residues.label_seq_id 
1 1 Y 1 C ILE 185 ? C ILE 47 
2 1 Y 1 C LYS 186 ? C LYS 48 
3 1 Y 1 C LYS 187 ? C LYS 49 
4 1 Y 1 C ARG 188 ? C ARG 50 
5 1 Y 1 C MET 189 ? C MET 51 
6 1 Y 1 C ASN 190 ? C ASN 52 
# 
loop_
_chem_comp_atom.comp_id 
_chem_comp_atom.atom_id 
_chem_comp_atom.type_symbol 
_chem_comp_atom.pdbx_aromatic_flag 
_chem_comp_atom.pdbx_stereo_config 
_chem_comp_atom.pdbx_ordinal 
ALA N      N N N 1   
ALA CA     C N S 2   
ALA C      C N N 3   
ALA O      O N N 4   
ALA CB     C N N 5   
ALA OXT    O N N 6   
ALA H      H N N 7   
ALA H2     H N N 8   
ALA HA     H N N 9   
ALA HB1    H N N 10  
ALA HB2    H N N 11  
ALA HB3    H N N 12  
ALA HXT    H N N 13  
ARG N      N N N 14  
ARG CA     C N S 15  
ARG C      C N N 16  
ARG O      O N N 17  
ARG CB     C N N 18  
ARG CG     C N N 19  
ARG CD     C N N 20  
ARG NE     N N N 21  
ARG CZ     C N N 22  
ARG NH1    N N N 23  
ARG NH2    N N N 24  
ARG OXT    O N N 25  
ARG H      H N N 26  
ARG H2     H N N 27  
ARG HA     H N N 28  
ARG HB2    H N N 29  
ARG HB3    H N N 30  
ARG HG2    H N N 31  
ARG HG3    H N N 32  
ARG HD2    H N N 33  
ARG HD3    H N N 34  
ARG HE     H N N 35  
ARG HH11   H N N 36  
ARG HH12   H N N 37  
ARG HH21   H N N 38  
ARG HH22   H N N 39  
ARG HXT    H N N 40  
ASN N      N N N 41  
ASN CA     C N S 42  
ASN C      C N N 43  
ASN O      O N N 44  
ASN CB     C N N 45  
ASN CG     C N N 46  
ASN OD1    O N N 47  
ASN ND2    N N N 48  
ASN OXT    O N N 49  
ASN H      H N N 50  
ASN H2     H N N 51  
ASN HA     H N N 52  
ASN HB2    H N N 53  
ASN HB3    H N N 54  
ASN HD21   H N N 55  
ASN HD22   H N N 56  
ASN HXT    H N N 57  
DA  OP3    O N N 58  
DA  P      P N N 59  
DA  OP1    O N N 60  
DA  OP2    O N N 61  
DA  "O5'"  O N N 62  
DA  "C5'"  C N N 63  
DA  "C4'"  C N R 64  
DA  "O4'"  O N N 65  
DA  "C3'"  C N S 66  
DA  "O3'"  O N N 67  
DA  "C2'"  C N N 68  
DA  "C1'"  C N R 69  
DA  N9     N Y N 70  
DA  C8     C Y N 71  
DA  N7     N Y N 72  
DA  C5     C Y N 73  
DA  C6     C Y N 74  
DA  N6     N N N 75  
DA  N1     N Y N 76  
DA  C2     C Y N 77  
DA  N3     N Y N 78  
DA  C4     C Y N 79  
DA  HOP3   H N N 80  
DA  HOP2   H N N 81  
DA  "H5'"  H N N 82  
DA  "H5''" H N N 83  
DA  "H4'"  H N N 84  
DA  "H3'"  H N N 85  
DA  "HO3'" H N N 86  
DA  "H2'"  H N N 87  
DA  "H2''" H N N 88  
DA  "H1'"  H N N 89  
DA  H8     H N N 90  
DA  H61    H N N 91  
DA  H62    H N N 92  
DA  H2     H N N 93  
DC  OP3    O N N 94  
DC  P      P N N 95  
DC  OP1    O N N 96  
DC  OP2    O N N 97  
DC  "O5'"  O N N 98  
DC  "C5'"  C N N 99  
DC  "C4'"  C N R 100 
DC  "O4'"  O N N 101 
DC  "C3'"  C N S 102 
DC  "O3'"  O N N 103 
DC  "C2'"  C N N 104 
DC  "C1'"  C N R 105 
DC  N1     N N N 106 
DC  C2     C N N 107 
DC  O2     O N N 108 
DC  N3     N N N 109 
DC  C4     C N N 110 
DC  N4     N N N 111 
DC  C5     C N N 112 
DC  C6     C N N 113 
DC  HOP3   H N N 114 
DC  HOP2   H N N 115 
DC  "H5'"  H N N 116 
DC  "H5''" H N N 117 
DC  "H4'"  H N N 118 
DC  "H3'"  H N N 119 
DC  "HO3'" H N N 120 
DC  "H2'"  H N N 121 
DC  "H2''" H N N 122 
DC  "H1'"  H N N 123 
DC  H41    H N N 124 
DC  H42    H N N 125 
DC  H5     H N N 126 
DC  H6     H N N 127 
DG  OP3    O N N 128 
DG  P      P N N 129 
DG  OP1    O N N 130 
DG  OP2    O N N 131 
DG  "O5'"  O N N 132 
DG  "C5'"  C N N 133 
DG  "C4'"  C N R 134 
DG  "O4'"  O N N 135 
DG  "C3'"  C N S 136 
DG  "O3'"  O N N 137 
DG  "C2'"  C N N 138 
DG  "C1'"  C N R 139 
DG  N9     N Y N 140 
DG  C8     C Y N 141 
DG  N7     N Y N 142 
DG  C5     C Y N 143 
DG  C6     C N N 144 
DG  O6     O N N 145 
DG  N1     N N N 146 
DG  C2     C N N 147 
DG  N2     N N N 148 
DG  N3     N N N 149 
DG  C4     C Y N 150 
DG  HOP3   H N N 151 
DG  HOP2   H N N 152 
DG  "H5'"  H N N 153 
DG  "H5''" H N N 154 
DG  "H4'"  H N N 155 
DG  "H3'"  H N N 156 
DG  "HO3'" H N N 157 
DG  "H2'"  H N N 158 
DG  "H2''" H N N 159 
DG  "H1'"  H N N 160 
DG  H8     H N N 161 
DG  H1     H N N 162 
DG  H21    H N N 163 
DG  H22    H N N 164 
DT  OP3    O N N 165 
DT  P      P N N 166 
DT  OP1    O N N 167 
DT  OP2    O N N 168 
DT  "O5'"  O N N 169 
DT  "C5'"  C N N 170 
DT  "C4'"  C N R 171 
DT  "O4'"  O N N 172 
DT  "C3'"  C N S 173 
DT  "O3'"  O N N 174 
DT  "C2'"  C N N 175 
DT  "C1'"  C N R 176 
DT  N1     N N N 177 
DT  C2     C N N 178 
DT  O2     O N N 179 
DT  N3     N N N 180 
DT  C4     C N N 181 
DT  O4     O N N 182 
DT  C5     C N N 183 
DT  C7     C N N 184 
DT  C6     C N N 185 
DT  HOP3   H N N 186 
DT  HOP2   H N N 187 
DT  "H5'"  H N N 188 
DT  "H5''" H N N 189 
DT  "H4'"  H N N 190 
DT  "H3'"  H N N 191 
DT  "HO3'" H N N 192 
DT  "H2'"  H N N 193 
DT  "H2''" H N N 194 
DT  "H1'"  H N N 195 
DT  H3     H N N 196 
DT  H71    H N N 197 
DT  H72    H N N 198 
DT  H73    H N N 199 
DT  H6     H N N 200 
GLN N      N N N 201 
GLN CA     C N S 202 
GLN C      C N N 203 
GLN O      O N N 204 
GLN CB     C N N 205 
GLN CG     C N N 206 
GLN CD     C N N 207 
GLN OE1    O N N 208 
GLN NE2    N N N 209 
GLN OXT    O N N 210 
GLN H      H N N 211 
GLN H2     H N N 212 
GLN HA     H N N 213 
GLN HB2    H N N 214 
GLN HB3    H N N 215 
GLN HG2    H N N 216 
GLN HG3    H N N 217 
GLN HE21   H N N 218 
GLN HE22   H N N 219 
GLN HXT    H N N 220 
GLU N      N N N 221 
GLU CA     C N S 222 
GLU C      C N N 223 
GLU O      O N N 224 
GLU CB     C N N 225 
GLU CG     C N N 226 
GLU CD     C N N 227 
GLU OE1    O N N 228 
GLU OE2    O N N 229 
GLU OXT    O N N 230 
GLU H      H N N 231 
GLU H2     H N N 232 
GLU HA     H N N 233 
GLU HB2    H N N 234 
GLU HB3    H N N 235 
GLU HG2    H N N 236 
GLU HG3    H N N 237 
GLU HE2    H N N 238 
GLU HXT    H N N 239 
GLY N      N N N 240 
GLY CA     C N N 241 
GLY C      C N N 242 
GLY O      O N N 243 
GLY OXT    O N N 244 
GLY H      H N N 245 
GLY H2     H N N 246 
GLY HA2    H N N 247 
GLY HA3    H N N 248 
GLY HXT    H N N 249 
HIS N      N N N 250 
HIS CA     C N S 251 
HIS C      C N N 252 
HIS O      O N N 253 
HIS CB     C N N 254 
HIS CG     C Y N 255 
HIS ND1    N Y N 256 
HIS CD2    C Y N 257 
HIS CE1    C Y N 258 
HIS NE2    N Y N 259 
HIS OXT    O N N 260 
HIS H      H N N 261 
HIS H2     H N N 262 
HIS HA     H N N 263 
HIS HB2    H N N 264 
HIS HB3    H N N 265 
HIS HD1    H N N 266 
HIS HD2    H N N 267 
HIS HE1    H N N 268 
HIS HE2    H N N 269 
HIS HXT    H N N 270 
HOH O      O N N 271 
HOH H1     H N N 272 
HOH H2     H N N 273 
ILE N      N N N 274 
ILE CA     C N S 275 
ILE C      C N N 276 
ILE O      O N N 277 
ILE CB     C N S 278 
ILE CG1    C N N 279 
ILE CG2    C N N 280 
ILE CD1    C N N 281 
ILE OXT    O N N 282 
ILE H      H N N 283 
ILE H2     H N N 284 
ILE HA     H N N 285 
ILE HB     H N N 286 
ILE HG12   H N N 287 
ILE HG13   H N N 288 
ILE HG21   H N N 289 
ILE HG22   H N N 290 
ILE HG23   H N N 291 
ILE HD11   H N N 292 
ILE HD12   H N N 293 
ILE HD13   H N N 294 
ILE HXT    H N N 295 
LEU N      N N N 296 
LEU CA     C N S 297 
LEU C      C N N 298 
LEU O      O N N 299 
LEU CB     C N N 300 
LEU CG     C N N 301 
LEU CD1    C N N 302 
LEU CD2    C N N 303 
LEU OXT    O N N 304 
LEU H      H N N 305 
LEU H2     H N N 306 
LEU HA     H N N 307 
LEU HB2    H N N 308 
LEU HB3    H N N 309 
LEU HG     H N N 310 
LEU HD11   H N N 311 
LEU HD12   H N N 312 
LEU HD13   H N N 313 
LEU HD21   H N N 314 
LEU HD22   H N N 315 
LEU HD23   H N N 316 
LEU HXT    H N N 317 
LYS N      N N N 318 
LYS CA     C N S 319 
LYS C      C N N 320 
LYS O      O N N 321 
LYS CB     C N N 322 
LYS CG     C N N 323 
LYS CD     C N N 324 
LYS CE     C N N 325 
LYS NZ     N N N 326 
LYS OXT    O N N 327 
LYS H      H N N 328 
LYS H2     H N N 329 
LYS HA     H N N 330 
LYS HB2    H N N 331 
LYS HB3    H N N 332 
LYS HG2    H N N 333 
LYS HG3    H N N 334 
LYS HD2    H N N 335 
LYS HD3    H N N 336 
LYS HE2    H N N 337 
LYS HE3    H N N 338 
LYS HZ1    H N N 339 
LYS HZ2    H N N 340 
LYS HZ3    H N N 341 
LYS HXT    H N N 342 
MET N      N N N 343 
MET CA     C N S 344 
MET C      C N N 345 
MET O      O N N 346 
MET CB     C N N 347 
MET CG     C N N 348 
MET SD     S N N 349 
MET CE     C N N 350 
MET OXT    O N N 351 
MET H      H N N 352 
MET H2     H N N 353 
MET HA     H N N 354 
MET HB2    H N N 355 
MET HB3    H N N 356 
MET HG2    H N N 357 
MET HG3    H N N 358 
MET HE1    H N N 359 
MET HE2    H N N 360 
MET HE3    H N N 361 
MET HXT    H N N 362 
PHE N      N N N 363 
PHE CA     C N S 364 
PHE C      C N N 365 
PHE O      O N N 366 
PHE CB     C N N 367 
PHE CG     C Y N 368 
PHE CD1    C Y N 369 
PHE CD2    C Y N 370 
PHE CE1    C Y N 371 
PHE CE2    C Y N 372 
PHE CZ     C Y N 373 
PHE OXT    O N N 374 
PHE H      H N N 375 
PHE H2     H N N 376 
PHE HA     H N N 377 
PHE HB2    H N N 378 
PHE HB3    H N N 379 
PHE HD1    H N N 380 
PHE HD2    H N N 381 
PHE HE1    H N N 382 
PHE HE2    H N N 383 
PHE HZ     H N N 384 
PHE HXT    H N N 385 
PRO N      N N N 386 
PRO CA     C N S 387 
PRO C      C N N 388 
PRO O      O N N 389 
PRO CB     C N N 390 
PRO CG     C N N 391 
PRO CD     C N N 392 
PRO OXT    O N N 393 
PRO H      H N N 394 
PRO HA     H N N 395 
PRO HB2    H N N 396 
PRO HB3    H N N 397 
PRO HG2    H N N 398 
PRO HG3    H N N 399 
PRO HD2    H N N 400 
PRO HD3    H N N 401 
PRO HXT    H N N 402 
SER N      N N N 403 
SER CA     C N S 404 
SER C      C N N 405 
SER O      O N N 406 
SER CB     C N N 407 
SER OG     O N N 408 
SER OXT    O N N 409 
SER H      H N N 410 
SER H2     H N N 411 
SER HA     H N N 412 
SER HB2    H N N 413 
SER HB3    H N N 414 
SER HG     H N N 415 
SER HXT    H N N 416 
THR N      N N N 417 
THR CA     C N S 418 
THR C      C N N 419 
THR O      O N N 420 
THR CB     C N R 421 
THR OG1    O N N 422 
THR CG2    C N N 423 
THR OXT    O N N 424 
THR H      H N N 425 
THR H2     H N N 426 
THR HA     H N N 427 
THR HB     H N N 428 
THR HG1    H N N 429 
THR HG21   H N N 430 
THR HG22   H N N 431 
THR HG23   H N N 432 
THR HXT    H N N 433 
TRS C      C N N 434 
TRS C1     C N N 435 
TRS C2     C N N 436 
TRS C3     C N N 437 
TRS N      N N N 438 
TRS O1     O N N 439 
TRS O2     O N N 440 
TRS O3     O N N 441 
TRS H11    H N N 442 
TRS H12    H N N 443 
TRS H21    H N N 444 
TRS H22    H N N 445 
TRS H31    H N N 446 
TRS H32    H N N 447 
TRS HN1    H N N 448 
TRS HN2    H N N 449 
TRS HN3    H N N 450 
TRS HO1    H N N 451 
TRS HO2    H N N 452 
TRS HO3    H N N 453 
TYR N      N N N 454 
TYR CA     C N S 455 
TYR C      C N N 456 
TYR O      O N N 457 
TYR CB     C N N 458 
TYR CG     C Y N 459 
TYR CD1    C Y N 460 
TYR CD2    C Y N 461 
TYR CE1    C Y N 462 
TYR CE2    C Y N 463 
TYR CZ     C Y N 464 
TYR OH     O N N 465 
TYR OXT    O N N 466 
TYR H      H N N 467 
TYR H2     H N N 468 
TYR HA     H N N 469 
TYR HB2    H N N 470 
TYR HB3    H N N 471 
TYR HD1    H N N 472 
TYR HD2    H N N 473 
TYR HE1    H N N 474 
TYR HE2    H N N 475 
TYR HH     H N N 476 
TYR HXT    H N N 477 
VAL N      N N N 478 
VAL CA     C N S 479 
VAL C      C N N 480 
VAL O      O N N 481 
VAL CB     C N N 482 
VAL CG1    C N N 483 
VAL CG2    C N N 484 
VAL OXT    O N N 485 
VAL H      H N N 486 
VAL H2     H N N 487 
VAL HA     H N N 488 
VAL HB     H N N 489 
VAL HG11   H N N 490 
VAL HG12   H N N 491 
VAL HG13   H N N 492 
VAL HG21   H N N 493 
VAL HG22   H N N 494 
VAL HG23   H N N 495 
VAL HXT    H N N 496 
# 
loop_
_chem_comp_bond.comp_id 
_chem_comp_bond.atom_id_1 
_chem_comp_bond.atom_id_2 
_chem_comp_bond.value_order 
_chem_comp_bond.pdbx_aromatic_flag 
_chem_comp_bond.pdbx_stereo_config 
_chem_comp_bond.pdbx_ordinal 
ALA N     CA     sing N N 1   
ALA N     H      sing N N 2   
ALA N     H2     sing N N 3   
ALA CA    C      sing N N 4   
ALA CA    CB     sing N N 5   
ALA CA    HA     sing N N 6   
ALA C     O      doub N N 7   
ALA C     OXT    sing N N 8   
ALA CB    HB1    sing N N 9   
ALA CB    HB2    sing N N 10  
ALA CB    HB3    sing N N 11  
ALA OXT   HXT    sing N N 12  
ARG N     CA     sing N N 13  
ARG N     H      sing N N 14  
ARG N     H2     sing N N 15  
ARG CA    C      sing N N 16  
ARG CA    CB     sing N N 17  
ARG CA    HA     sing N N 18  
ARG C     O      doub N N 19  
ARG C     OXT    sing N N 20  
ARG CB    CG     sing N N 21  
ARG CB    HB2    sing N N 22  
ARG CB    HB3    sing N N 23  
ARG CG    CD     sing N N 24  
ARG CG    HG2    sing N N 25  
ARG CG    HG3    sing N N 26  
ARG CD    NE     sing N N 27  
ARG CD    HD2    sing N N 28  
ARG CD    HD3    sing N N 29  
ARG NE    CZ     sing N N 30  
ARG NE    HE     sing N N 31  
ARG CZ    NH1    sing N N 32  
ARG CZ    NH2    doub N N 33  
ARG NH1   HH11   sing N N 34  
ARG NH1   HH12   sing N N 35  
ARG NH2   HH21   sing N N 36  
ARG NH2   HH22   sing N N 37  
ARG OXT   HXT    sing N N 38  
ASN N     CA     sing N N 39  
ASN N     H      sing N N 40  
ASN N     H2     sing N N 41  
ASN CA    C      sing N N 42  
ASN CA    CB     sing N N 43  
ASN CA    HA     sing N N 44  
ASN C     O      doub N N 45  
ASN C     OXT    sing N N 46  
ASN CB    CG     sing N N 47  
ASN CB    HB2    sing N N 48  
ASN CB    HB3    sing N N 49  
ASN CG    OD1    doub N N 50  
ASN CG    ND2    sing N N 51  
ASN ND2   HD21   sing N N 52  
ASN ND2   HD22   sing N N 53  
ASN OXT   HXT    sing N N 54  
DA  OP3   P      sing N N 55  
DA  OP3   HOP3   sing N N 56  
DA  P     OP1    doub N N 57  
DA  P     OP2    sing N N 58  
DA  P     "O5'"  sing N N 59  
DA  OP2   HOP2   sing N N 60  
DA  "O5'" "C5'"  sing N N 61  
DA  "C5'" "C4'"  sing N N 62  
DA  "C5'" "H5'"  sing N N 63  
DA  "C5'" "H5''" sing N N 64  
DA  "C4'" "O4'"  sing N N 65  
DA  "C4'" "C3'"  sing N N 66  
DA  "C4'" "H4'"  sing N N 67  
DA  "O4'" "C1'"  sing N N 68  
DA  "C3'" "O3'"  sing N N 69  
DA  "C3'" "C2'"  sing N N 70  
DA  "C3'" "H3'"  sing N N 71  
DA  "O3'" "HO3'" sing N N 72  
DA  "C2'" "C1'"  sing N N 73  
DA  "C2'" "H2'"  sing N N 74  
DA  "C2'" "H2''" sing N N 75  
DA  "C1'" N9     sing N N 76  
DA  "C1'" "H1'"  sing N N 77  
DA  N9    C8     sing Y N 78  
DA  N9    C4     sing Y N 79  
DA  C8    N7     doub Y N 80  
DA  C8    H8     sing N N 81  
DA  N7    C5     sing Y N 82  
DA  C5    C6     sing Y N 83  
DA  C5    C4     doub Y N 84  
DA  C6    N6     sing N N 85  
DA  C6    N1     doub Y N 86  
DA  N6    H61    sing N N 87  
DA  N6    H62    sing N N 88  
DA  N1    C2     sing Y N 89  
DA  C2    N3     doub Y N 90  
DA  C2    H2     sing N N 91  
DA  N3    C4     sing Y N 92  
DC  OP3   P      sing N N 93  
DC  OP3   HOP3   sing N N 94  
DC  P     OP1    doub N N 95  
DC  P     OP2    sing N N 96  
DC  P     "O5'"  sing N N 97  
DC  OP2   HOP2   sing N N 98  
DC  "O5'" "C5'"  sing N N 99  
DC  "C5'" "C4'"  sing N N 100 
DC  "C5'" "H5'"  sing N N 101 
DC  "C5'" "H5''" sing N N 102 
DC  "C4'" "O4'"  sing N N 103 
DC  "C4'" "C3'"  sing N N 104 
DC  "C4'" "H4'"  sing N N 105 
DC  "O4'" "C1'"  sing N N 106 
DC  "C3'" "O3'"  sing N N 107 
DC  "C3'" "C2'"  sing N N 108 
DC  "C3'" "H3'"  sing N N 109 
DC  "O3'" "HO3'" sing N N 110 
DC  "C2'" "C1'"  sing N N 111 
DC  "C2'" "H2'"  sing N N 112 
DC  "C2'" "H2''" sing N N 113 
DC  "C1'" N1     sing N N 114 
DC  "C1'" "H1'"  sing N N 115 
DC  N1    C2     sing N N 116 
DC  N1    C6     sing N N 117 
DC  C2    O2     doub N N 118 
DC  C2    N3     sing N N 119 
DC  N3    C4     doub N N 120 
DC  C4    N4     sing N N 121 
DC  C4    C5     sing N N 122 
DC  N4    H41    sing N N 123 
DC  N4    H42    sing N N 124 
DC  C5    C6     doub N N 125 
DC  C5    H5     sing N N 126 
DC  C6    H6     sing N N 127 
DG  OP3   P      sing N N 128 
DG  OP3   HOP3   sing N N 129 
DG  P     OP1    doub N N 130 
DG  P     OP2    sing N N 131 
DG  P     "O5'"  sing N N 132 
DG  OP2   HOP2   sing N N 133 
DG  "O5'" "C5'"  sing N N 134 
DG  "C5'" "C4'"  sing N N 135 
DG  "C5'" "H5'"  sing N N 136 
DG  "C5'" "H5''" sing N N 137 
DG  "C4'" "O4'"  sing N N 138 
DG  "C4'" "C3'"  sing N N 139 
DG  "C4'" "H4'"  sing N N 140 
DG  "O4'" "C1'"  sing N N 141 
DG  "C3'" "O3'"  sing N N 142 
DG  "C3'" "C2'"  sing N N 143 
DG  "C3'" "H3'"  sing N N 144 
DG  "O3'" "HO3'" sing N N 145 
DG  "C2'" "C1'"  sing N N 146 
DG  "C2'" "H2'"  sing N N 147 
DG  "C2'" "H2''" sing N N 148 
DG  "C1'" N9     sing N N 149 
DG  "C1'" "H1'"  sing N N 150 
DG  N9    C8     sing Y N 151 
DG  N9    C4     sing Y N 152 
DG  C8    N7     doub Y N 153 
DG  C8    H8     sing N N 154 
DG  N7    C5     sing Y N 155 
DG  C5    C6     sing N N 156 
DG  C5    C4     doub Y N 157 
DG  C6    O6     doub N N 158 
DG  C6    N1     sing N N 159 
DG  N1    C2     sing N N 160 
DG  N1    H1     sing N N 161 
DG  C2    N2     sing N N 162 
DG  C2    N3     doub N N 163 
DG  N2    H21    sing N N 164 
DG  N2    H22    sing N N 165 
DG  N3    C4     sing N N 166 
DT  OP3   P      sing N N 167 
DT  OP3   HOP3   sing N N 168 
DT  P     OP1    doub N N 169 
DT  P     OP2    sing N N 170 
DT  P     "O5'"  sing N N 171 
DT  OP2   HOP2   sing N N 172 
DT  "O5'" "C5'"  sing N N 173 
DT  "C5'" "C4'"  sing N N 174 
DT  "C5'" "H5'"  sing N N 175 
DT  "C5'" "H5''" sing N N 176 
DT  "C4'" "O4'"  sing N N 177 
DT  "C4'" "C3'"  sing N N 178 
DT  "C4'" "H4'"  sing N N 179 
DT  "O4'" "C1'"  sing N N 180 
DT  "C3'" "O3'"  sing N N 181 
DT  "C3'" "C2'"  sing N N 182 
DT  "C3'" "H3'"  sing N N 183 
DT  "O3'" "HO3'" sing N N 184 
DT  "C2'" "C1'"  sing N N 185 
DT  "C2'" "H2'"  sing N N 186 
DT  "C2'" "H2''" sing N N 187 
DT  "C1'" N1     sing N N 188 
DT  "C1'" "H1'"  sing N N 189 
DT  N1    C2     sing N N 190 
DT  N1    C6     sing N N 191 
DT  C2    O2     doub N N 192 
DT  C2    N3     sing N N 193 
DT  N3    C4     sing N N 194 
DT  N3    H3     sing N N 195 
DT  C4    O4     doub N N 196 
DT  C4    C5     sing N N 197 
DT  C5    C7     sing N N 198 
DT  C5    C6     doub N N 199 
DT  C7    H71    sing N N 200 
DT  C7    H72    sing N N 201 
DT  C7    H73    sing N N 202 
DT  C6    H6     sing N N 203 
GLN N     CA     sing N N 204 
GLN N     H      sing N N 205 
GLN N     H2     sing N N 206 
GLN CA    C      sing N N 207 
GLN CA    CB     sing N N 208 
GLN CA    HA     sing N N 209 
GLN C     O      doub N N 210 
GLN C     OXT    sing N N 211 
GLN CB    CG     sing N N 212 
GLN CB    HB2    sing N N 213 
GLN CB    HB3    sing N N 214 
GLN CG    CD     sing N N 215 
GLN CG    HG2    sing N N 216 
GLN CG    HG3    sing N N 217 
GLN CD    OE1    doub N N 218 
GLN CD    NE2    sing N N 219 
GLN NE2   HE21   sing N N 220 
GLN NE2   HE22   sing N N 221 
GLN OXT   HXT    sing N N 222 
GLU N     CA     sing N N 223 
GLU N     H      sing N N 224 
GLU N     H2     sing N N 225 
GLU CA    C      sing N N 226 
GLU CA    CB     sing N N 227 
GLU CA    HA     sing N N 228 
GLU C     O      doub N N 229 
GLU C     OXT    sing N N 230 
GLU CB    CG     sing N N 231 
GLU CB    HB2    sing N N 232 
GLU CB    HB3    sing N N 233 
GLU CG    CD     sing N N 234 
GLU CG    HG2    sing N N 235 
GLU CG    HG3    sing N N 236 
GLU CD    OE1    doub N N 237 
GLU CD    OE2    sing N N 238 
GLU OE2   HE2    sing N N 239 
GLU OXT   HXT    sing N N 240 
GLY N     CA     sing N N 241 
GLY N     H      sing N N 242 
GLY N     H2     sing N N 243 
GLY CA    C      sing N N 244 
GLY CA    HA2    sing N N 245 
GLY CA    HA3    sing N N 246 
GLY C     O      doub N N 247 
GLY C     OXT    sing N N 248 
GLY OXT   HXT    sing N N 249 
HIS N     CA     sing N N 250 
HIS N     H      sing N N 251 
HIS N     H2     sing N N 252 
HIS CA    C      sing N N 253 
HIS CA    CB     sing N N 254 
HIS CA    HA     sing N N 255 
HIS C     O      doub N N 256 
HIS C     OXT    sing N N 257 
HIS CB    CG     sing N N 258 
HIS CB    HB2    sing N N 259 
HIS CB    HB3    sing N N 260 
HIS CG    ND1    sing Y N 261 
HIS CG    CD2    doub Y N 262 
HIS ND1   CE1    doub Y N 263 
HIS ND1   HD1    sing N N 264 
HIS CD2   NE2    sing Y N 265 
HIS CD2   HD2    sing N N 266 
HIS CE1   NE2    sing Y N 267 
HIS CE1   HE1    sing N N 268 
HIS NE2   HE2    sing N N 269 
HIS OXT   HXT    sing N N 270 
HOH O     H1     sing N N 271 
HOH O     H2     sing N N 272 
ILE N     CA     sing N N 273 
ILE N     H      sing N N 274 
ILE N     H2     sing N N 275 
ILE CA    C      sing N N 276 
ILE CA    CB     sing N N 277 
ILE CA    HA     sing N N 278 
ILE C     O      doub N N 279 
ILE C     OXT    sing N N 280 
ILE CB    CG1    sing N N 281 
ILE CB    CG2    sing N N 282 
ILE CB    HB     sing N N 283 
ILE CG1   CD1    sing N N 284 
ILE CG1   HG12   sing N N 285 
ILE CG1   HG13   sing N N 286 
ILE CG2   HG21   sing N N 287 
ILE CG2   HG22   sing N N 288 
ILE CG2   HG23   sing N N 289 
ILE CD1   HD11   sing N N 290 
ILE CD1   HD12   sing N N 291 
ILE CD1   HD13   sing N N 292 
ILE OXT   HXT    sing N N 293 
LEU N     CA     sing N N 294 
LEU N     H      sing N N 295 
LEU N     H2     sing N N 296 
LEU CA    C      sing N N 297 
LEU CA    CB     sing N N 298 
LEU CA    HA     sing N N 299 
LEU C     O      doub N N 300 
LEU C     OXT    sing N N 301 
LEU CB    CG     sing N N 302 
LEU CB    HB2    sing N N 303 
LEU CB    HB3    sing N N 304 
LEU CG    CD1    sing N N 305 
LEU CG    CD2    sing N N 306 
LEU CG    HG     sing N N 307 
LEU CD1   HD11   sing N N 308 
LEU CD1   HD12   sing N N 309 
LEU CD1   HD13   sing N N 310 
LEU CD2   HD21   sing N N 311 
LEU CD2   HD22   sing N N 312 
LEU CD2   HD23   sing N N 313 
LEU OXT   HXT    sing N N 314 
LYS N     CA     sing N N 315 
LYS N     H      sing N N 316 
LYS N     H2     sing N N 317 
LYS CA    C      sing N N 318 
LYS CA    CB     sing N N 319 
LYS CA    HA     sing N N 320 
LYS C     O      doub N N 321 
LYS C     OXT    sing N N 322 
LYS CB    CG     sing N N 323 
LYS CB    HB2    sing N N 324 
LYS CB    HB3    sing N N 325 
LYS CG    CD     sing N N 326 
LYS CG    HG2    sing N N 327 
LYS CG    HG3    sing N N 328 
LYS CD    CE     sing N N 329 
LYS CD    HD2    sing N N 330 
LYS CD    HD3    sing N N 331 
LYS CE    NZ     sing N N 332 
LYS CE    HE2    sing N N 333 
LYS CE    HE3    sing N N 334 
LYS NZ    HZ1    sing N N 335 
LYS NZ    HZ2    sing N N 336 
LYS NZ    HZ3    sing N N 337 
LYS OXT   HXT    sing N N 338 
MET N     CA     sing N N 339 
MET N     H      sing N N 340 
MET N     H2     sing N N 341 
MET CA    C      sing N N 342 
MET CA    CB     sing N N 343 
MET CA    HA     sing N N 344 
MET C     O      doub N N 345 
MET C     OXT    sing N N 346 
MET CB    CG     sing N N 347 
MET CB    HB2    sing N N 348 
MET CB    HB3    sing N N 349 
MET CG    SD     sing N N 350 
MET CG    HG2    sing N N 351 
MET CG    HG3    sing N N 352 
MET SD    CE     sing N N 353 
MET CE    HE1    sing N N 354 
MET CE    HE2    sing N N 355 
MET CE    HE3    sing N N 356 
MET OXT   HXT    sing N N 357 
PHE N     CA     sing N N 358 
PHE N     H      sing N N 359 
PHE N     H2     sing N N 360 
PHE CA    C      sing N N 361 
PHE CA    CB     sing N N 362 
PHE CA    HA     sing N N 363 
PHE C     O      doub N N 364 
PHE C     OXT    sing N N 365 
PHE CB    CG     sing N N 366 
PHE CB    HB2    sing N N 367 
PHE CB    HB3    sing N N 368 
PHE CG    CD1    doub Y N 369 
PHE CG    CD2    sing Y N 370 
PHE CD1   CE1    sing Y N 371 
PHE CD1   HD1    sing N N 372 
PHE CD2   CE2    doub Y N 373 
PHE CD2   HD2    sing N N 374 
PHE CE1   CZ     doub Y N 375 
PHE CE1   HE1    sing N N 376 
PHE CE2   CZ     sing Y N 377 
PHE CE2   HE2    sing N N 378 
PHE CZ    HZ     sing N N 379 
PHE OXT   HXT    sing N N 380 
PRO N     CA     sing N N 381 
PRO N     CD     sing N N 382 
PRO N     H      sing N N 383 
PRO CA    C      sing N N 384 
PRO CA    CB     sing N N 385 
PRO CA    HA     sing N N 386 
PRO C     O      doub N N 387 
PRO C     OXT    sing N N 388 
PRO CB    CG     sing N N 389 
PRO CB    HB2    sing N N 390 
PRO CB    HB3    sing N N 391 
PRO CG    CD     sing N N 392 
PRO CG    HG2    sing N N 393 
PRO CG    HG3    sing N N 394 
PRO CD    HD2    sing N N 395 
PRO CD    HD3    sing N N 396 
PRO OXT   HXT    sing N N 397 
SER N     CA     sing N N 398 
SER N     H      sing N N 399 
SER N     H2     sing N N 400 
SER CA    C      sing N N 401 
SER CA    CB     sing N N 402 
SER CA    HA     sing N N 403 
SER C     O      doub N N 404 
SER C     OXT    sing N N 405 
SER CB    OG     sing N N 406 
SER CB    HB2    sing N N 407 
SER CB    HB3    sing N N 408 
SER OG    HG     sing N N 409 
SER OXT   HXT    sing N N 410 
THR N     CA     sing N N 411 
THR N     H      sing N N 412 
THR N     H2     sing N N 413 
THR CA    C      sing N N 414 
THR CA    CB     sing N N 415 
THR CA    HA     sing N N 416 
THR C     O      doub N N 417 
THR C     OXT    sing N N 418 
THR CB    OG1    sing N N 419 
THR CB    CG2    sing N N 420 
THR CB    HB     sing N N 421 
THR OG1   HG1    sing N N 422 
THR CG2   HG21   sing N N 423 
THR CG2   HG22   sing N N 424 
THR CG2   HG23   sing N N 425 
THR OXT   HXT    sing N N 426 
TRS C     C1     sing N N 427 
TRS C     C2     sing N N 428 
TRS C     C3     sing N N 429 
TRS C     N      sing N N 430 
TRS C1    O1     sing N N 431 
TRS C1    H11    sing N N 432 
TRS C1    H12    sing N N 433 
TRS C2    O2     sing N N 434 
TRS C2    H21    sing N N 435 
TRS C2    H22    sing N N 436 
TRS C3    O3     sing N N 437 
TRS C3    H31    sing N N 438 
TRS C3    H32    sing N N 439 
TRS N     HN1    sing N N 440 
TRS N     HN2    sing N N 441 
TRS N     HN3    sing N N 442 
TRS O1    HO1    sing N N 443 
TRS O2    HO2    sing N N 444 
TRS O3    HO3    sing N N 445 
TYR N     CA     sing N N 446 
TYR N     H      sing N N 447 
TYR N     H2     sing N N 448 
TYR CA    C      sing N N 449 
TYR CA    CB     sing N N 450 
TYR CA    HA     sing N N 451 
TYR C     O      doub N N 452 
TYR C     OXT    sing N N 453 
TYR CB    CG     sing N N 454 
TYR CB    HB2    sing N N 455 
TYR CB    HB3    sing N N 456 
TYR CG    CD1    doub Y N 457 
TYR CG    CD2    sing Y N 458 
TYR CD1   CE1    sing Y N 459 
TYR CD1   HD1    sing N N 460 
TYR CD2   CE2    doub Y N 461 
TYR CD2   HD2    sing N N 462 
TYR CE1   CZ     doub Y N 463 
TYR CE1   HE1    sing N N 464 
TYR CE2   CZ     sing Y N 465 
TYR CE2   HE2    sing N N 466 
TYR CZ    OH     sing N N 467 
TYR OH    HH     sing N N 468 
TYR OXT   HXT    sing N N 469 
VAL N     CA     sing N N 470 
VAL N     H      sing N N 471 
VAL N     H2     sing N N 472 
VAL CA    C      sing N N 473 
VAL CA    CB     sing N N 474 
VAL CA    HA     sing N N 475 
VAL C     O      doub N N 476 
VAL C     OXT    sing N N 477 
VAL CB    CG1    sing N N 478 
VAL CB    CG2    sing N N 479 
VAL CB    HB     sing N N 480 
VAL CG1   HG11   sing N N 481 
VAL CG1   HG12   sing N N 482 
VAL CG1   HG13   sing N N 483 
VAL CG2   HG21   sing N N 484 
VAL CG2   HG22   sing N N 485 
VAL CG2   HG23   sing N N 486 
VAL OXT   HXT    sing N N 487 
# 
_ndb_struct_conf_na.entry_id   1JKR 
_ndb_struct_conf_na.feature    'b-form double helix' 
# 
loop_
_ndb_struct_na_base_pair.model_number 
_ndb_struct_na_base_pair.i_label_asym_id 
_ndb_struct_na_base_pair.i_label_comp_id 
_ndb_struct_na_base_pair.i_label_seq_id 
_ndb_struct_na_base_pair.i_symmetry 
_ndb_struct_na_base_pair.j_label_asym_id 
_ndb_struct_na_base_pair.j_label_comp_id 
_ndb_struct_na_base_pair.j_label_seq_id 
_ndb_struct_na_base_pair.j_symmetry 
_ndb_struct_na_base_pair.shear 
_ndb_struct_na_base_pair.stretch 
_ndb_struct_na_base_pair.stagger 
_ndb_struct_na_base_pair.buckle 
_ndb_struct_na_base_pair.propeller 
_ndb_struct_na_base_pair.opening 
_ndb_struct_na_base_pair.pair_number 
_ndb_struct_na_base_pair.pair_name 
_ndb_struct_na_base_pair.i_auth_asym_id 
_ndb_struct_na_base_pair.i_auth_seq_id 
_ndb_struct_na_base_pair.i_PDB_ins_code 
_ndb_struct_na_base_pair.j_auth_asym_id 
_ndb_struct_na_base_pair.j_auth_seq_id 
_ndb_struct_na_base_pair.j_PDB_ins_code 
_ndb_struct_na_base_pair.hbond_type_28 
_ndb_struct_na_base_pair.hbond_type_12 
1 A DG 2  1_555 B DC 14 1_555 0.372  0.192  -0.820 -22.437 7.227   -2.976  1  A_DG3:DC29_B  A 3  ? B 29 ? 19 1 
1 A DT 3  1_555 B DA 13 1_555 0.951  -0.224 -0.338 -4.581  -9.404  -14.995 2  A_DT4:DA28_B  A 4  ? B 28 ? 20 1 
1 A DT 4  1_555 B DA 12 1_555 -0.079 -0.133 -0.485 -1.157  -27.297 0.373   3  A_DT5:DA27_B  A 5  ? B 27 ? 20 1 
1 A DT 5  1_555 B DA 11 1_555 -0.005 0.036  -0.979 -2.067  -32.019 -3.281  4  A_DT6:DA26_B  A 6  ? B 26 ? 20 1 
1 A DT 6  1_555 B DA 10 1_555 -1.231 -0.275 -0.355 -2.925  -17.969 -6.631  5  A_DT7:DA25_B  A 7  ? B 25 ? 20 1 
1 A DT 7  1_555 B DA 9  1_555 -0.555 0.171  -0.150 2.269   -14.495 -0.251  6  A_DT8:DA24_B  A 8  ? B 24 ? 20 1 
1 A DG 8  1_555 B DC 8  1_555 -0.016 -0.212 -0.086 4.565   -15.734 1.432   7  A_DG9:DC23_B  A 9  ? B 23 ? 19 1 
1 A DA 9  1_555 B DT 7  1_555 0.172  0.009  0.173  6.632   -20.759 -6.971  8  A_DA10:DT22_B A 10 ? B 22 ? 20 1 
1 A DC 10 1_555 B DG 6  1_555 -0.193 -0.238 0.130  2.848   -26.083 -4.892  9  A_DC11:DG21_B A 11 ? B 21 ? 19 1 
1 A DA 11 1_555 B DT 5  1_555 0.431  -0.261 -0.138 2.121   -17.181 -4.107  10 A_DA12:DT20_B A 12 ? B 20 ? 20 1 
1 A DA 12 1_555 B DT 4  1_555 0.432  -0.033 0.400  17.358  -7.505  4.084   11 A_DA13:DT19_B A 13 ? B 19 ? 20 1 
1 A DG 13 1_555 B DC 3  1_555 0.195  -0.132 -0.073 4.677   -12.558 -4.561  12 A_DG14:DC18_B A 14 ? B 18 ? 19 1 
# 
loop_
_ndb_struct_na_base_pair_step.model_number 
_ndb_struct_na_base_pair_step.i_label_asym_id_1 
_ndb_struct_na_base_pair_step.i_label_comp_id_1 
_ndb_struct_na_base_pair_step.i_label_seq_id_1 
_ndb_struct_na_base_pair_step.i_symmetry_1 
_ndb_struct_na_base_pair_step.j_label_asym_id_1 
_ndb_struct_na_base_pair_step.j_label_comp_id_1 
_ndb_struct_na_base_pair_step.j_label_seq_id_1 
_ndb_struct_na_base_pair_step.j_symmetry_1 
_ndb_struct_na_base_pair_step.i_label_asym_id_2 
_ndb_struct_na_base_pair_step.i_label_comp_id_2 
_ndb_struct_na_base_pair_step.i_label_seq_id_2 
_ndb_struct_na_base_pair_step.i_symmetry_2 
_ndb_struct_na_base_pair_step.j_label_asym_id_2 
_ndb_struct_na_base_pair_step.j_label_comp_id_2 
_ndb_struct_na_base_pair_step.j_label_seq_id_2 
_ndb_struct_na_base_pair_step.j_symmetry_2 
_ndb_struct_na_base_pair_step.shift 
_ndb_struct_na_base_pair_step.slide 
_ndb_struct_na_base_pair_step.rise 
_ndb_struct_na_base_pair_step.tilt 
_ndb_struct_na_base_pair_step.roll 
_ndb_struct_na_base_pair_step.twist 
_ndb_struct_na_base_pair_step.x_displacement 
_ndb_struct_na_base_pair_step.y_displacement 
_ndb_struct_na_base_pair_step.helical_rise 
_ndb_struct_na_base_pair_step.inclination 
_ndb_struct_na_base_pair_step.tip 
_ndb_struct_na_base_pair_step.helical_twist 
_ndb_struct_na_base_pair_step.step_number 
_ndb_struct_na_base_pair_step.step_name 
_ndb_struct_na_base_pair_step.i_auth_asym_id_1 
_ndb_struct_na_base_pair_step.i_auth_seq_id_1 
_ndb_struct_na_base_pair_step.i_PDB_ins_code_1 
_ndb_struct_na_base_pair_step.j_auth_asym_id_1 
_ndb_struct_na_base_pair_step.j_auth_seq_id_1 
_ndb_struct_na_base_pair_step.j_PDB_ins_code_1 
_ndb_struct_na_base_pair_step.i_auth_asym_id_2 
_ndb_struct_na_base_pair_step.i_auth_seq_id_2 
_ndb_struct_na_base_pair_step.i_PDB_ins_code_2 
_ndb_struct_na_base_pair_step.j_auth_asym_id_2 
_ndb_struct_na_base_pair_step.j_auth_seq_id_2 
_ndb_struct_na_base_pair_step.j_PDB_ins_code_2 
1 A DG 2  1_555 B DC 14 1_555 A DT 3  1_555 B DA 13 1_555 -1.077 -0.268 3.022 -3.680 9.655  33.922 -1.764 1.266  2.936 16.090 
6.134  35.417 1  AA_DG3DT4:DA28DC29_BB   A 3  ? B 29 ? A 4  ? B 28 ? 
1 A DT 3  1_555 B DA 13 1_555 A DT 4  1_555 B DA 12 1_555 0.362  -0.397 3.102 3.220  2.129  26.203 -1.403 0.019  3.082 4.663  
-7.054 26.481 2  AA_DT4DT5:DA27DA28_BB   A 4  ? B 28 ? A 5  ? B 27 ? 
1 A DT 4  1_555 B DA 12 1_555 A DT 5  1_555 B DA 11 1_555 -0.311 0.640  3.176 3.788  11.275 35.588 -0.480 0.980  3.178 17.843 
-5.995 37.462 3  AA_DT5DT6:DA26DA27_BB   A 5  ? B 27 ? A 6  ? B 26 ? 
1 A DT 5  1_555 B DA 11 1_555 A DT 6  1_555 B DA 10 1_555 0.729  0.496  3.258 -1.271 -2.741 34.285 1.260  -1.427 3.182 -4.638 
2.151  34.414 4  AA_DT6DT7:DA25DA26_BB   A 6  ? B 26 ? A 7  ? B 25 ? 
1 A DT 6  1_555 B DA 10 1_555 A DT 7  1_555 B DA 9  1_555 -0.158 -0.325 3.133 -1.083 -2.121 37.505 -0.238 0.109  3.149 -3.295 
1.683  37.578 5  AA_DT7DT8:DA24DA25_BB   A 7  ? B 25 ? A 8  ? B 24 ? 
1 A DT 7  1_555 B DA 9  1_555 A DG 8  1_555 B DC 8  1_555 0.811  1.372  3.453 4.098  2.719  39.109 1.687  -0.679 3.600 4.042  
-6.093 39.405 6  AA_DT8DG9:DC23DA24_BB   A 8  ? B 24 ? A 9  ? B 23 ? 
1 A DG 8  1_555 B DC 8  1_555 A DA 9  1_555 B DT 7  1_555 -1.002 0.348  3.352 -4.866 9.074  35.508 -0.749 0.885  3.438 14.506 
7.780  36.924 7  AA_DG9DA10:DT22DC23_BB  A 9  ? B 23 ? A 10 ? B 22 ? 
1 A DA 9  1_555 B DT 7  1_555 A DC 10 1_555 B DG 6  1_555 0.570  -0.683 3.448 -0.712 0.924  33.024 -1.365 -1.129 3.415 1.625  
1.251  33.044 8  AA_DA10DC11:DG21DT22_BB A 10 ? B 22 ? A 11 ? B 21 ? 
1 A DC 10 1_555 B DG 6  1_555 A DA 11 1_555 B DT 5  1_555 -0.114 0.651  3.522 0.368  2.381  38.998 0.664  0.218  3.553 3.563  
-0.550 39.070 9  AA_DC11DA12:DT20DG21_BB A 11 ? B 21 ? A 12 ? B 20 ? 
1 A DA 11 1_555 B DT 5  1_555 A DA 12 1_555 B DT 4  1_555 0.705  -0.173 2.764 -3.970 -0.340 28.996 -0.281 -2.109 2.647 -0.674 
7.883  29.262 10 AA_DA12DA13:DT19DT20_BB A 12 ? B 20 ? A 13 ? B 19 ? 
1 A DA 12 1_555 B DT 4  1_555 A DG 13 1_555 B DC 3  1_555 -0.550 -0.661 3.647 1.159  5.675  35.237 -1.979 1.080  3.482 9.296  
-1.898 35.695 11 AA_DA13DG14:DC18DT19_BB A 13 ? B 19 ? A 14 ? B 18 ? 
# 
loop_
_pdbx_entity_nonpoly.entity_id 
_pdbx_entity_nonpoly.name 
_pdbx_entity_nonpoly.comp_id 
4 2-AMINO-2-HYDROXYMETHYL-PROPANE-1,3-DIOL TRS 
5 water                                    HOH 
# 
_pdbx_initial_refinement_model.id               1 
_pdbx_initial_refinement_model.entity_id_list   ? 
_pdbx_initial_refinement_model.type             'experimental model' 
_pdbx_initial_refinement_model.source_name      PDB 
_pdbx_initial_refinement_model.accession_code   1IJW 
_pdbx_initial_refinement_model.details          ? 
# 
